data_6T0N
#
_entry.id   6T0N
#
_cell.length_a   1.00
_cell.length_b   1.00
_cell.length_c   1.00
_cell.angle_alpha   90.00
_cell.angle_beta   90.00
_cell.angle_gamma   90.00
#
_symmetry.space_group_name_H-M   'P 1'
#
loop_
_entity.id
_entity.type
_entity.pdbx_description
1 polymer 'Polymerase acidic protein'
2 polymer 'RNA-directed RNA polymerase catalytic subunit'
3 polymer 'Polymerase basic protein 2'
4 polymer "5' vRNA"
5 polymer "3' vRNA"
6 non-polymer 'MAGNESIUM ION'
7 water water
#
loop_
_entity_poly.entity_id
_entity_poly.type
_entity_poly.pdbx_seq_one_letter_code
_entity_poly.pdbx_strand_id
1 'polypeptide(L)'
;GSHHHHHHHHGSGSMENFVRTNFNPMILERAEKTMKEYGENPQNEGNKFAAISTHMEVCFMYSDFHFIDLEGNTIVKEND
DDNAMLKHRFEIIEGQERNIAWTIVNSICNMTENSKPRFLPDLYDYKTNKFIEIGVTRRKVEDYYYEKASKLKGENVYIH
IFSFDGEEMATDDEYILDEESRARIKTRLFVLRQELATAGLWDSFRQSEKGEETLEEEFSYPPTFQRLANQSLPPSFKDY
HQFKAYVSSFKANGNIEAKLGAMSEKVNAQIESFDPRTIRELELPEGKFCTQRSKFLLMDAMKLSVLNPAHEGEGIPMKD
AKACLDTFWGWKKATIIKKHEKGVNTNYLMIWEQLLESIKEMEGKFLNLKKTNHLKWGLGEGQAPEKMDFEDCKEVPDLF
QYKSEPPEKRKLASWIQSEFNKASELTNSNWIEFDELGNDVAPIEHIASRRRNFFTAEVSQCRASEYIMKAVYINTALLN
SSCTAMEEYQVIPIITKCRDTSGQRRTNLYGFIIKGRSHLRNDTDVVNFISLEFSLTDPRNEIHKWEKYCVLEIGDMEIR
TSISTIMKPVYLYVRTNGTSKIKMKWGMEMRRCLLQSLQQVESMIEAESAVKEKDMTEPFFRNRENDWPIGESPQGIEKG
TIGKVCRVLLAKSVFNSIYASAQLEGFSAESRKLLLLIQAFRDNLDPGTFDLKGLYEAIEECIINDPWVLLNASWFNSFL
KAVQLSMGSGSGENLYFQ
;
A
2 'polypeptide(L)'
;GSGSGSGSGMDVNPMLIFLKVPVQNAISTTFPYTGDPPYSHGTGTGYTMDTVIRTHDYSSRGIWKTNSETGAQQLNPIDG
PLPEDNEPSGYAQTDCVLELIEGLDRSHPGLFETACQETIDAIQQTRVDKLTQGRQTYDWTLNRNQPAATALANTIEVFR
KNGYKLNESGRLIDFLKDVLLSFENDSMEVTTHFQKKKRIRDNHSKKMITQRTIGKKRVKLTKKNYLIRALTLNTMTKDA
ERGKLKRRAIATPGMQIRGFVYFVELLARNICERLEQSGLPVGGNEKKAKLANVIKKMMAKSTDEELSYTITGDNTKWNE
NQNPRIFLAMVLRITAGQPEWFRDLLAVAPIMFSNKVARLGRGYMFESKSMHLRTQISAENLSDINLRYFNEDTKKKIEK
IRHLMVEGTASLSPGMMMGMFNMLSTVLGVSVLNLGQREILKRTYWWDGLQSSDDFALIINGHFKEDIQQGVNHFYRTCK
LVGINMSQKKSYINKTGTFEFTSFFYRYGFVANFSMELPSFGVAGNNESADMSIGTTVIKTNMINNDLGPATAQMAIQLF
IKDYRYTYRCHRGDTNLETRRTKSIKRLWTETISKAGLLVADGGPNPYNLRNLHIPEVCLKWSLMDPDYRGRLCNPNNPF
VHHMEVESTNLAVVMPAHGPAKSLEYDAVATTHSWTPKRNRSILNTNQRGILEDERIYQKCCQVFEKFFPSSTYRRPIGM
ASMLDAMLSRARIDARIDLESGRISSQDFSEITNTCKAIEALKRQGSGSGENLYFQ
;
B
3 'polypeptide(L)'
;GSGSGSGSGMERIKELMEMVKNSRMREILTTTSVDHMAVIKKYTSGRQEKNPALRMKWMMAMKYPISASSRIREMIPEKD
EDGNTLWTNTKDAGSNRVLVSPNAVTWWNRAGPVSDVVHYPRVYKMYFDRLERLTHGTFGPVKFYNQVKVRKRVDINPGH
KDLTSREAQEVIMEVVFPNEVGARTLSSDAQLTITKEKKEELKNCKISPIMVAYMLERELVRRTRFLPIAGATSSTYVEV
LHLTQGTCWEQQYTPGGEAENDDLDQTLIIASRNIVRRSIVAIDPLASLLSMCHTTSISSEPLVEILRSNPTDEQAVNIC
KAALGIRINNSFSFGGYNFKRVKGSSQRTEKAVLTGNLQTLTMTIFEGYEEFNVSGKRASAVLKKGAQRLIQAIIGGRTL
EDILNLMITLMVFSQEEKMLKAVRGDLNFVNRANQRLNPMYQLLRHFQKDSSTLLKNWGTEEIDPIMGIAGIMPDGTINK
TQTLMGVRLSQGGVDEYSFNERIRVNIDKYLRVRNEKGELLISPEEVSEAQGQEKLPINYNSSLMWEVNGPESILTNTYH
WIIKNWELLKTQWMTDPTVLYNRIEFEPFQTLIPKGNRAIYSGFTRTLFQQMRDVEGTFDSIQIIKLLPFSAHPPSLGRT
QFSSFTLNIRGAPLRLLIRGNSQVFNYNQMENVIIVLGKSVGSPERSILTESSSIESAVLRGFLILGKANSKYGPVLTIG
ELDKLGRGEKANVLIGQGDTVLVMKRKRDSSILTDSQTALKRIRLEESKGWSHPQFEKGGGSGGGSGGSAWSHPQFEKGR
SGGENLYFQ
;
C
4 'polyribonucleotide' AGUAGUAACAAGAG V
5 'polyribonucleotide' UACCUCUGCUUCUGCU R
#
loop_
_chem_comp.id
_chem_comp.type
_chem_comp.name
_chem_comp.formula
A RNA linking ADENOSINE-5'-MONOPHOSPHATE 'C10 H14 N5 O7 P'
C RNA linking CYTIDINE-5'-MONOPHOSPHATE 'C9 H14 N3 O8 P'
G RNA linking GUANOSINE-5'-MONOPHOSPHATE 'C10 H14 N5 O8 P'
MG non-polymer 'MAGNESIUM ION' 'Mg 2'
U RNA linking URIDINE-5'-MONOPHOSPHATE 'C9 H13 N2 O9 P'
#
# COMPACT_ATOMS: atom_id res chain seq x y z
N GLU A 16 -38.44 -19.65 33.42
CA GLU A 16 -37.43 -18.59 33.40
C GLU A 16 -37.87 -17.43 34.28
N ASN A 17 -39.17 -17.35 34.53
CA ASN A 17 -39.71 -16.31 35.39
C ASN A 17 -39.39 -16.55 36.86
N PHE A 18 -39.20 -17.82 37.24
CA PHE A 18 -38.80 -18.12 38.62
C PHE A 18 -37.38 -17.62 38.90
N VAL A 19 -36.49 -17.74 37.91
CA VAL A 19 -35.13 -17.28 38.08
C VAL A 19 -35.07 -15.75 38.10
N ARG A 20 -35.96 -15.11 37.35
CA ARG A 20 -36.03 -13.65 37.35
C ARG A 20 -36.76 -13.10 38.56
N THR A 21 -37.58 -13.91 39.25
CA THR A 21 -38.34 -13.46 40.40
C THR A 21 -37.64 -13.73 41.72
N ASN A 22 -37.15 -14.96 41.93
CA ASN A 22 -36.60 -15.31 43.22
C ASN A 22 -35.19 -14.76 43.43
N PHE A 23 -34.33 -14.86 42.42
CA PHE A 23 -32.96 -14.43 42.57
C PHE A 23 -32.85 -12.90 42.50
N ASN A 24 -31.76 -12.39 43.08
CA ASN A 24 -31.44 -10.97 43.13
C ASN A 24 -30.92 -10.49 41.78
N PRO A 25 -31.20 -9.23 41.40
CA PRO A 25 -30.89 -8.79 40.03
C PRO A 25 -29.40 -8.67 39.70
N MET A 26 -28.53 -8.54 40.70
CA MET A 26 -27.10 -8.59 40.43
C MET A 26 -26.67 -10.00 40.03
N ILE A 27 -27.27 -11.01 40.65
CA ILE A 27 -27.06 -12.39 40.24
C ILE A 27 -27.62 -12.63 38.84
N LEU A 28 -28.74 -11.98 38.52
CA LEU A 28 -29.30 -12.03 37.18
C LEU A 28 -28.36 -11.40 36.16
N GLU A 29 -27.72 -10.29 36.53
CA GLU A 29 -26.78 -9.62 35.63
C GLU A 29 -25.54 -10.47 35.39
N ARG A 30 -25.01 -11.09 36.46
CA ARG A 30 -23.86 -11.98 36.32
C ARG A 30 -24.19 -13.20 35.48
N ALA A 31 -25.38 -13.77 35.68
CA ALA A 31 -25.77 -14.95 34.90
C ALA A 31 -26.04 -14.59 33.43
N GLU A 32 -26.60 -13.40 33.18
CA GLU A 32 -26.83 -12.96 31.81
C GLU A 32 -25.52 -12.68 31.09
N LYS A 33 -24.55 -12.08 31.79
CA LYS A 33 -23.23 -11.87 31.23
C LYS A 33 -22.53 -13.19 30.93
N THR A 34 -22.68 -14.17 31.83
CA THR A 34 -22.08 -15.48 31.63
C THR A 34 -22.67 -16.20 30.42
N MET A 35 -24.01 -16.18 30.30
CA MET A 35 -24.65 -16.86 29.18
C MET A 35 -24.41 -16.16 27.86
N LYS A 36 -24.36 -14.81 27.86
CA LYS A 36 -24.05 -14.09 26.63
C LYS A 36 -22.60 -14.29 26.23
N GLU A 37 -21.69 -14.42 27.21
CA GLU A 37 -20.30 -14.74 26.90
C GLU A 37 -20.17 -16.17 26.38
N TYR A 38 -21.06 -17.07 26.79
CA TYR A 38 -21.03 -18.45 26.32
C TYR A 38 -21.94 -18.71 25.13
N GLY A 39 -22.67 -17.70 24.66
CA GLY A 39 -23.47 -17.82 23.45
C GLY A 39 -24.88 -18.31 23.67
N GLU A 40 -25.13 -19.11 24.70
CA GLU A 40 -26.46 -19.62 24.95
C GLU A 40 -27.37 -18.53 25.53
N ASN A 41 -28.64 -18.85 25.65
CA ASN A 41 -29.59 -17.82 26.07
C ASN A 41 -30.39 -18.29 27.29
N PRO A 42 -30.69 -17.38 28.22
CA PRO A 42 -31.59 -17.74 29.32
C PRO A 42 -33.02 -18.01 28.87
N GLN A 43 -33.45 -17.39 27.78
CA GLN A 43 -34.81 -17.61 27.26
C GLN A 43 -34.95 -19.00 26.68
N ASN A 44 -33.87 -19.55 26.13
CA ASN A 44 -33.89 -20.90 25.58
C ASN A 44 -33.48 -21.91 26.64
N GLU A 45 -32.17 -22.14 26.78
CA GLU A 45 -31.65 -23.05 27.80
C GLU A 45 -31.74 -22.40 29.16
N GLY A 46 -32.76 -22.76 29.95
CA GLY A 46 -33.00 -22.15 31.23
C GLY A 46 -32.55 -22.98 32.41
N ASN A 47 -32.21 -24.25 32.16
CA ASN A 47 -31.67 -25.09 33.22
C ASN A 47 -30.27 -24.66 33.61
N LYS A 48 -29.41 -24.41 32.62
CA LYS A 48 -28.08 -23.87 32.89
C LYS A 48 -28.18 -22.43 33.42
N PHE A 49 -29.23 -21.71 33.04
CA PHE A 49 -29.46 -20.36 33.57
C PHE A 49 -29.70 -20.39 35.08
N ALA A 50 -30.63 -21.24 35.52
CA ALA A 50 -30.92 -21.33 36.95
C ALA A 50 -29.78 -21.99 37.72
N ALA A 51 -29.04 -22.90 37.07
CA ALA A 51 -27.87 -23.50 37.71
C ALA A 51 -26.77 -22.48 37.94
N ILE A 52 -26.49 -21.65 36.92
CA ILE A 52 -25.48 -20.60 37.05
C ILE A 52 -25.93 -19.53 38.03
N SER A 53 -27.25 -19.25 38.09
CA SER A 53 -27.77 -18.30 39.05
C SER A 53 -27.63 -18.82 40.48
N THR A 54 -27.89 -20.10 40.71
CA THR A 54 -27.71 -20.69 42.03
C THR A 54 -26.23 -20.75 42.41
N HIS A 55 -25.37 -21.03 41.43
CA HIS A 55 -23.92 -21.05 41.66
C HIS A 55 -23.41 -19.68 42.05
N MET A 56 -23.86 -18.64 41.35
CA MET A 56 -23.45 -17.28 41.67
C MET A 56 -24.03 -16.82 43.00
N GLU A 57 -25.23 -17.29 43.34
CA GLU A 57 -25.82 -16.97 44.63
C GLU A 57 -25.01 -17.58 45.77
N VAL A 58 -24.60 -18.83 45.61
CA VAL A 58 -23.78 -19.50 46.63
C VAL A 58 -22.39 -18.86 46.73
N CYS A 59 -21.82 -18.47 45.57
CA CYS A 59 -20.50 -17.83 45.58
C CYS A 59 -20.54 -16.45 46.21
N PHE A 60 -21.62 -15.70 45.99
CA PHE A 60 -21.74 -14.38 46.59
C PHE A 60 -22.05 -14.48 48.08
N MET A 61 -22.80 -15.50 48.49
CA MET A 61 -23.01 -15.71 49.92
C MET A 61 -21.74 -16.20 50.61
N TYR A 62 -20.87 -16.88 49.86
CA TYR A 62 -19.54 -17.21 50.35
C TYR A 62 -18.70 -15.95 50.50
N SER A 63 -18.78 -15.04 49.53
CA SER A 63 -17.85 -13.92 49.48
C SER A 63 -18.26 -12.77 50.41
N ASP A 64 -19.55 -12.45 50.46
CA ASP A 64 -20.00 -11.23 51.12
C ASP A 64 -19.93 -11.34 52.64
N PHE A 65 -19.81 -10.17 53.28
CA PHE A 65 -19.75 -10.00 54.74
C PHE A 65 -18.59 -10.76 55.37
N HIS A 66 -17.43 -10.70 54.72
CA HIS A 66 -16.19 -11.25 55.26
C HIS A 66 -15.08 -10.26 54.96
N PHE A 67 -14.44 -9.73 55.99
CA PHE A 67 -13.51 -8.63 55.83
C PHE A 67 -12.20 -8.92 56.55
N ILE A 68 -11.15 -8.25 56.09
CA ILE A 68 -9.84 -8.26 56.73
C ILE A 68 -9.61 -6.86 57.30
N ASP A 69 -9.35 -6.81 58.61
CA ASP A 69 -9.14 -5.53 59.29
C ASP A 69 -7.72 -5.01 59.12
N LEU A 70 -7.27 -4.18 60.05
CA LEU A 70 -5.90 -3.68 60.09
C LEU A 70 -5.03 -4.52 61.02
N GLU A 71 -5.27 -5.84 61.04
CA GLU A 71 -4.50 -6.74 61.88
C GLU A 71 -4.47 -8.13 61.23
N GLY A 72 -5.55 -8.49 60.56
CA GLY A 72 -5.59 -9.74 59.82
C GLY A 72 -6.49 -10.80 60.43
N ASN A 73 -7.66 -10.40 60.91
CA ASN A 73 -8.64 -11.32 61.47
C ASN A 73 -9.99 -11.08 60.81
N THR A 74 -10.73 -12.16 60.59
CA THR A 74 -12.03 -12.08 59.92
C THR A 74 -13.08 -11.58 60.91
N ILE A 75 -13.61 -10.38 60.65
CA ILE A 75 -14.66 -9.80 61.47
C ILE A 75 -15.91 -9.73 60.60
N VAL A 76 -16.85 -10.65 60.83
CA VAL A 76 -18.07 -10.75 60.05
C VAL A 76 -18.96 -9.54 60.34
N LYS A 77 -18.81 -8.49 59.53
CA LYS A 77 -19.51 -7.24 59.70
C LYS A 77 -20.53 -7.07 58.58
N GLU A 78 -21.35 -6.02 58.69
CA GLU A 78 -22.31 -5.67 57.66
C GLU A 78 -22.06 -4.32 57.02
N ASN A 79 -21.34 -3.43 57.68
CA ASN A 79 -20.97 -2.13 57.14
C ASN A 79 -19.46 -2.08 56.86
N ASP A 80 -19.08 -1.23 55.93
CA ASP A 80 -17.68 -1.04 55.60
C ASP A 80 -17.11 0.19 56.30
N MET A 85 -13.87 0.93 57.64
CA MET A 85 -12.89 1.05 56.58
C MET A 85 -11.95 -0.16 56.58
N LEU A 86 -12.50 -1.33 56.27
CA LEU A 86 -11.74 -2.58 56.27
C LEU A 86 -11.83 -3.22 54.89
N LYS A 87 -10.70 -3.74 54.41
CA LYS A 87 -10.65 -4.39 53.12
C LYS A 87 -11.30 -5.77 53.18
N HIS A 88 -11.66 -6.29 52.01
CA HIS A 88 -12.35 -7.56 51.90
C HIS A 88 -11.43 -8.72 52.25
N ARG A 89 -12.04 -9.86 52.57
CA ARG A 89 -11.30 -11.09 52.80
C ARG A 89 -11.25 -11.97 51.56
N PHE A 90 -12.34 -12.03 50.81
CA PHE A 90 -12.42 -12.83 49.60
C PHE A 90 -12.42 -11.91 48.38
N GLU A 91 -11.97 -12.45 47.25
CA GLU A 91 -12.10 -11.77 45.97
C GLU A 91 -12.76 -12.72 44.98
N ILE A 92 -13.78 -12.24 44.30
CA ILE A 92 -14.61 -13.08 43.44
C ILE A 92 -13.97 -13.15 42.05
N ILE A 93 -13.70 -14.38 41.61
CA ILE A 93 -13.18 -14.62 40.27
C ILE A 93 -14.22 -15.27 39.36
N GLU A 94 -15.33 -15.74 39.92
CA GLU A 94 -16.44 -16.29 39.15
C GLU A 94 -17.42 -15.18 38.82
N GLY A 95 -17.96 -15.21 37.59
CA GLY A 95 -18.93 -14.23 37.15
C GLY A 95 -18.35 -13.09 36.34
N GLN A 96 -17.05 -12.85 36.43
CA GLN A 96 -16.40 -11.85 35.61
C GLN A 96 -16.23 -12.38 34.19
N GLU A 97 -15.74 -11.49 33.32
CA GLU A 97 -15.24 -11.94 32.03
C GLU A 97 -13.96 -12.74 32.25
N ARG A 98 -13.65 -13.61 31.29
CA ARG A 98 -12.56 -14.57 31.47
C ARG A 98 -11.20 -13.88 31.46
N ASN A 99 -11.05 -12.83 30.66
CA ASN A 99 -9.76 -12.17 30.51
C ASN A 99 -9.39 -11.35 31.74
N ILE A 100 -10.35 -10.62 32.31
CA ILE A 100 -10.07 -9.89 33.55
C ILE A 100 -9.94 -10.85 34.72
N ALA A 101 -10.62 -12.01 34.68
CA ALA A 101 -10.47 -13.01 35.73
C ALA A 101 -9.07 -13.61 35.73
N TRP A 102 -8.56 -13.94 34.53
CA TRP A 102 -7.19 -14.41 34.43
C TRP A 102 -6.18 -13.33 34.77
N THR A 103 -6.53 -12.06 34.51
CA THR A 103 -5.69 -10.95 34.96
C THR A 103 -5.63 -10.89 36.48
N ILE A 104 -6.77 -11.09 37.14
CA ILE A 104 -6.83 -11.12 38.60
C ILE A 104 -5.97 -12.25 39.15
N VAL A 105 -6.12 -13.45 38.58
CA VAL A 105 -5.38 -14.62 39.04
C VAL A 105 -3.88 -14.44 38.83
N ASN A 106 -3.47 -13.90 37.67
CA ASN A 106 -2.06 -13.71 37.39
C ASN A 106 -1.45 -12.62 38.26
N SER A 107 -2.18 -11.54 38.52
CA SER A 107 -1.67 -10.50 39.40
C SER A 107 -1.56 -10.99 40.84
N ILE A 108 -2.48 -11.86 41.26
CA ILE A 108 -2.39 -12.47 42.58
C ILE A 108 -1.15 -13.37 42.69
N CYS A 109 -0.94 -14.21 41.68
CA CYS A 109 0.19 -15.15 41.73
C CYS A 109 1.53 -14.44 41.57
N ASN A 110 1.56 -13.32 40.86
CA ASN A 110 2.79 -12.53 40.79
C ASN A 110 2.99 -11.66 42.02
N MET A 111 1.92 -11.36 42.76
CA MET A 111 2.07 -10.63 44.02
C MET A 111 2.73 -11.50 45.08
N THR A 112 2.26 -12.74 45.21
CA THR A 112 2.89 -13.69 46.13
C THR A 112 4.03 -14.41 45.43
N GLU A 113 3.93 -15.73 45.32
CA GLU A 113 5.00 -16.53 44.71
C GLU A 113 4.43 -17.85 44.20
N ASN A 114 3.12 -18.01 44.30
CA ASN A 114 2.49 -19.30 43.99
C ASN A 114 2.41 -19.52 42.50
N SER A 115 2.51 -20.80 42.10
CA SER A 115 2.36 -21.15 40.70
C SER A 115 0.89 -21.09 40.29
N LYS A 116 0.68 -20.82 39.01
CA LYS A 116 -0.68 -20.55 38.54
C LYS A 116 -1.45 -21.86 38.33
N PRO A 117 -2.74 -21.89 38.66
CA PRO A 117 -3.53 -23.09 38.39
C PRO A 117 -3.84 -23.24 36.91
N ARG A 118 -4.36 -24.41 36.54
CA ARG A 118 -4.65 -24.69 35.14
C ARG A 118 -6.03 -24.17 34.75
N PHE A 119 -6.96 -24.13 35.70
CA PHE A 119 -8.31 -23.67 35.44
C PHE A 119 -8.62 -22.42 36.26
N LEU A 120 -9.75 -21.80 35.94
CA LEU A 120 -10.21 -20.64 36.67
C LEU A 120 -11.01 -21.08 37.90
N PRO A 121 -10.62 -20.68 39.10
CA PRO A 121 -11.42 -21.04 40.28
C PRO A 121 -12.68 -20.21 40.44
N ASP A 122 -13.07 -19.99 41.67
CA ASP A 122 -14.27 -19.20 41.95
C ASP A 122 -14.00 -18.03 42.88
N LEU A 123 -13.19 -18.23 43.91
CA LEU A 123 -12.84 -17.15 44.83
C LEU A 123 -11.35 -17.22 45.14
N TYR A 124 -10.85 -16.19 45.80
CA TYR A 124 -9.50 -16.21 46.35
C TYR A 124 -9.54 -15.62 47.75
N ASP A 125 -9.03 -16.38 48.72
CA ASP A 125 -8.94 -15.93 50.09
C ASP A 125 -7.56 -15.32 50.32
N TYR A 126 -7.56 -14.04 50.72
CA TYR A 126 -6.34 -13.32 51.08
C TYR A 126 -5.81 -13.71 52.46
N LYS A 127 -6.64 -14.35 53.28
CA LYS A 127 -6.19 -14.77 54.60
C LYS A 127 -5.40 -16.07 54.53
N THR A 128 -5.97 -17.10 53.90
CA THR A 128 -5.28 -18.36 53.69
C THR A 128 -4.42 -18.34 52.44
N ASN A 129 -4.52 -17.29 51.62
CA ASN A 129 -3.84 -17.15 50.33
C ASN A 129 -4.13 -18.33 49.41
N LYS A 130 -5.42 -18.64 49.23
CA LYS A 130 -5.80 -19.88 48.55
C LYS A 130 -6.96 -19.65 47.60
N PHE A 131 -6.91 -20.37 46.47
CA PHE A 131 -7.97 -20.31 45.47
C PHE A 131 -9.06 -21.31 45.81
N ILE A 132 -10.31 -20.83 45.82
CA ILE A 132 -11.46 -21.59 46.30
C ILE A 132 -12.35 -21.91 45.11
N GLU A 133 -12.92 -23.12 45.10
CA GLU A 133 -13.77 -23.59 44.02
C GLU A 133 -15.08 -24.11 44.62
N ILE A 134 -16.20 -23.71 44.02
CA ILE A 134 -17.53 -24.03 44.55
C ILE A 134 -18.39 -24.58 43.42
N GLY A 135 -18.96 -25.77 43.65
CA GLY A 135 -19.91 -26.34 42.71
C GLY A 135 -21.22 -26.69 43.39
N VAL A 136 -22.34 -26.21 42.84
CA VAL A 136 -23.66 -26.39 43.43
C VAL A 136 -24.40 -27.40 42.58
N THR A 137 -24.57 -28.60 43.09
CA THR A 137 -25.14 -29.70 42.31
C THR A 137 -26.58 -29.99 42.72
N ARG A 138 -27.23 -30.83 41.92
CA ARG A 138 -28.58 -31.31 42.18
C ARG A 138 -28.60 -32.81 42.47
N ARG A 139 -27.44 -33.40 42.72
CA ARG A 139 -27.34 -34.83 43.02
C ARG A 139 -26.53 -35.06 44.28
N LYS A 140 -25.80 -36.16 44.33
CA LYS A 140 -25.02 -36.51 45.52
C LYS A 140 -23.81 -35.60 45.66
N VAL A 141 -23.50 -35.23 46.90
CA VAL A 141 -22.38 -34.34 47.18
C VAL A 141 -21.05 -35.07 46.99
N GLU A 142 -21.00 -36.34 47.38
CA GLU A 142 -19.74 -37.08 47.39
C GLU A 142 -19.28 -37.43 45.98
N ASP A 143 -20.20 -37.78 45.08
CA ASP A 143 -19.83 -38.14 43.72
C ASP A 143 -19.31 -36.93 42.95
N TYR A 144 -20.00 -35.80 43.07
CA TYR A 144 -19.54 -34.57 42.43
C TYR A 144 -18.27 -34.03 43.07
N TYR A 145 -18.09 -34.23 44.38
CA TYR A 145 -16.84 -33.82 45.02
C TYR A 145 -15.68 -34.68 44.56
N TYR A 146 -15.89 -35.99 44.39
CA TYR A 146 -14.81 -36.85 43.91
C TYR A 146 -14.50 -36.59 42.45
N GLU A 147 -15.53 -36.20 41.66
CA GLU A 147 -15.29 -35.80 40.28
C GLU A 147 -14.45 -34.51 40.22
N LYS A 148 -14.79 -33.53 41.05
CA LYS A 148 -14.02 -32.29 41.10
C LYS A 148 -12.61 -32.53 41.64
N ALA A 149 -12.44 -33.51 42.52
CA ALA A 149 -11.12 -33.80 43.05
C ALA A 149 -10.27 -34.53 42.02
N SER A 150 -10.86 -35.45 41.27
CA SER A 150 -10.11 -36.18 40.26
C SER A 150 -9.82 -35.31 39.04
N LYS A 151 -10.65 -34.31 38.77
CA LYS A 151 -10.39 -33.40 37.66
C LYS A 151 -9.39 -32.33 38.06
N LEU A 152 -9.63 -31.64 39.18
CA LEU A 152 -8.77 -30.54 39.62
C LEU A 152 -7.72 -31.05 40.61
N LYS A 153 -6.88 -31.96 40.12
CA LYS A 153 -5.82 -32.56 40.91
C LYS A 153 -4.46 -32.11 40.40
N GLY A 154 -3.64 -31.61 41.31
CA GLY A 154 -2.28 -31.20 40.97
C GLY A 154 -1.99 -29.75 41.31
N GLU A 155 -2.86 -29.14 42.10
CA GLU A 155 -2.73 -27.73 42.45
C GLU A 155 -3.53 -27.49 43.73
N ASN A 156 -3.07 -26.51 44.51
CA ASN A 156 -3.69 -26.19 45.79
C ASN A 156 -4.98 -25.39 45.54
N VAL A 157 -6.04 -26.12 45.23
CA VAL A 157 -7.37 -25.54 45.04
C VAL A 157 -8.26 -26.11 46.13
N TYR A 158 -8.78 -25.22 46.98
CA TYR A 158 -9.70 -25.64 48.04
C TYR A 158 -11.07 -25.85 47.41
N ILE A 159 -11.40 -27.11 47.13
CA ILE A 159 -12.73 -27.45 46.64
C ILE A 159 -13.71 -27.44 47.80
N HIS A 160 -14.88 -26.84 47.59
CA HIS A 160 -15.89 -26.72 48.63
C HIS A 160 -17.25 -26.93 47.96
N ILE A 161 -17.62 -28.20 47.80
CA ILE A 161 -18.83 -28.56 47.09
C ILE A 161 -20.02 -28.45 48.04
N PHE A 162 -21.05 -27.73 47.61
CA PHE A 162 -22.34 -27.68 48.27
C PHE A 162 -23.38 -28.40 47.42
N SER A 163 -24.59 -28.49 47.97
CA SER A 163 -25.75 -29.01 47.25
C SER A 163 -27.00 -28.46 47.92
N PHE A 164 -28.17 -28.91 47.46
CA PHE A 164 -29.44 -28.46 47.98
C PHE A 164 -29.87 -29.21 49.24
N ASP A 165 -29.04 -30.12 49.73
CA ASP A 165 -29.36 -30.91 50.92
C ASP A 165 -28.96 -30.20 52.22
N GLY A 166 -28.43 -28.99 52.14
CA GLY A 166 -27.98 -28.30 53.33
C GLY A 166 -26.71 -28.87 53.92
N GLU A 167 -25.88 -29.51 53.11
CA GLU A 167 -24.65 -30.13 53.58
C GLU A 167 -23.50 -29.62 52.73
N GLU A 168 -22.32 -30.20 52.93
CA GLU A 168 -21.10 -29.67 52.34
C GLU A 168 -20.04 -30.74 52.28
N MET A 169 -19.02 -30.49 51.46
CA MET A 169 -17.82 -31.31 51.42
C MET A 169 -16.64 -30.43 51.06
N ALA A 170 -15.52 -30.65 51.73
CA ALA A 170 -14.35 -29.77 51.60
C ALA A 170 -13.11 -30.60 51.32
N THR A 171 -12.00 -29.91 51.11
CA THR A 171 -10.71 -30.54 50.86
C THR A 171 -9.98 -30.77 52.18
N ASP A 172 -9.70 -32.05 52.48
CA ASP A 172 -8.91 -32.51 53.62
C ASP A 172 -9.52 -32.13 54.97
N ASP A 173 -10.84 -31.92 55.00
CA ASP A 173 -11.61 -31.55 56.19
C ASP A 173 -11.08 -30.29 56.87
N GLU A 174 -10.62 -29.33 56.07
CA GLU A 174 -10.21 -28.03 56.55
C GLU A 174 -11.28 -27.03 56.15
N TYR A 175 -12.02 -26.51 57.13
CA TYR A 175 -13.17 -25.65 56.91
C TYR A 175 -12.82 -24.25 57.39
N ILE A 176 -12.63 -23.33 56.44
CA ILE A 176 -12.25 -21.96 56.78
C ILE A 176 -13.42 -20.99 56.80
N LEU A 177 -14.54 -21.32 56.14
CA LEU A 177 -15.71 -20.47 56.18
C LEU A 177 -16.42 -20.62 57.52
N ASP A 178 -16.89 -19.50 58.07
CA ASP A 178 -17.43 -19.48 59.43
C ASP A 178 -18.82 -20.13 59.47
N GLU A 179 -19.38 -20.20 60.68
CA GLU A 179 -20.59 -20.98 60.93
C GLU A 179 -21.86 -20.25 60.48
N GLU A 180 -21.92 -18.92 60.68
CA GLU A 180 -23.11 -18.17 60.29
C GLU A 180 -23.23 -18.08 58.77
N SER A 181 -22.11 -17.95 58.07
CA SER A 181 -22.15 -17.87 56.62
C SER A 181 -22.54 -19.21 55.99
N ARG A 182 -22.01 -20.31 56.53
CA ARG A 182 -22.40 -21.62 56.06
C ARG A 182 -23.85 -21.93 56.43
N ALA A 183 -24.33 -21.44 57.58
CA ALA A 183 -25.72 -21.64 57.96
C ALA A 183 -26.66 -20.87 57.04
N ARG A 184 -26.28 -19.64 56.66
CA ARG A 184 -27.06 -18.88 55.69
C ARG A 184 -27.04 -19.53 54.32
N ILE A 185 -25.90 -20.11 53.93
CA ILE A 185 -25.78 -20.79 52.64
C ILE A 185 -26.71 -22.00 52.58
N LYS A 186 -26.67 -22.82 53.63
CA LYS A 186 -27.51 -24.02 53.69
C LYS A 186 -28.99 -23.66 53.80
N THR A 187 -29.31 -22.59 54.54
CA THR A 187 -30.71 -22.17 54.68
C THR A 187 -31.26 -21.64 53.37
N ARG A 188 -30.47 -20.82 52.66
CA ARG A 188 -30.89 -20.28 51.37
C ARG A 188 -31.01 -21.38 50.33
N LEU A 189 -30.10 -22.36 50.37
CA LEU A 189 -30.17 -23.47 49.41
C LEU A 189 -31.39 -24.35 49.68
N PHE A 190 -31.72 -24.57 50.96
CA PHE A 190 -32.92 -25.36 51.27
C PHE A 190 -34.19 -24.61 50.90
N VAL A 191 -34.22 -23.30 51.12
CA VAL A 191 -35.38 -22.48 50.75
C VAL A 191 -35.57 -22.46 49.24
N LEU A 192 -34.47 -22.34 48.48
CA LEU A 192 -34.56 -22.35 47.03
C LEU A 192 -34.91 -23.74 46.48
N ARG A 193 -34.48 -24.80 47.17
CA ARG A 193 -34.88 -26.14 46.78
C ARG A 193 -36.38 -26.37 47.02
N GLN A 194 -36.89 -25.89 48.16
CA GLN A 194 -38.32 -26.01 48.43
C GLN A 194 -39.15 -25.18 47.48
N GLU A 195 -38.65 -24.00 47.10
CA GLU A 195 -39.38 -23.16 46.15
C GLU A 195 -39.27 -23.69 44.72
N LEU A 196 -38.21 -24.42 44.40
CA LEU A 196 -38.13 -25.09 43.10
C LEU A 196 -39.04 -26.31 43.05
N ALA A 197 -39.17 -27.02 44.17
CA ALA A 197 -39.98 -28.23 44.21
C ALA A 197 -41.47 -27.94 44.33
N THR A 198 -41.86 -26.87 45.02
CA THR A 198 -43.27 -26.52 45.11
C THR A 198 -43.78 -25.90 43.80
N ALA A 199 -42.89 -25.33 43.01
CA ALA A 199 -43.26 -24.75 41.72
C ALA A 199 -43.30 -25.77 40.60
N GLY A 200 -42.86 -27.01 40.86
CA GLY A 200 -42.92 -28.06 39.86
C GLY A 200 -41.75 -28.10 38.91
N LEU A 201 -40.66 -27.39 39.22
CA LEU A 201 -39.47 -27.33 38.37
C LEU A 201 -38.28 -27.83 39.16
N TRP A 202 -38.11 -29.15 39.21
CA TRP A 202 -37.03 -29.74 40.00
C TRP A 202 -36.46 -31.02 39.41
N ASP A 203 -37.26 -31.87 38.75
CA ASP A 203 -36.74 -33.11 38.17
C ASP A 203 -35.88 -32.86 36.95
N SER A 204 -36.19 -31.84 36.16
CA SER A 204 -35.42 -31.55 34.95
C SER A 204 -34.03 -31.02 35.27
N PHE A 205 -33.82 -30.50 36.48
CA PHE A 205 -32.47 -30.15 36.94
C PHE A 205 -31.62 -31.41 37.10
N ARG A 206 -32.19 -32.47 37.66
CA ARG A 206 -31.48 -33.72 37.78
C ARG A 206 -31.37 -34.43 36.44
N GLN A 207 -32.32 -34.19 35.54
CA GLN A 207 -32.23 -34.73 34.19
C GLN A 207 -31.16 -34.04 33.36
N SER A 208 -30.87 -32.77 33.64
CA SER A 208 -29.79 -32.03 32.97
C SER A 208 -28.78 -31.60 34.04
N GLU A 209 -27.99 -32.57 34.51
CA GLU A 209 -27.05 -32.33 35.61
C GLU A 209 -25.61 -32.45 35.13
N LEU A 215 -18.37 -25.99 16.23
CA LEU A 215 -18.60 -27.12 15.35
C LEU A 215 -20.08 -27.28 15.07
N GLU A 216 -20.90 -26.71 15.94
CA GLU A 216 -22.36 -26.64 15.76
C GLU A 216 -22.77 -25.34 15.08
N GLU A 217 -22.04 -24.95 14.03
CA GLU A 217 -22.27 -23.66 13.41
C GLU A 217 -23.50 -23.71 12.50
N GLU A 218 -24.25 -22.63 12.49
CA GLU A 218 -25.43 -22.48 11.67
C GLU A 218 -25.28 -21.25 10.78
N PHE A 219 -25.68 -21.38 9.53
CA PHE A 219 -25.70 -20.24 8.62
C PHE A 219 -26.76 -20.51 7.56
N SER A 220 -27.95 -19.95 7.76
CA SER A 220 -29.05 -20.11 6.82
C SER A 220 -29.34 -18.77 6.15
N TYR A 221 -30.15 -18.82 5.12
CA TYR A 221 -30.48 -17.60 4.42
C TYR A 221 -31.81 -17.06 4.92
N PRO A 222 -31.87 -15.82 5.36
CA PRO A 222 -33.16 -15.14 5.56
C PRO A 222 -33.86 -14.92 4.23
N PRO A 223 -35.20 -14.70 4.22
CA PRO A 223 -35.96 -14.86 2.96
C PRO A 223 -35.60 -13.91 1.82
N THR A 224 -35.20 -12.67 2.12
CA THR A 224 -34.81 -11.75 1.06
C THR A 224 -33.52 -12.19 0.39
N PHE A 225 -32.56 -12.67 1.17
CA PHE A 225 -31.35 -13.20 0.57
C PHE A 225 -31.59 -14.55 -0.09
N GLN A 226 -32.61 -15.29 0.34
CA GLN A 226 -32.96 -16.52 -0.35
C GLN A 226 -33.53 -16.24 -1.74
N ARG A 227 -34.39 -15.23 -1.85
CA ARG A 227 -34.87 -14.81 -3.16
C ARG A 227 -33.79 -14.15 -4.01
N LEU A 228 -32.78 -13.56 -3.37
CA LEU A 228 -31.61 -13.08 -4.10
C LEU A 228 -30.76 -14.23 -4.62
N ALA A 229 -30.63 -15.29 -3.83
CA ALA A 229 -29.88 -16.47 -4.23
C ALA A 229 -30.57 -17.23 -5.33
N ASN A 230 -31.91 -17.22 -5.35
CA ASN A 230 -32.65 -17.92 -6.40
C ASN A 230 -32.51 -17.24 -7.76
N GLN A 231 -32.08 -15.98 -7.81
CA GLN A 231 -31.93 -15.24 -9.04
C GLN A 231 -30.47 -15.05 -9.45
N SER A 232 -29.59 -15.96 -9.04
CA SER A 232 -28.16 -15.82 -9.32
C SER A 232 -27.59 -17.13 -9.81
N LEU A 233 -28.37 -17.85 -10.61
CA LEU A 233 -28.08 -19.20 -11.05
C LEU A 233 -27.97 -19.26 -12.57
N PRO A 234 -27.57 -20.38 -13.15
CA PRO A 234 -27.82 -20.61 -14.59
C PRO A 234 -29.30 -20.59 -14.91
N PRO A 235 -29.67 -20.26 -16.16
CA PRO A 235 -31.09 -19.99 -16.46
C PRO A 235 -31.99 -21.20 -16.43
N SER A 236 -31.46 -22.41 -16.41
CA SER A 236 -32.29 -23.61 -16.31
C SER A 236 -32.60 -24.00 -14.88
N PHE A 237 -32.31 -23.13 -13.91
CA PHE A 237 -32.54 -23.39 -12.51
C PHE A 237 -33.37 -22.26 -11.92
N LYS A 238 -34.38 -22.63 -11.14
CA LYS A 238 -35.23 -21.66 -10.46
C LYS A 238 -35.00 -21.59 -8.97
N ASP A 239 -34.46 -22.65 -8.37
CA ASP A 239 -34.24 -22.74 -6.94
C ASP A 239 -32.75 -22.87 -6.69
N TYR A 240 -32.27 -22.19 -5.65
CA TYR A 240 -30.86 -22.26 -5.30
C TYR A 240 -30.46 -23.63 -4.79
N HIS A 241 -31.35 -24.28 -4.04
CA HIS A 241 -31.05 -25.61 -3.52
C HIS A 241 -31.13 -26.68 -4.60
N GLN A 242 -31.96 -26.48 -5.62
CA GLN A 242 -31.94 -27.33 -6.80
C GLN A 242 -30.60 -27.25 -7.51
N PHE A 243 -30.05 -26.05 -7.62
CA PHE A 243 -28.74 -25.88 -8.24
C PHE A 243 -27.63 -26.47 -7.38
N LYS A 244 -27.75 -26.36 -6.06
CA LYS A 244 -26.78 -27.00 -5.17
C LYS A 244 -26.82 -28.52 -5.30
N ALA A 245 -28.03 -29.08 -5.42
CA ALA A 245 -28.16 -30.52 -5.61
C ALA A 245 -27.62 -30.96 -6.95
N TYR A 246 -27.75 -30.12 -7.98
CA TYR A 246 -27.18 -30.44 -9.28
C TYR A 246 -25.65 -30.40 -9.24
N VAL A 247 -25.08 -29.41 -8.57
CA VAL A 247 -23.63 -29.27 -8.54
C VAL A 247 -23.00 -30.37 -7.70
N SER A 248 -23.63 -30.73 -6.58
CA SER A 248 -23.11 -31.78 -5.71
C SER A 248 -23.23 -33.17 -6.33
N SER A 249 -24.12 -33.36 -7.28
CA SER A 249 -24.31 -34.66 -7.91
C SER A 249 -23.79 -34.70 -9.35
N PHE A 250 -23.03 -33.69 -9.76
CA PHE A 250 -22.56 -33.63 -11.13
C PHE A 250 -21.47 -34.68 -11.37
N LYS A 251 -21.56 -35.36 -12.50
CA LYS A 251 -20.50 -36.23 -12.96
C LYS A 251 -20.22 -35.90 -14.41
N ALA A 252 -18.95 -35.73 -14.75
CA ALA A 252 -18.58 -35.37 -16.11
C ALA A 252 -18.71 -36.56 -17.04
N ASN A 253 -19.26 -36.33 -18.23
CA ASN A 253 -19.41 -37.34 -19.25
C ASN A 253 -19.20 -36.70 -20.61
N GLY A 254 -18.00 -36.14 -20.81
CA GLY A 254 -17.63 -35.57 -22.09
C GLY A 254 -18.35 -34.29 -22.46
N ASN A 255 -18.61 -33.42 -21.48
CA ASN A 255 -19.33 -32.17 -21.77
C ASN A 255 -18.46 -31.21 -22.58
N ILE A 256 -17.16 -31.15 -22.26
CA ILE A 256 -16.24 -30.26 -22.96
C ILE A 256 -16.07 -30.70 -24.41
N GLU A 257 -15.94 -32.02 -24.65
CA GLU A 257 -15.79 -32.51 -26.01
C GLU A 257 -17.06 -32.37 -26.82
N ALA A 258 -18.23 -32.52 -26.18
CA ALA A 258 -19.49 -32.32 -26.88
C ALA A 258 -19.69 -30.85 -27.27
N LYS A 259 -19.37 -29.93 -26.37
CA LYS A 259 -19.47 -28.51 -26.71
C LYS A 259 -18.33 -28.04 -27.61
N LEU A 260 -17.23 -28.78 -27.67
CA LEU A 260 -16.17 -28.49 -28.61
C LEU A 260 -16.51 -28.96 -30.01
N GLY A 261 -17.22 -30.08 -30.12
CA GLY A 261 -17.75 -30.49 -31.41
C GLY A 261 -18.90 -29.61 -31.86
N ALA A 262 -19.67 -29.08 -30.91
CA ALA A 262 -20.79 -28.21 -31.28
C ALA A 262 -20.35 -26.79 -31.61
N MET A 263 -19.17 -26.37 -31.16
CA MET A 263 -18.72 -25.01 -31.38
C MET A 263 -18.26 -24.82 -32.83
N SER A 264 -18.48 -23.61 -33.34
CA SER A 264 -18.10 -23.27 -34.70
C SER A 264 -16.59 -23.29 -34.87
N GLU A 265 -16.16 -23.59 -36.09
CA GLU A 265 -14.73 -23.64 -36.41
C GLU A 265 -14.14 -22.27 -36.71
N LYS A 266 -14.94 -21.20 -36.64
CA LYS A 266 -14.42 -19.84 -36.74
C LYS A 266 -13.88 -19.34 -35.41
N VAL A 267 -14.08 -20.09 -34.33
CA VAL A 267 -13.43 -19.80 -33.05
C VAL A 267 -12.15 -20.63 -33.03
N ASN A 268 -11.03 -19.98 -33.29
CA ASN A 268 -9.75 -20.68 -33.41
C ASN A 268 -8.63 -19.69 -33.18
N ALA A 269 -7.48 -20.21 -32.77
CA ALA A 269 -6.28 -19.41 -32.59
C ALA A 269 -5.24 -19.85 -33.62
N GLN A 270 -5.49 -19.47 -34.87
CA GLN A 270 -4.61 -19.87 -35.97
C GLN A 270 -3.29 -19.12 -35.89
N ILE A 271 -2.19 -19.84 -36.04
CA ILE A 271 -0.86 -19.27 -35.91
C ILE A 271 -0.42 -18.77 -37.28
N GLU A 272 -0.11 -17.48 -37.37
CA GLU A 272 0.50 -16.89 -38.56
C GLU A 272 2.00 -16.82 -38.32
N SER A 273 2.78 -17.33 -39.27
CA SER A 273 4.22 -17.34 -39.12
C SER A 273 4.79 -15.94 -39.22
N PHE A 274 5.66 -15.59 -38.27
CA PHE A 274 6.25 -14.27 -38.20
C PHE A 274 7.61 -14.27 -38.89
N ASP A 275 7.79 -13.33 -39.80
CA ASP A 275 9.06 -13.13 -40.49
C ASP A 275 9.27 -11.63 -40.66
N PRO A 276 10.38 -11.09 -40.12
CA PRO A 276 10.59 -9.63 -40.19
C PRO A 276 10.87 -9.11 -41.58
N ARG A 277 11.30 -9.97 -42.51
CA ARG A 277 11.53 -9.55 -43.88
C ARG A 277 10.24 -9.24 -44.63
N THR A 278 9.09 -9.71 -44.14
CA THR A 278 7.83 -9.52 -44.83
C THR A 278 6.87 -8.59 -44.10
N ILE A 279 7.17 -8.19 -42.87
CA ILE A 279 6.28 -7.28 -42.15
C ILE A 279 6.51 -5.86 -42.64
N ARG A 280 5.48 -5.03 -42.48
CA ARG A 280 5.57 -3.65 -42.90
C ARG A 280 6.17 -2.79 -41.79
N GLU A 281 6.41 -1.53 -42.12
CA GLU A 281 6.86 -0.55 -41.14
C GLU A 281 5.66 0.11 -40.48
N LEU A 282 5.94 0.81 -39.38
CA LEU A 282 4.90 1.58 -38.72
C LEU A 282 4.50 2.78 -39.57
N GLU A 283 3.21 3.06 -39.61
CA GLU A 283 2.67 4.20 -40.34
C GLU A 283 2.63 5.39 -39.40
N LEU A 284 3.57 6.29 -39.56
CA LEU A 284 3.63 7.51 -38.77
C LEU A 284 2.59 8.50 -39.30
N PRO A 285 1.94 9.27 -38.43
CA PRO A 285 0.79 10.09 -38.85
C PRO A 285 1.21 11.27 -39.73
N GLU A 286 0.19 11.92 -40.27
CA GLU A 286 0.34 13.12 -41.07
C GLU A 286 -0.33 14.30 -40.36
N GLY A 287 -0.07 15.47 -40.87
CA GLY A 287 -0.60 16.69 -40.29
C GLY A 287 0.45 17.78 -40.37
N LYS A 288 0.36 18.73 -39.45
CA LYS A 288 1.42 19.71 -39.31
C LYS A 288 2.63 19.08 -38.65
N PHE A 289 3.74 19.80 -38.66
CA PHE A 289 4.94 19.31 -38.02
C PHE A 289 4.81 19.35 -36.51
N CYS A 290 5.54 18.47 -35.83
CA CYS A 290 5.56 18.49 -34.38
C CYS A 290 6.37 19.69 -33.89
N THR A 291 5.97 20.21 -32.74
CA THR A 291 6.55 21.41 -32.18
C THR A 291 7.21 21.09 -30.85
N GLN A 292 8.10 21.98 -30.42
CA GLN A 292 8.82 21.79 -29.17
C GLN A 292 7.89 21.99 -27.99
N ARG A 293 7.92 21.06 -27.04
CA ARG A 293 7.04 21.11 -25.87
C ARG A 293 7.79 20.89 -24.57
N SER A 294 9.11 21.02 -24.57
CA SER A 294 9.87 20.92 -23.34
C SER A 294 9.68 22.18 -22.49
N LYS A 295 9.91 22.05 -21.19
CA LYS A 295 9.72 23.16 -20.27
C LYS A 295 10.85 24.17 -20.29
N PHE A 296 11.96 23.85 -20.96
CA PHE A 296 13.06 24.78 -21.14
C PHE A 296 13.72 24.46 -22.47
N LEU A 297 14.61 25.34 -22.91
CA LEU A 297 15.34 25.11 -24.14
C LEU A 297 16.42 24.07 -23.94
N LEU A 298 16.71 23.32 -25.00
CA LEU A 298 17.65 22.21 -24.91
C LEU A 298 18.88 22.55 -25.72
N MET A 299 18.95 22.19 -27.00
CA MET A 299 20.13 22.47 -27.80
C MET A 299 20.26 23.95 -28.15
N ASP A 300 19.18 24.71 -28.03
CA ASP A 300 19.14 26.10 -28.44
C ASP A 300 19.40 27.06 -27.30
N ALA A 301 19.67 26.56 -26.10
CA ALA A 301 19.83 27.40 -24.94
C ALA A 301 21.16 28.12 -24.96
N MET A 302 21.18 29.29 -24.34
CA MET A 302 22.37 30.12 -24.21
C MET A 302 22.46 30.58 -22.76
N LYS A 303 23.63 30.42 -22.15
CA LYS A 303 23.83 30.76 -20.76
C LYS A 303 24.81 31.92 -20.62
N LEU A 304 24.53 32.79 -19.66
CA LEU A 304 25.47 33.80 -19.20
C LEU A 304 26.18 33.26 -17.99
N SER A 305 27.51 33.26 -18.01
CA SER A 305 28.28 32.58 -16.99
C SER A 305 29.07 33.56 -16.15
N VAL A 306 29.29 33.17 -14.90
CA VAL A 306 30.29 33.81 -14.03
C VAL A 306 31.26 32.73 -13.60
N LEU A 307 32.54 32.95 -13.90
CA LEU A 307 33.61 32.01 -13.56
C LEU A 307 34.16 32.34 -12.19
N ASN A 308 34.17 31.34 -11.29
CA ASN A 308 34.49 31.42 -9.88
C ASN A 308 33.70 32.55 -9.22
N PRO A 309 32.40 32.38 -8.95
CA PRO A 309 31.63 33.47 -8.38
C PRO A 309 31.99 33.71 -6.92
N ALA A 310 32.13 34.98 -6.57
CA ALA A 310 32.50 35.35 -5.20
C ALA A 310 31.89 36.70 -4.85
N HIS A 311 30.71 36.99 -5.39
CA HIS A 311 30.02 38.23 -5.10
C HIS A 311 29.33 38.14 -3.74
N GLU A 312 28.76 39.25 -3.31
CA GLU A 312 28.08 39.30 -2.02
C GLU A 312 26.72 38.62 -2.13
N GLY A 313 26.44 37.72 -1.20
CA GLY A 313 25.23 36.93 -1.28
C GLY A 313 25.29 35.81 -2.29
N GLU A 314 26.48 35.29 -2.57
CA GLU A 314 26.64 34.24 -3.55
C GLU A 314 26.05 32.94 -3.04
N GLY A 315 25.20 32.31 -3.85
CA GLY A 315 24.43 31.16 -3.43
C GLY A 315 22.95 31.45 -3.53
N ILE A 316 22.57 32.69 -3.23
CA ILE A 316 21.19 33.14 -3.41
C ILE A 316 20.91 33.28 -4.90
N PRO A 317 19.78 32.74 -5.40
CA PRO A 317 19.60 32.67 -6.87
C PRO A 317 19.43 34.00 -7.56
N MET A 318 18.79 34.99 -6.94
CA MET A 318 18.66 36.29 -7.57
C MET A 318 19.99 37.04 -7.60
N LYS A 319 20.85 36.81 -6.61
CA LYS A 319 22.19 37.38 -6.62
C LYS A 319 23.04 36.80 -7.75
N ASP A 320 22.97 35.47 -7.93
CA ASP A 320 23.65 34.84 -9.05
C ASP A 320 23.07 35.29 -10.38
N ALA A 321 21.76 35.52 -10.43
CA ALA A 321 21.12 35.98 -11.66
C ALA A 321 21.57 37.38 -12.02
N LYS A 322 21.67 38.29 -11.05
CA LYS A 322 22.15 39.63 -11.33
C LYS A 322 23.64 39.64 -11.67
N ALA A 323 24.41 38.74 -11.04
CA ALA A 323 25.84 38.65 -11.34
C ALA A 323 26.09 38.12 -12.75
N CYS A 324 25.28 37.14 -13.20
CA CYS A 324 25.43 36.65 -14.56
C CYS A 324 24.84 37.62 -15.57
N LEU A 325 23.82 38.37 -15.18
CA LEU A 325 23.22 39.37 -16.05
C LEU A 325 24.14 40.55 -16.28
N ASP A 326 24.98 40.88 -15.30
CA ASP A 326 25.91 41.99 -15.47
C ASP A 326 27.06 41.66 -16.42
N THR A 327 27.29 40.39 -16.74
CA THR A 327 28.33 40.02 -17.68
C THR A 327 27.96 40.34 -19.12
N PHE A 328 26.70 40.65 -19.41
CA PHE A 328 26.23 40.95 -20.74
C PHE A 328 25.94 42.44 -20.83
N TRP A 329 26.45 43.09 -21.87
CA TRP A 329 26.32 44.53 -22.02
C TRP A 329 25.56 44.95 -23.26
N GLY A 330 25.32 44.06 -24.21
CA GLY A 330 24.76 44.45 -25.48
C GLY A 330 23.26 44.48 -25.56
N TRP A 331 22.58 45.01 -24.55
CA TRP A 331 21.13 45.09 -24.57
C TRP A 331 20.66 46.16 -25.53
N LYS A 332 19.47 45.93 -26.11
CA LYS A 332 18.79 46.89 -26.96
C LYS A 332 17.39 47.13 -26.45
N LYS A 333 16.56 47.77 -27.26
CA LYS A 333 15.12 47.76 -27.05
C LYS A 333 14.56 46.54 -27.75
N ALA A 334 13.87 45.69 -27.01
CA ALA A 334 13.45 44.41 -27.52
C ALA A 334 12.29 44.55 -28.49
N THR A 335 12.37 43.83 -29.60
CA THR A 335 11.35 43.82 -30.62
C THR A 335 10.90 42.38 -30.86
N ILE A 336 9.63 42.21 -31.20
CA ILE A 336 9.13 40.88 -31.56
C ILE A 336 9.63 40.53 -32.95
N ILE A 337 10.37 39.43 -33.04
CA ILE A 337 10.81 38.92 -34.35
C ILE A 337 10.15 37.61 -34.72
N LYS A 338 9.49 36.93 -33.79
CA LYS A 338 8.67 35.78 -34.14
C LYS A 338 7.45 35.79 -33.23
N LYS A 339 6.27 35.77 -33.83
CA LYS A 339 5.04 35.96 -33.07
C LYS A 339 4.42 34.63 -32.69
N HIS A 340 3.91 34.57 -31.46
CA HIS A 340 3.00 33.51 -31.06
C HIS A 340 1.63 33.82 -31.65
N GLU A 341 1.15 32.93 -32.51
CA GLU A 341 0.00 33.26 -33.36
C GLU A 341 -1.31 33.27 -32.60
N LYS A 342 -1.43 32.49 -31.54
CA LYS A 342 -2.65 32.47 -30.74
C LYS A 342 -2.61 33.45 -29.58
N GLY A 343 -1.50 34.15 -29.37
CA GLY A 343 -1.34 35.00 -28.22
C GLY A 343 -1.35 36.48 -28.56
N VAL A 344 -1.48 37.30 -27.51
CA VAL A 344 -1.32 38.74 -27.59
C VAL A 344 0.17 39.01 -27.41
N ASN A 345 0.87 39.26 -28.52
CA ASN A 345 2.32 39.20 -28.52
C ASN A 345 2.96 40.43 -27.87
N THR A 346 2.27 41.56 -27.81
CA THR A 346 2.82 42.72 -27.12
C THR A 346 2.80 42.55 -25.60
N ASN A 347 1.96 41.65 -25.09
CA ASN A 347 1.97 41.32 -23.66
C ASN A 347 3.27 40.66 -23.25
N TYR A 348 3.85 39.81 -24.11
CA TYR A 348 5.12 39.16 -23.79
C TYR A 348 6.27 40.18 -23.76
N LEU A 349 6.21 41.17 -24.65
CA LEU A 349 7.18 42.25 -24.64
C LEU A 349 7.09 43.08 -23.38
N MET A 350 5.85 43.39 -22.96
CA MET A 350 5.66 44.12 -21.72
C MET A 350 6.06 43.30 -20.50
N ILE A 351 5.91 41.97 -20.58
CA ILE A 351 6.32 41.09 -19.49
C ILE A 351 7.84 41.09 -19.33
N TRP A 352 8.56 41.00 -20.45
CA TRP A 352 10.03 41.05 -20.39
C TRP A 352 10.53 42.41 -19.93
N GLU A 353 9.87 43.49 -20.35
CA GLU A 353 10.28 44.82 -19.91
C GLU A 353 10.02 45.03 -18.42
N GLN A 354 8.87 44.56 -17.92
CA GLN A 354 8.56 44.63 -16.49
C GLN A 354 9.52 43.78 -15.67
N LEU A 355 9.86 42.59 -16.17
CA LEU A 355 10.78 41.70 -15.46
C LEU A 355 12.17 42.29 -15.38
N LEU A 356 12.66 42.88 -16.47
CA LEU A 356 14.00 43.48 -16.47
C LEU A 356 14.03 44.72 -15.58
N GLU A 357 12.97 45.53 -15.63
CA GLU A 357 12.86 46.71 -14.77
C GLU A 357 12.81 46.33 -13.30
N SER A 358 12.13 45.23 -12.97
CA SER A 358 12.01 44.81 -11.58
C SER A 358 13.26 44.10 -11.07
N ILE A 359 14.03 43.48 -11.97
CA ILE A 359 15.34 42.95 -11.57
C ILE A 359 16.30 44.09 -11.27
N LYS A 360 16.26 45.15 -12.08
CA LYS A 360 17.15 46.28 -11.85
C LYS A 360 16.78 47.06 -10.60
N GLU A 361 15.53 46.97 -10.15
CA GLU A 361 15.06 47.75 -9.02
C GLU A 361 14.89 46.94 -7.74
N MET A 362 15.31 45.68 -7.70
CA MET A 362 15.00 44.86 -6.54
C MET A 362 16.02 45.09 -5.42
N GLU A 363 15.55 44.87 -4.18
CA GLU A 363 16.37 45.03 -2.98
C GLU A 363 15.99 43.90 -2.02
N GLY A 364 16.50 42.71 -2.29
CA GLY A 364 16.23 41.58 -1.43
C GLY A 364 16.79 40.30 -2.02
N LYS A 365 16.30 39.18 -1.50
CA LYS A 365 16.71 37.87 -1.98
C LYS A 365 15.73 37.25 -2.97
N PHE A 366 14.46 37.65 -2.93
CA PHE A 366 13.44 37.14 -3.83
C PHE A 366 12.82 38.30 -4.58
N LEU A 367 12.03 37.97 -5.59
CA LEU A 367 11.40 38.97 -6.44
C LEU A 367 9.98 38.53 -6.76
N ASN A 368 9.01 39.33 -6.34
CA ASN A 368 7.61 39.13 -6.70
C ASN A 368 7.20 40.25 -7.63
N LEU A 369 6.61 39.89 -8.76
CA LEU A 369 6.22 40.89 -9.74
C LEU A 369 4.83 41.43 -9.43
N LYS A 370 4.61 42.67 -9.84
CA LYS A 370 3.30 43.28 -9.76
C LYS A 370 2.32 42.57 -10.68
N LYS A 371 1.06 42.49 -10.24
CA LYS A 371 0.03 41.82 -11.03
C LYS A 371 -0.54 42.82 -12.04
N THR A 372 0.27 43.08 -13.05
CA THR A 372 -0.13 43.90 -14.18
C THR A 372 -1.07 43.11 -15.10
N ASN A 373 -1.63 43.80 -16.09
CA ASN A 373 -2.63 43.17 -16.95
C ASN A 373 -2.00 42.18 -17.91
N HIS A 374 -0.83 42.53 -18.47
CA HIS A 374 -0.16 41.63 -19.41
C HIS A 374 0.39 40.40 -18.71
N LEU A 375 0.84 40.57 -17.47
CA LEU A 375 1.31 39.42 -16.70
C LEU A 375 0.15 38.53 -16.28
N LYS A 376 -0.99 39.13 -15.97
CA LYS A 376 -2.20 38.35 -15.71
C LYS A 376 -2.68 37.61 -16.93
N TRP A 377 -2.51 38.19 -18.12
CA TRP A 377 -2.84 37.47 -19.34
C TRP A 377 -1.89 36.29 -19.55
N GLY A 378 -0.59 36.53 -19.38
CA GLY A 378 0.38 35.48 -19.64
C GLY A 378 0.34 34.35 -18.65
N LEU A 379 -0.09 34.62 -17.42
CA LEU A 379 -0.18 33.59 -16.40
C LEU A 379 -1.57 32.99 -16.28
N GLY A 380 -2.53 33.45 -17.08
CA GLY A 380 -3.87 32.89 -17.09
C GLY A 380 -4.68 33.15 -15.85
N GLU A 381 -4.54 34.34 -15.26
CA GLU A 381 -5.35 34.70 -14.10
C GLU A 381 -6.78 35.01 -14.54
N GLY A 382 -7.74 34.42 -13.85
CA GLY A 382 -9.14 34.61 -14.18
C GLY A 382 -9.63 33.83 -15.38
N GLN A 383 -8.86 32.86 -15.87
CA GLN A 383 -9.27 32.08 -17.02
C GLN A 383 -10.10 30.86 -16.65
N ALA A 384 -10.19 30.52 -15.38
CA ALA A 384 -11.13 29.47 -15.01
C ALA A 384 -12.54 30.03 -14.98
N PRO A 385 -13.51 29.32 -15.52
CA PRO A 385 -14.90 29.75 -15.42
C PRO A 385 -15.40 29.69 -13.99
N GLU A 386 -16.36 30.56 -13.68
CA GLU A 386 -16.90 30.63 -12.33
C GLU A 386 -17.71 29.39 -12.01
N LYS A 387 -17.41 28.76 -10.88
CA LYS A 387 -18.04 27.50 -10.51
C LYS A 387 -19.41 27.77 -9.90
N MET A 388 -20.45 27.26 -10.54
CA MET A 388 -21.83 27.45 -10.12
C MET A 388 -22.50 26.09 -9.93
N ASP A 389 -23.77 26.14 -9.55
CA ASP A 389 -24.62 24.95 -9.45
C ASP A 389 -25.47 24.81 -10.70
N PHE A 390 -25.96 23.59 -10.92
CA PHE A 390 -26.57 23.25 -12.20
C PHE A 390 -27.95 23.88 -12.36
N GLU A 391 -28.74 23.94 -11.28
CA GLU A 391 -30.05 24.57 -11.37
C GLU A 391 -29.96 26.08 -11.53
N ASP A 392 -28.84 26.69 -11.12
CA ASP A 392 -28.64 28.13 -11.29
C ASP A 392 -28.25 28.51 -12.71
N CYS A 393 -27.85 27.54 -13.54
CA CYS A 393 -27.43 27.84 -14.90
C CYS A 393 -28.01 26.83 -15.90
N LYS A 394 -29.16 26.24 -15.59
CA LYS A 394 -29.72 25.16 -16.41
C LYS A 394 -30.15 25.64 -17.79
N GLU A 395 -30.63 26.87 -17.90
CA GLU A 395 -31.24 27.37 -19.13
C GLU A 395 -30.25 28.12 -20.03
N VAL A 396 -28.95 27.90 -19.85
CA VAL A 396 -27.96 28.56 -20.71
C VAL A 396 -27.94 27.85 -22.06
N PRO A 397 -28.07 28.59 -23.18
CA PRO A 397 -28.16 27.94 -24.49
C PRO A 397 -26.88 27.26 -24.96
N ASP A 398 -25.72 27.63 -24.41
CA ASP A 398 -24.47 26.99 -24.81
C ASP A 398 -23.76 26.34 -23.63
N LEU A 399 -24.52 25.93 -22.62
CA LEU A 399 -23.97 25.13 -21.54
C LEU A 399 -23.67 23.72 -22.05
N PHE A 400 -22.45 23.47 -22.48
CA PHE A 400 -22.08 22.19 -23.05
C PHE A 400 -21.08 21.50 -22.13
N GLN A 401 -21.02 20.18 -22.24
CA GLN A 401 -20.01 19.46 -21.47
C GLN A 401 -18.63 19.70 -22.07
N TYR A 402 -17.60 19.43 -21.26
CA TYR A 402 -16.23 19.77 -21.61
C TYR A 402 -15.76 19.02 -22.85
N LYS A 403 -14.90 19.69 -23.63
CA LYS A 403 -14.35 19.12 -24.84
C LYS A 403 -13.45 17.95 -24.52
N SER A 404 -13.82 16.77 -25.02
CA SER A 404 -13.06 15.54 -24.80
C SER A 404 -12.59 14.97 -26.13
N GLU A 405 -12.08 15.84 -26.97
CA GLU A 405 -11.61 15.41 -28.28
C GLU A 405 -10.25 14.72 -28.15
N PRO A 406 -9.96 13.78 -29.05
CA PRO A 406 -8.60 13.22 -29.15
C PRO A 406 -7.60 14.27 -29.58
N PRO A 407 -6.32 14.08 -29.29
CA PRO A 407 -5.31 15.04 -29.74
C PRO A 407 -5.15 15.03 -31.26
N GLU A 408 -4.90 16.22 -31.79
CA GLU A 408 -4.66 16.38 -33.22
C GLU A 408 -3.31 15.78 -33.61
N LYS A 409 -3.30 15.01 -34.68
CA LYS A 409 -2.08 14.33 -35.12
C LYS A 409 -1.07 15.31 -35.72
N ARG A 410 0.19 14.99 -35.51
CA ARG A 410 1.30 15.80 -36.02
C ARG A 410 2.27 14.93 -36.80
N LYS A 411 2.96 15.56 -37.74
CA LYS A 411 3.98 14.89 -38.51
C LYS A 411 5.32 14.91 -37.79
N LEU A 412 6.16 13.92 -38.06
CA LEU A 412 7.51 13.89 -37.52
C LEU A 412 8.36 14.96 -38.19
N ALA A 413 8.92 15.85 -37.40
CA ALA A 413 9.81 16.87 -37.89
C ALA A 413 11.27 16.50 -37.57
N SER A 414 12.18 17.17 -38.26
CA SER A 414 13.58 16.82 -38.23
C SER A 414 14.31 17.27 -36.98
N TRP A 415 13.73 18.18 -36.19
CA TRP A 415 14.49 18.81 -35.12
C TRP A 415 14.71 17.90 -33.92
N ILE A 416 13.80 16.95 -33.66
CA ILE A 416 13.90 16.13 -32.45
C ILE A 416 15.06 15.15 -32.57
N GLN A 417 15.37 14.70 -33.80
CA GLN A 417 16.55 13.89 -34.03
C GLN A 417 17.84 14.66 -33.77
N SER A 418 17.90 15.92 -34.20
CA SER A 418 19.09 16.73 -33.96
C SER A 418 19.23 17.10 -32.48
N GLU A 419 18.10 17.31 -31.80
CA GLU A 419 18.11 17.48 -30.34
C GLU A 419 18.69 16.27 -29.64
N PHE A 420 18.28 15.07 -30.07
CA PHE A 420 18.83 13.86 -29.48
C PHE A 420 20.29 13.64 -29.85
N ASN A 421 20.70 14.10 -31.04
CA ASN A 421 22.10 14.06 -31.42
C ASN A 421 22.95 14.91 -30.50
N LYS A 422 22.51 16.15 -30.24
CA LYS A 422 23.24 17.05 -29.37
C LYS A 422 23.18 16.63 -27.91
N ALA A 423 22.12 15.91 -27.51
CA ALA A 423 21.99 15.50 -26.12
C ALA A 423 22.93 14.38 -25.74
N SER A 424 23.48 13.65 -26.70
CA SER A 424 24.38 12.54 -26.41
C SER A 424 25.83 12.89 -26.68
N GLU A 425 26.15 14.17 -26.88
CA GLU A 425 27.52 14.60 -27.12
C GLU A 425 28.16 15.11 -25.83
N LEU A 426 29.47 15.28 -25.89
CA LEU A 426 30.25 15.74 -24.75
C LEU A 426 30.37 17.26 -24.76
N THR A 427 30.21 17.86 -23.59
CA THR A 427 30.46 19.27 -23.40
C THR A 427 31.82 19.43 -22.72
N ASN A 428 32.18 20.65 -22.36
CA ASN A 428 33.46 20.94 -21.74
C ASN A 428 33.35 21.12 -20.23
N SER A 429 32.20 20.81 -19.64
CA SER A 429 31.98 21.04 -18.22
C SER A 429 31.44 19.77 -17.55
N ASN A 430 31.84 19.57 -16.31
CA ASN A 430 31.22 18.53 -15.49
C ASN A 430 29.93 19.08 -14.89
N TRP A 431 28.83 18.39 -15.11
CA TRP A 431 27.53 18.87 -14.66
C TRP A 431 27.01 18.16 -13.42
N ILE A 432 27.41 16.91 -13.20
CA ILE A 432 26.93 16.14 -12.05
C ILE A 432 28.00 16.18 -10.97
N GLU A 433 27.59 16.50 -9.75
CA GLU A 433 28.44 16.46 -8.59
C GLU A 433 27.82 15.51 -7.59
N PHE A 434 28.46 14.38 -7.36
CA PHE A 434 27.91 13.32 -6.53
C PHE A 434 28.25 13.53 -5.07
N ASP A 435 27.33 13.09 -4.20
CA ASP A 435 27.56 13.17 -2.77
C ASP A 435 28.60 12.13 -2.34
N GLU A 436 29.10 12.29 -1.12
CA GLU A 436 30.18 11.44 -0.63
C GLU A 436 29.67 10.04 -0.33
N LEU A 437 30.59 9.10 -0.33
CA LEU A 437 30.31 7.70 -0.09
C LEU A 437 31.09 7.25 1.14
N GLY A 438 30.66 6.14 1.72
CA GLY A 438 31.48 5.49 2.73
C GLY A 438 32.75 4.94 2.14
N ASN A 439 33.76 4.79 3.00
CA ASN A 439 35.08 4.36 2.54
C ASN A 439 35.05 2.91 2.07
N ASP A 440 35.82 2.63 1.03
CA ASP A 440 35.92 1.28 0.50
C ASP A 440 36.78 0.42 1.41
N VAL A 441 36.27 -0.75 1.80
CA VAL A 441 37.00 -1.69 2.64
C VAL A 441 37.08 -3.02 1.89
N ALA A 442 35.95 -3.48 1.38
CA ALA A 442 35.91 -4.71 0.61
C ALA A 442 36.57 -4.51 -0.75
N PRO A 443 37.17 -5.57 -1.33
CA PRO A 443 37.73 -5.44 -2.69
C PRO A 443 36.69 -5.19 -3.76
N ILE A 444 35.46 -5.70 -3.59
CA ILE A 444 34.39 -5.43 -4.54
C ILE A 444 33.98 -3.97 -4.51
N GLU A 445 34.20 -3.27 -3.39
CA GLU A 445 33.93 -1.84 -3.35
C GLU A 445 34.99 -1.06 -4.12
N HIS A 446 36.24 -1.52 -4.14
CA HIS A 446 37.25 -0.88 -4.99
C HIS A 446 36.99 -1.13 -6.46
N ILE A 447 36.53 -2.35 -6.80
CA ILE A 447 36.15 -2.67 -8.17
C ILE A 447 34.98 -1.79 -8.62
N ALA A 448 33.98 -1.64 -7.75
CA ALA A 448 32.84 -0.78 -8.03
C ALA A 448 33.23 0.69 -8.12
N SER A 449 34.22 1.12 -7.34
CA SER A 449 34.66 2.50 -7.41
C SER A 449 35.35 2.80 -8.73
N ARG A 450 36.18 1.87 -9.21
CA ARG A 450 36.84 2.07 -10.51
C ARG A 450 35.82 2.07 -11.65
N ARG A 451 34.85 1.16 -11.61
CA ARG A 451 33.85 1.10 -12.67
C ARG A 451 32.94 2.33 -12.64
N ARG A 452 32.56 2.79 -11.45
CA ARG A 452 31.73 3.99 -11.32
C ARG A 452 32.48 5.24 -11.76
N ASN A 453 33.78 5.30 -11.50
CA ASN A 453 34.58 6.44 -11.96
C ASN A 453 34.75 6.44 -13.47
N PHE A 454 34.86 5.26 -14.08
CA PHE A 454 34.87 5.16 -15.54
C PHE A 454 33.57 5.65 -16.15
N PHE A 455 32.43 5.25 -15.57
CA PHE A 455 31.13 5.69 -16.08
C PHE A 455 30.94 7.19 -15.87
N THR A 456 31.41 7.72 -14.73
CA THR A 456 31.28 9.15 -14.45
C THR A 456 32.17 9.97 -15.39
N ALA A 457 33.36 9.46 -15.73
CA ALA A 457 34.19 10.14 -16.71
C ALA A 457 33.59 10.08 -18.11
N GLU A 458 32.82 9.03 -18.41
CA GLU A 458 32.14 8.98 -19.69
C GLU A 458 30.84 9.75 -19.73
N VAL A 459 30.30 10.16 -18.57
CA VAL A 459 28.91 10.62 -18.55
C VAL A 459 28.72 12.00 -17.92
N SER A 460 29.66 12.54 -17.14
CA SER A 460 29.41 13.80 -16.44
C SER A 460 29.48 15.01 -17.35
N GLN A 461 30.18 14.93 -18.47
CA GLN A 461 30.28 16.04 -19.40
C GLN A 461 29.30 15.91 -20.55
N CYS A 462 28.36 14.97 -20.47
CA CYS A 462 27.32 14.86 -21.48
C CYS A 462 26.33 16.00 -21.33
N ARG A 463 25.71 16.39 -22.45
CA ARG A 463 24.74 17.47 -22.42
C ARG A 463 23.41 17.03 -21.79
N ALA A 464 23.12 15.73 -21.81
CA ALA A 464 21.94 15.23 -21.12
C ALA A 464 22.10 15.36 -19.61
N SER A 465 23.33 15.35 -19.10
CA SER A 465 23.57 15.64 -17.69
C SER A 465 23.27 17.10 -17.37
N GLU A 466 23.60 18.00 -18.30
CA GLU A 466 23.22 19.40 -18.16
C GLU A 466 21.71 19.56 -18.16
N TYR A 467 21.00 18.78 -18.99
CA TYR A 467 19.55 18.84 -19.01
C TYR A 467 18.95 18.30 -17.72
N ILE A 468 19.57 17.25 -17.15
CA ILE A 468 19.20 16.74 -15.84
C ILE A 468 19.32 17.83 -14.79
N MET A 469 20.44 18.57 -14.81
CA MET A 469 20.66 19.61 -13.81
C MET A 469 19.67 20.76 -13.95
N LYS A 470 19.39 21.17 -15.20
CA LYS A 470 18.38 22.20 -15.43
C LYS A 470 17.01 21.76 -14.97
N ALA A 471 16.61 20.53 -15.28
CA ALA A 471 15.26 20.08 -14.96
C ALA A 471 15.07 19.86 -13.48
N VAL A 472 16.08 19.30 -12.80
CA VAL A 472 15.99 19.09 -11.36
C VAL A 472 15.94 20.42 -10.63
N TYR A 473 16.76 21.39 -11.06
CA TYR A 473 16.73 22.72 -10.46
C TYR A 473 15.40 23.42 -10.68
N ILE A 474 14.91 23.43 -11.92
CA ILE A 474 13.67 24.12 -12.27
C ILE A 474 12.48 23.52 -11.53
N ASN A 475 12.40 22.18 -11.49
CA ASN A 475 11.25 21.55 -10.87
C ASN A 475 11.30 21.66 -9.35
N THR A 476 12.50 21.63 -8.75
CA THR A 476 12.64 21.83 -7.31
C THR A 476 12.23 23.23 -6.90
N ALA A 477 12.76 24.24 -7.62
CA ALA A 477 12.43 25.63 -7.29
C ALA A 477 10.96 25.93 -7.56
N LEU A 478 10.40 25.32 -8.60
CA LEU A 478 9.00 25.55 -8.93
C LEU A 478 8.06 24.90 -7.93
N LEU A 479 8.42 23.70 -7.45
CA LEU A 479 7.60 23.04 -6.42
C LEU A 479 7.67 23.78 -5.09
N ASN A 480 8.86 24.24 -4.70
CA ASN A 480 8.99 24.96 -3.43
C ASN A 480 8.28 26.31 -3.50
N SER A 481 8.38 27.01 -4.62
CA SER A 481 7.69 28.27 -4.79
C SER A 481 6.19 28.08 -4.86
N SER A 482 5.73 26.99 -5.48
CA SER A 482 4.31 26.70 -5.58
C SER A 482 3.71 26.37 -4.23
N CYS A 483 4.49 25.74 -3.36
CA CYS A 483 3.98 25.48 -2.01
C CYS A 483 4.00 26.73 -1.14
N THR A 484 5.07 27.51 -1.18
CA THR A 484 5.26 28.57 -0.20
C THR A 484 4.63 29.91 -0.59
N ALA A 485 4.34 30.13 -1.88
CA ALA A 485 3.89 31.43 -2.36
C ALA A 485 2.78 31.21 -3.38
N MET A 486 1.62 30.76 -2.91
CA MET A 486 0.52 30.39 -3.79
C MET A 486 -0.14 31.60 -4.45
N GLU A 487 -0.02 32.77 -3.86
CA GLU A 487 -0.66 33.97 -4.38
C GLU A 487 0.30 34.94 -5.04
N GLU A 488 1.57 34.57 -5.18
CA GLU A 488 2.60 35.50 -5.63
C GLU A 488 3.13 35.12 -7.01
N TYR A 489 3.58 36.13 -7.74
CA TYR A 489 4.20 35.94 -9.05
C TYR A 489 5.72 35.94 -8.86
N GLN A 490 6.23 34.80 -8.39
CA GLN A 490 7.64 34.69 -8.06
C GLN A 490 8.50 34.57 -9.30
N VAL A 491 9.63 35.23 -9.29
CA VAL A 491 10.63 35.11 -10.35
C VAL A 491 11.62 34.03 -9.95
N ILE A 492 11.80 33.05 -10.82
CA ILE A 492 12.76 31.98 -10.58
C ILE A 492 13.81 32.03 -11.67
N PRO A 493 15.05 32.37 -11.37
CA PRO A 493 16.10 32.25 -12.37
C PRO A 493 16.44 30.80 -12.63
N ILE A 494 16.85 30.53 -13.87
CA ILE A 494 17.24 29.20 -14.31
C ILE A 494 18.76 29.13 -14.19
N ILE A 495 19.25 28.43 -13.17
CA ILE A 495 20.65 28.49 -12.76
C ILE A 495 21.19 27.07 -12.72
N THR A 496 22.29 26.82 -13.42
CA THR A 496 23.08 25.63 -13.14
C THR A 496 24.46 26.03 -12.63
N LYS A 497 25.15 25.07 -12.05
CA LYS A 497 26.50 25.26 -11.55
C LYS A 497 27.35 24.09 -12.03
N CYS A 498 28.38 24.38 -12.81
CA CYS A 498 29.24 23.35 -13.35
C CYS A 498 30.67 23.58 -12.91
N ARG A 499 31.53 22.63 -13.25
CA ARG A 499 32.96 22.76 -13.08
C ARG A 499 33.63 22.60 -14.42
N ASP A 500 34.71 23.35 -14.64
CA ASP A 500 35.45 23.24 -15.88
C ASP A 500 36.36 22.02 -15.84
N THR A 501 37.12 21.82 -16.91
CA THR A 501 38.11 20.75 -16.93
C THR A 501 39.29 21.08 -16.02
N SER A 502 39.54 22.36 -15.77
CA SER A 502 40.52 22.77 -14.76
C SER A 502 39.96 22.74 -13.35
N GLY A 503 38.67 22.45 -13.18
CA GLY A 503 38.09 22.30 -11.86
C GLY A 503 37.49 23.55 -11.26
N GLN A 504 37.36 24.62 -12.04
CA GLN A 504 36.85 25.88 -11.52
C GLN A 504 35.34 25.95 -11.59
N ARG A 505 34.73 26.45 -10.52
CA ARG A 505 33.28 26.58 -10.44
C ARG A 505 32.78 27.65 -11.40
N ARG A 506 31.62 27.39 -11.99
CA ARG A 506 31.01 28.31 -12.94
C ARG A 506 29.50 28.32 -12.75
N THR A 507 28.91 29.51 -12.63
CA THR A 507 27.48 29.66 -12.46
C THR A 507 26.87 30.14 -13.76
N ASN A 508 25.87 29.42 -14.26
CA ASN A 508 25.25 29.68 -15.55
C ASN A 508 23.79 30.08 -15.35
N LEU A 509 23.39 31.17 -16.02
CA LEU A 509 22.02 31.63 -16.05
C LEU A 509 21.46 31.45 -17.46
N TYR A 510 20.33 30.76 -17.56
CA TYR A 510 19.69 30.48 -18.84
C TYR A 510 18.50 31.37 -19.11
N GLY A 511 18.02 32.11 -18.13
CA GLY A 511 16.81 32.88 -18.26
C GLY A 511 16.02 32.81 -16.98
N PHE A 512 14.72 33.05 -17.09
CA PHE A 512 13.88 33.24 -15.92
C PHE A 512 12.56 32.50 -16.12
N ILE A 513 11.93 32.21 -14.99
CA ILE A 513 10.59 31.65 -14.95
C ILE A 513 9.78 32.49 -13.98
N ILE A 514 8.65 32.99 -14.44
CA ILE A 514 7.69 33.70 -13.61
C ILE A 514 6.55 32.75 -13.28
N LYS A 515 6.42 32.39 -12.00
CA LYS A 515 5.34 31.52 -11.56
C LYS A 515 4.03 32.29 -11.50
N GLY A 516 2.93 31.59 -11.77
CA GLY A 516 1.60 32.12 -11.57
C GLY A 516 1.08 31.77 -10.20
N ARG A 517 -0.23 31.89 -10.03
CA ARG A 517 -0.87 31.38 -8.83
C ARG A 517 -0.84 29.86 -8.84
N SER A 518 -0.70 29.28 -7.66
CA SER A 518 -0.37 27.88 -7.55
C SER A 518 -1.11 27.23 -6.38
N HIS A 519 -2.42 27.36 -6.37
CA HIS A 519 -3.27 26.66 -5.41
C HIS A 519 -3.52 25.23 -5.89
N LEU A 520 -2.46 24.44 -5.80
CA LEU A 520 -2.42 23.12 -6.42
C LEU A 520 -3.07 22.11 -5.50
N ARG A 521 -4.26 21.66 -5.86
CA ARG A 521 -5.01 20.72 -5.03
C ARG A 521 -4.76 19.30 -5.51
N ASN A 522 -5.40 18.89 -6.61
CA ASN A 522 -5.13 17.59 -7.20
C ASN A 522 -3.70 17.55 -7.74
N ASP A 523 -3.21 16.33 -7.94
CA ASP A 523 -1.85 16.16 -8.43
C ASP A 523 -1.71 16.56 -9.89
N THR A 524 -2.82 16.62 -10.63
CA THR A 524 -2.85 17.09 -12.00
C THR A 524 -3.18 18.57 -12.12
N ASP A 525 -3.30 19.29 -11.02
CA ASP A 525 -3.60 20.72 -11.08
C ASP A 525 -2.43 21.49 -11.67
N VAL A 526 -2.75 22.45 -12.54
CA VAL A 526 -1.75 23.15 -13.33
C VAL A 526 -1.36 24.44 -12.61
N VAL A 527 -0.06 24.68 -12.49
CA VAL A 527 0.48 26.00 -12.24
C VAL A 527 1.05 26.51 -13.56
N ASN A 528 0.55 27.66 -14.00
CA ASN A 528 1.05 28.32 -15.19
C ASN A 528 2.28 29.12 -14.85
N PHE A 529 3.26 29.10 -15.75
CA PHE A 529 4.43 29.94 -15.59
C PHE A 529 4.81 30.50 -16.96
N ILE A 530 5.69 31.50 -16.92
CA ILE A 530 6.22 32.14 -18.10
C ILE A 530 7.70 31.85 -18.15
N SER A 531 8.14 31.24 -19.23
CA SER A 531 9.53 30.91 -19.46
C SER A 531 10.12 31.98 -20.38
N LEU A 532 11.24 32.57 -19.98
CA LEU A 532 11.94 33.57 -20.77
C LEU A 532 13.39 33.13 -20.86
N GLU A 533 13.79 32.63 -22.02
CA GLU A 533 15.05 31.92 -22.15
C GLU A 533 15.95 32.54 -23.20
N PHE A 534 17.22 32.76 -22.84
CA PHE A 534 18.21 33.30 -23.77
C PHE A 534 18.54 32.29 -24.85
N SER A 535 18.78 32.78 -26.06
CA SER A 535 19.21 31.91 -27.15
C SER A 535 19.98 32.72 -28.18
N LEU A 536 20.79 32.02 -28.96
CA LEU A 536 21.40 32.59 -30.16
C LEU A 536 20.78 32.06 -31.43
N THR A 537 19.89 31.08 -31.32
CA THR A 537 19.26 30.49 -32.49
C THR A 537 18.18 31.40 -33.04
N ASP A 538 18.22 31.66 -34.34
CA ASP A 538 17.17 32.39 -35.03
C ASP A 538 15.97 31.47 -35.22
N PRO A 539 14.79 31.80 -34.70
CA PRO A 539 13.65 30.89 -34.80
C PRO A 539 13.03 30.82 -36.18
N ARG A 540 13.37 31.74 -37.08
CA ARG A 540 12.78 31.76 -38.41
C ARG A 540 13.38 30.72 -39.35
N ASN A 541 14.49 30.09 -38.97
CA ASN A 541 15.06 28.99 -39.74
C ASN A 541 14.29 27.69 -39.55
N GLU A 542 13.42 27.60 -38.55
CA GLU A 542 12.69 26.39 -38.23
C GLU A 542 11.44 26.74 -37.43
N ILE A 543 10.47 27.37 -38.10
CA ILE A 543 9.42 28.08 -37.37
C ILE A 543 8.38 27.13 -36.79
N HIS A 544 8.21 25.94 -37.37
CA HIS A 544 7.24 24.97 -36.86
C HIS A 544 7.66 24.40 -35.51
N LYS A 545 8.94 24.47 -35.18
CA LYS A 545 9.42 24.09 -33.86
C LYS A 545 8.93 25.06 -32.79
N TRP A 546 8.61 26.30 -33.14
CA TRP A 546 8.39 27.33 -32.13
C TRP A 546 6.97 27.88 -32.15
N GLU A 547 5.97 27.03 -32.36
CA GLU A 547 4.61 27.51 -32.52
C GLU A 547 4.01 28.02 -31.21
N LYS A 548 4.59 27.67 -30.07
CA LYS A 548 4.10 28.14 -28.78
C LYS A 548 4.86 29.36 -28.28
N TYR A 549 5.95 29.73 -28.93
CA TYR A 549 6.85 30.76 -28.44
C TYR A 549 6.62 32.08 -29.15
N CYS A 550 6.77 33.16 -28.40
CA CYS A 550 7.00 34.48 -28.97
C CYS A 550 8.47 34.82 -28.74
N VAL A 551 9.21 34.99 -29.81
CA VAL A 551 10.64 35.23 -29.73
C VAL A 551 10.91 36.71 -29.95
N LEU A 552 11.54 37.33 -28.97
CA LEU A 552 12.00 38.69 -29.02
C LEU A 552 13.49 38.72 -29.29
N GLU A 553 13.94 39.74 -30.03
CA GLU A 553 15.36 40.01 -30.17
C GLU A 553 15.75 41.02 -29.11
N ILE A 554 16.52 40.57 -28.11
CA ILE A 554 16.81 41.42 -26.96
C ILE A 554 18.19 42.04 -27.01
N GLY A 555 19.09 41.56 -27.85
CA GLY A 555 20.37 42.22 -27.89
C GLY A 555 21.31 41.73 -28.96
N ASP A 556 22.59 41.98 -28.72
CA ASP A 556 23.68 41.62 -29.60
C ASP A 556 24.88 41.27 -28.74
N MET A 557 25.62 40.23 -29.11
CA MET A 557 26.86 39.92 -28.42
C MET A 557 27.91 39.47 -29.43
N GLU A 558 29.17 39.68 -29.07
CA GLU A 558 30.30 39.39 -29.95
C GLU A 558 30.73 37.94 -29.73
N ILE A 559 30.47 37.09 -30.71
CA ILE A 559 31.02 35.74 -30.72
C ILE A 559 32.37 35.79 -31.42
N ARG A 560 33.40 35.33 -30.73
CA ARG A 560 34.76 35.31 -31.26
C ARG A 560 35.06 33.90 -31.76
N THR A 561 35.41 33.79 -33.04
CA THR A 561 35.69 32.49 -33.64
C THR A 561 37.03 32.48 -34.34
N SER A 562 37.30 31.40 -35.09
CA SER A 562 38.59 31.24 -35.75
C SER A 562 38.71 32.16 -36.96
N ILE A 563 37.60 32.44 -37.65
CA ILE A 563 37.65 33.33 -38.80
C ILE A 563 37.74 34.78 -38.36
N SER A 564 36.72 35.27 -37.67
CA SER A 564 36.69 36.63 -37.18
C SER A 564 35.80 36.70 -35.95
N THR A 565 35.43 37.91 -35.55
CA THR A 565 34.57 38.15 -34.40
C THR A 565 33.32 38.88 -34.89
N ILE A 566 32.14 38.30 -34.65
CA ILE A 566 30.92 38.80 -35.27
C ILE A 566 29.87 39.10 -34.21
N MET A 567 29.07 40.12 -34.48
CA MET A 567 27.96 40.49 -33.61
C MET A 567 26.75 39.64 -33.96
N LYS A 568 26.46 38.64 -33.13
CA LYS A 568 25.26 37.84 -33.30
C LYS A 568 24.12 38.43 -32.48
N PRO A 569 22.90 38.45 -33.02
CA PRO A 569 21.75 38.88 -32.23
C PRO A 569 21.37 37.84 -31.18
N VAL A 570 21.16 38.32 -29.96
CA VAL A 570 20.70 37.51 -28.83
C VAL A 570 19.18 37.59 -28.79
N TYR A 571 18.54 36.44 -28.87
CA TYR A 571 17.09 36.31 -28.83
C TYR A 571 16.62 35.85 -27.46
N LEU A 572 15.36 36.11 -27.19
CA LEU A 572 14.70 35.68 -25.96
C LEU A 572 13.42 34.94 -26.34
N TYR A 573 13.38 33.65 -26.03
CA TYR A 573 12.22 32.83 -26.31
C TYR A 573 11.29 32.94 -25.11
N VAL A 574 10.13 33.54 -25.34
CA VAL A 574 9.15 33.79 -24.28
C VAL A 574 7.96 32.89 -24.54
N ARG A 575 7.47 32.26 -23.48
CA ARG A 575 6.46 31.24 -23.66
C ARG A 575 5.63 31.13 -22.38
N THR A 576 4.34 30.81 -22.55
CA THR A 576 3.53 30.36 -21.44
C THR A 576 3.56 28.83 -21.41
N ASN A 577 3.97 28.28 -20.27
CA ASN A 577 3.98 26.84 -20.09
C ASN A 577 3.25 26.52 -18.79
N GLY A 578 3.05 25.24 -18.54
CA GLY A 578 2.35 24.83 -17.35
C GLY A 578 2.89 23.51 -16.85
N THR A 579 2.86 23.32 -15.54
CA THR A 579 3.28 22.05 -14.96
C THR A 579 2.34 21.69 -13.82
N SER A 580 2.45 20.47 -13.32
CA SER A 580 1.62 20.00 -12.23
C SER A 580 2.50 19.55 -11.09
N LYS A 581 1.87 19.13 -9.98
CA LYS A 581 2.63 18.62 -8.83
C LYS A 581 3.33 17.32 -9.16
N ILE A 582 2.64 16.40 -9.85
CA ILE A 582 3.23 15.12 -10.17
C ILE A 582 4.31 15.27 -11.25
N LYS A 583 4.14 16.21 -12.17
CA LYS A 583 5.12 16.38 -13.25
C LYS A 583 6.41 16.99 -12.74
N MET A 584 6.33 17.98 -11.87
CA MET A 584 7.57 18.53 -11.35
C MET A 584 8.13 17.69 -10.21
N LYS A 585 7.31 16.88 -9.56
CA LYS A 585 7.85 15.86 -8.66
C LYS A 585 8.70 14.85 -9.41
N TRP A 586 8.25 14.43 -10.60
CA TRP A 586 9.06 13.51 -11.39
C TRP A 586 10.23 14.21 -12.05
N GLY A 587 10.11 15.50 -12.35
CA GLY A 587 11.25 16.26 -12.83
C GLY A 587 12.32 16.51 -11.78
N MET A 588 11.93 16.54 -10.50
CA MET A 588 12.91 16.63 -9.41
C MET A 588 13.78 15.39 -9.29
N GLU A 589 13.35 14.26 -9.84
CA GLU A 589 14.03 12.98 -9.67
C GLU A 589 14.68 12.49 -10.96
N MET A 590 15.10 13.42 -11.82
CA MET A 590 15.66 13.06 -13.12
C MET A 590 17.10 12.56 -13.05
N ARG A 591 17.68 12.43 -11.86
CA ARG A 591 19.00 11.81 -11.75
C ARG A 591 18.96 10.30 -11.80
N ARG A 592 17.77 9.68 -11.84
CA ARG A 592 17.69 8.22 -11.94
C ARG A 592 17.92 7.74 -13.37
N CYS A 593 17.95 8.67 -14.32
CA CYS A 593 18.39 8.38 -15.68
C CYS A 593 19.82 7.87 -15.70
N LEU A 594 20.66 8.44 -14.82
CA LEU A 594 22.02 7.97 -14.64
C LEU A 594 22.05 6.51 -14.18
N LEU A 595 21.13 6.14 -13.29
CA LEU A 595 21.07 4.77 -12.80
C LEU A 595 20.65 3.80 -13.90
N GLN A 596 19.68 4.21 -14.72
CA GLN A 596 19.24 3.35 -15.82
C GLN A 596 20.35 3.09 -16.83
N SER A 597 21.06 4.17 -17.22
CA SER A 597 22.17 4.05 -18.15
C SER A 597 23.32 3.22 -17.58
N LEU A 598 23.72 3.50 -16.33
CA LEU A 598 24.83 2.78 -15.72
C LEU A 598 24.49 1.32 -15.46
N GLN A 599 23.23 1.01 -15.13
CA GLN A 599 22.85 -0.37 -14.92
C GLN A 599 22.93 -1.17 -16.21
N GLN A 600 22.47 -0.59 -17.32
CA GLN A 600 22.56 -1.31 -18.59
C GLN A 600 24.01 -1.53 -19.01
N VAL A 601 24.84 -0.48 -18.89
CA VAL A 601 26.25 -0.61 -19.29
C VAL A 601 27.00 -1.58 -18.38
N GLU A 602 26.68 -1.57 -17.08
CA GLU A 602 27.33 -2.47 -16.15
C GLU A 602 26.89 -3.92 -16.34
N SER A 603 25.63 -4.14 -16.72
CA SER A 603 25.22 -5.51 -17.06
C SER A 603 25.92 -6.02 -18.31
N MET A 604 26.15 -5.14 -19.28
CA MET A 604 26.95 -5.52 -20.45
C MET A 604 28.41 -5.79 -20.08
N ILE A 605 28.96 -5.09 -19.10
CA ILE A 605 30.33 -5.37 -18.65
C ILE A 605 30.38 -6.71 -17.92
N GLU A 606 29.43 -6.97 -17.04
CA GLU A 606 29.44 -8.18 -16.23
C GLU A 606 29.17 -9.43 -17.06
N ALA A 607 28.43 -9.29 -18.18
CA ALA A 607 28.25 -10.42 -19.09
C ALA A 607 29.56 -10.84 -19.73
N GLU A 608 30.44 -9.90 -20.04
CA GLU A 608 31.75 -10.25 -20.57
C GLU A 608 32.70 -10.69 -19.47
N SER A 609 32.51 -10.17 -18.25
CA SER A 609 33.37 -10.55 -17.14
C SER A 609 33.13 -11.99 -16.70
N ALA A 610 31.88 -12.46 -16.80
CA ALA A 610 31.60 -13.87 -16.49
C ALA A 610 32.22 -14.81 -17.51
N VAL A 611 32.40 -14.36 -18.74
CA VAL A 611 33.00 -15.18 -19.78
C VAL A 611 34.52 -15.16 -19.71
N LYS A 612 35.12 -13.99 -19.57
CA LYS A 612 36.57 -13.87 -19.53
C LYS A 612 37.17 -14.25 -18.18
N GLU A 613 36.33 -14.43 -17.16
CA GLU A 613 36.73 -14.77 -15.78
C GLU A 613 37.70 -13.75 -15.19
N LYS A 614 37.52 -12.48 -15.54
CA LYS A 614 38.30 -11.38 -15.01
C LYS A 614 37.44 -10.13 -15.12
N ASP A 615 37.88 -9.07 -14.46
CA ASP A 615 37.17 -7.80 -14.53
C ASP A 615 37.41 -7.15 -15.89
N MET A 616 36.33 -6.88 -16.61
CA MET A 616 36.38 -6.40 -17.99
C MET A 616 36.10 -4.91 -18.11
N THR A 617 36.18 -4.16 -17.01
CA THR A 617 35.77 -2.76 -17.01
C THR A 617 36.79 -1.89 -17.75
N GLU A 618 38.05 -2.00 -17.37
CA GLU A 618 39.14 -1.28 -18.03
C GLU A 618 39.38 -1.69 -19.48
N PRO A 619 39.27 -2.98 -19.89
CA PRO A 619 39.26 -3.24 -21.34
C PRO A 619 38.06 -2.65 -22.08
N PHE A 620 36.91 -2.55 -21.43
CA PHE A 620 35.75 -1.94 -22.08
C PHE A 620 35.95 -0.45 -22.29
N PHE A 621 36.29 0.27 -21.23
CA PHE A 621 36.37 1.72 -21.30
C PHE A 621 37.67 2.22 -21.92
N ARG A 622 38.72 1.40 -21.95
CA ARG A 622 40.00 1.89 -22.44
C ARG A 622 40.20 1.61 -23.93
N ASN A 623 39.86 0.40 -24.38
CA ASN A 623 39.99 0.03 -25.78
C ASN A 623 38.95 0.78 -26.58
N ARG A 624 39.37 1.83 -27.28
CA ARG A 624 38.48 2.75 -27.99
C ARG A 624 38.13 2.27 -29.39
N GLU A 625 37.72 1.01 -29.53
CA GLU A 625 37.23 0.53 -30.81
C GLU A 625 35.74 0.82 -30.95
N ASN A 626 35.33 1.11 -32.17
CA ASN A 626 33.92 1.33 -32.47
C ASN A 626 33.28 -0.03 -32.73
N ASP A 627 32.59 -0.56 -31.73
CA ASP A 627 32.02 -1.89 -31.85
C ASP A 627 30.57 -1.98 -31.38
N TRP A 628 29.89 -0.86 -31.17
CA TRP A 628 28.47 -0.90 -30.85
C TRP A 628 27.70 -0.05 -31.84
N PRO A 629 26.75 -0.61 -32.58
CA PRO A 629 25.96 0.20 -33.53
C PRO A 629 25.04 1.15 -32.80
N ILE A 630 25.22 2.45 -33.04
CA ILE A 630 24.46 3.44 -32.28
C ILE A 630 23.88 4.50 -33.21
N GLY A 631 24.00 4.31 -34.51
CA GLY A 631 23.53 5.35 -35.39
C GLY A 631 23.62 4.96 -36.84
N GLU A 632 23.11 5.85 -37.68
CA GLU A 632 23.12 5.66 -39.12
C GLU A 632 23.54 6.95 -39.79
N SER A 633 24.48 6.83 -40.73
CA SER A 633 24.90 7.89 -41.63
C SER A 633 24.36 7.51 -43.00
N PRO A 634 24.53 8.34 -44.04
CA PRO A 634 24.29 7.84 -45.41
C PRO A 634 25.24 6.72 -45.83
N GLN A 635 26.39 6.57 -45.19
CA GLN A 635 27.31 5.49 -45.46
C GLN A 635 26.95 4.19 -44.76
N GLY A 636 25.83 4.15 -44.03
CA GLY A 636 25.38 2.94 -43.38
C GLY A 636 25.28 3.09 -41.88
N ILE A 637 25.34 1.94 -41.21
CA ILE A 637 25.22 1.88 -39.76
C ILE A 637 26.54 2.29 -39.11
N GLU A 638 26.49 3.27 -38.22
CA GLU A 638 27.65 3.79 -37.53
C GLU A 638 27.84 3.12 -36.18
N LYS A 639 29.09 2.88 -35.83
CA LYS A 639 29.44 2.26 -34.56
C LYS A 639 30.18 3.23 -33.67
N GLY A 640 30.15 2.95 -32.38
CA GLY A 640 30.80 3.77 -31.38
C GLY A 640 31.32 2.91 -30.24
N THR A 641 31.95 3.59 -29.29
CA THR A 641 32.58 2.99 -28.14
C THR A 641 31.55 2.81 -27.02
N ILE A 642 32.00 2.25 -25.89
CA ILE A 642 31.09 2.01 -24.79
C ILE A 642 30.70 3.31 -24.07
N GLY A 643 31.55 4.34 -24.14
CA GLY A 643 31.18 5.63 -23.57
C GLY A 643 30.14 6.35 -24.38
N LYS A 644 30.17 6.17 -25.71
CA LYS A 644 29.09 6.65 -26.55
C LYS A 644 27.78 5.95 -26.21
N VAL A 645 27.85 4.66 -25.92
CA VAL A 645 26.66 3.91 -25.49
C VAL A 645 26.14 4.45 -24.16
N CYS A 646 27.05 4.82 -23.26
CA CYS A 646 26.66 5.44 -21.99
C CYS A 646 25.92 6.74 -22.20
N ARG A 647 26.46 7.63 -23.03
CA ARG A 647 25.82 8.93 -23.25
C ARG A 647 24.52 8.80 -24.03
N VAL A 648 24.42 7.82 -24.93
CA VAL A 648 23.20 7.63 -25.72
C VAL A 648 22.08 7.04 -24.88
N LEU A 649 22.38 6.05 -24.03
CA LEU A 649 21.37 5.51 -23.14
C LEU A 649 20.97 6.51 -22.07
N LEU A 650 21.92 7.35 -21.64
CA LEU A 650 21.59 8.44 -20.72
C LEU A 650 20.62 9.42 -21.37
N ALA A 651 20.93 9.85 -22.60
CA ALA A 651 20.07 10.81 -23.31
C ALA A 651 18.71 10.22 -23.63
N LYS A 652 18.64 8.90 -23.85
CA LYS A 652 17.35 8.25 -24.05
C LYS A 652 16.49 8.27 -22.79
N SER A 653 17.10 7.97 -21.64
CA SER A 653 16.37 8.06 -20.37
C SER A 653 15.95 9.50 -20.06
N VAL A 654 16.83 10.47 -20.34
CA VAL A 654 16.53 11.88 -20.10
C VAL A 654 15.38 12.35 -20.97
N PHE A 655 15.36 11.95 -22.24
CA PHE A 655 14.28 12.34 -23.12
C PHE A 655 12.98 11.60 -22.81
N ASN A 656 13.07 10.39 -22.26
CA ASN A 656 11.89 9.73 -21.70
C ASN A 656 11.33 10.49 -20.53
N SER A 657 12.19 11.10 -19.72
CA SER A 657 11.70 11.86 -18.59
C SER A 657 11.14 13.22 -19.00
N ILE A 658 11.77 13.87 -19.98
CA ILE A 658 11.35 15.21 -20.41
C ILE A 658 10.05 15.13 -21.21
N TYR A 659 9.99 14.24 -22.19
CA TYR A 659 8.81 14.09 -23.03
C TYR A 659 7.96 12.91 -22.59
N ALA A 660 7.74 12.79 -21.29
CA ALA A 660 6.91 11.72 -20.75
C ALA A 660 5.45 11.93 -21.12
N SER A 661 4.81 10.88 -21.60
CA SER A 661 3.43 10.97 -22.07
C SER A 661 2.82 9.58 -22.05
N ALA A 662 1.48 9.55 -22.14
CA ALA A 662 0.76 8.29 -22.24
C ALA A 662 0.99 7.62 -23.59
N GLN A 663 1.25 8.43 -24.62
CA GLN A 663 1.60 7.92 -25.94
C GLN A 663 2.89 7.12 -25.90
N LEU A 664 3.88 7.60 -25.16
CA LEU A 664 5.15 6.90 -25.02
C LEU A 664 4.99 5.61 -24.23
N GLU A 665 4.14 5.63 -23.20
CA GLU A 665 3.86 4.46 -22.39
C GLU A 665 3.22 3.35 -23.22
N GLY A 666 2.15 3.71 -23.96
CA GLY A 666 1.50 2.75 -24.83
C GLY A 666 2.38 2.27 -25.96
N PHE A 667 3.18 3.18 -26.53
CA PHE A 667 4.06 2.80 -27.65
C PHE A 667 5.13 1.83 -27.20
N SER A 668 5.74 2.07 -26.03
CA SER A 668 6.81 1.19 -25.55
C SER A 668 6.26 -0.17 -25.18
N ALA A 669 5.09 -0.20 -24.52
CA ALA A 669 4.49 -1.48 -24.14
C ALA A 669 4.07 -2.29 -25.37
N GLU A 670 3.57 -1.64 -26.42
CA GLU A 670 3.12 -2.41 -27.57
C GLU A 670 4.23 -2.74 -28.55
N SER A 671 5.27 -1.91 -28.66
CA SER A 671 6.36 -2.20 -29.58
C SER A 671 7.39 -3.15 -28.97
N ARG A 672 7.35 -3.34 -27.64
CA ARG A 672 8.21 -4.35 -27.02
C ARG A 672 7.88 -5.75 -27.51
N LYS A 673 6.62 -6.03 -27.82
CA LYS A 673 6.24 -7.35 -28.33
C LYS A 673 6.77 -7.59 -29.73
N LEU A 674 6.79 -6.54 -30.56
CA LEU A 674 7.36 -6.68 -31.90
C LEU A 674 8.87 -6.85 -31.84
N LEU A 675 9.53 -6.15 -30.90
CA LEU A 675 10.96 -6.35 -30.69
C LEU A 675 11.28 -7.76 -30.21
N LEU A 676 10.45 -8.29 -29.32
CA LEU A 676 10.68 -9.66 -28.83
C LEU A 676 10.38 -10.70 -29.90
N LEU A 677 9.44 -10.43 -30.80
CA LEU A 677 9.19 -11.33 -31.93
C LEU A 677 10.35 -11.33 -32.91
N ILE A 678 10.93 -10.15 -33.18
CA ILE A 678 12.10 -10.09 -34.05
C ILE A 678 13.28 -10.82 -33.43
N GLN A 679 13.47 -10.67 -32.11
CA GLN A 679 14.50 -11.42 -31.40
C GLN A 679 14.25 -12.92 -31.44
N ALA A 680 12.98 -13.33 -31.37
CA ALA A 680 12.64 -14.75 -31.47
C ALA A 680 12.92 -15.30 -32.85
N PHE A 681 12.76 -14.48 -33.89
CA PHE A 681 13.17 -14.91 -35.22
C PHE A 681 14.68 -15.03 -35.32
N ARG A 682 15.42 -14.08 -34.75
CA ARG A 682 16.87 -14.11 -34.84
C ARG A 682 17.49 -15.20 -33.98
N ASP A 683 16.76 -15.76 -33.03
CA ASP A 683 17.22 -16.90 -32.25
C ASP A 683 16.84 -18.23 -32.87
N ASN A 684 16.26 -18.21 -34.08
CA ASN A 684 15.75 -19.40 -34.79
C ASN A 684 14.73 -20.16 -33.94
N LEU A 685 13.87 -19.42 -33.26
CA LEU A 685 12.89 -20.02 -32.36
C LEU A 685 11.50 -20.09 -32.97
N ASP A 686 11.39 -19.87 -34.28
CA ASP A 686 10.20 -20.02 -35.11
C ASP A 686 9.01 -19.21 -34.56
N PRO A 687 9.05 -17.89 -34.61
CA PRO A 687 7.99 -17.10 -33.97
C PRO A 687 6.70 -17.12 -34.78
N GLY A 688 5.60 -16.91 -34.07
CA GLY A 688 4.30 -16.87 -34.70
C GLY A 688 3.36 -16.03 -33.89
N THR A 689 2.46 -15.34 -34.57
CA THR A 689 1.45 -14.52 -33.94
C THR A 689 0.07 -15.13 -34.14
N PHE A 690 -0.93 -14.46 -33.60
CA PHE A 690 -2.32 -14.80 -33.83
C PHE A 690 -3.11 -13.66 -34.46
N ASP A 691 -2.69 -12.41 -34.23
CA ASP A 691 -3.33 -11.24 -34.83
C ASP A 691 -2.26 -10.13 -34.90
N LEU A 692 -1.42 -10.19 -35.93
CA LEU A 692 -0.37 -9.19 -36.09
C LEU A 692 -0.94 -7.85 -36.52
N LYS A 693 -2.08 -7.85 -37.24
CA LYS A 693 -2.70 -6.60 -37.65
C LYS A 693 -3.25 -5.82 -36.46
N GLY A 694 -3.85 -6.54 -35.50
CA GLY A 694 -4.30 -5.87 -34.29
C GLY A 694 -3.17 -5.35 -33.44
N LEU A 695 -2.02 -6.04 -33.46
CA LEU A 695 -0.84 -5.54 -32.78
C LEU A 695 -0.31 -4.27 -33.44
N TYR A 696 -0.29 -4.24 -34.78
CA TYR A 696 0.15 -3.04 -35.49
C TYR A 696 -0.81 -1.87 -35.27
N GLU A 697 -2.11 -2.16 -35.18
CA GLU A 697 -3.09 -1.12 -34.86
C GLU A 697 -2.91 -0.60 -33.44
N ALA A 698 -2.59 -1.50 -32.50
CA ALA A 698 -2.35 -1.07 -31.12
C ALA A 698 -1.07 -0.26 -30.98
N ILE A 699 -0.07 -0.53 -31.82
CA ILE A 699 1.14 0.30 -31.82
C ILE A 699 0.83 1.67 -32.42
N GLU A 700 0.19 1.69 -33.59
CA GLU A 700 -0.04 2.93 -34.30
C GLU A 700 -1.14 3.79 -33.71
N GLU A 701 -1.94 3.24 -32.79
CA GLU A 701 -2.93 4.04 -32.09
C GLU A 701 -2.27 5.03 -31.14
N CYS A 702 -1.09 4.70 -30.64
CA CYS A 702 -0.38 5.49 -29.65
C CYS A 702 0.54 6.55 -30.26
N ILE A 703 0.70 6.57 -31.57
CA ILE A 703 1.59 7.53 -32.22
C ILE A 703 0.73 8.66 -32.77
N ILE A 704 0.60 9.74 -32.01
CA ILE A 704 -0.31 10.82 -32.37
C ILE A 704 0.46 12.10 -32.68
N ASN A 705 0.93 12.81 -31.64
CA ASN A 705 1.56 14.11 -31.85
C ASN A 705 2.81 14.37 -31.03
N ASP A 706 3.22 13.48 -30.16
CA ASP A 706 4.39 13.73 -29.33
C ASP A 706 5.66 13.53 -30.16
N PRO A 707 6.58 14.49 -30.17
CA PRO A 707 7.77 14.37 -31.03
C PRO A 707 8.71 13.24 -30.66
N TRP A 708 8.77 12.88 -29.38
CA TRP A 708 9.63 11.79 -28.93
C TRP A 708 9.05 10.43 -29.29
N VAL A 709 7.72 10.29 -29.28
CA VAL A 709 7.10 9.04 -29.71
C VAL A 709 7.22 8.88 -31.22
N LEU A 710 7.13 9.98 -31.96
CA LEU A 710 7.35 9.96 -33.41
C LEU A 710 8.79 9.58 -33.74
N LEU A 711 9.75 10.11 -32.98
CA LEU A 711 11.14 9.76 -33.20
C LEU A 711 11.41 8.30 -32.83
N ASN A 712 10.75 7.79 -31.79
CA ASN A 712 10.90 6.39 -31.42
C ASN A 712 10.27 5.45 -32.44
N ALA A 713 9.17 5.86 -33.07
CA ALA A 713 8.57 5.04 -34.13
C ALA A 713 9.43 5.03 -35.38
N SER A 714 9.99 6.19 -35.76
CA SER A 714 10.97 6.25 -36.84
C SER A 714 12.22 5.43 -36.52
N TRP A 715 12.61 5.39 -35.25
CA TRP A 715 13.74 4.56 -34.82
C TRP A 715 13.43 3.08 -34.94
N PHE A 716 12.20 2.68 -34.61
CA PHE A 716 11.79 1.30 -34.80
C PHE A 716 11.79 0.92 -36.27
N ASN A 717 11.35 1.84 -37.14
CA ASN A 717 11.37 1.57 -38.57
C ASN A 717 12.79 1.42 -39.10
N SER A 718 13.71 2.26 -38.60
CA SER A 718 15.10 2.16 -39.01
C SER A 718 15.76 0.87 -38.52
N PHE A 719 15.42 0.44 -37.30
CA PHE A 719 15.93 -0.83 -36.78
C PHE A 719 15.38 -2.01 -37.56
N LEU A 720 14.11 -1.93 -37.97
CA LEU A 720 13.51 -3.00 -38.77
C LEU A 720 14.15 -3.09 -40.15
N LYS A 721 14.44 -1.94 -40.77
CA LYS A 721 15.14 -1.94 -42.04
C LYS A 721 16.56 -2.47 -41.90
N ALA A 722 17.23 -2.17 -40.78
CA ALA A 722 18.57 -2.70 -40.54
C ALA A 722 18.56 -4.21 -40.32
N VAL A 723 17.53 -4.73 -39.66
CA VAL A 723 17.41 -6.18 -39.49
C VAL A 723 17.11 -6.86 -40.83
N GLN A 724 16.22 -6.26 -41.62
CA GLN A 724 15.90 -6.80 -42.94
C GLN A 724 17.07 -6.74 -43.91
N LEU A 725 17.99 -5.80 -43.74
CA LEU A 725 19.21 -5.81 -44.53
C LEU A 725 20.27 -6.74 -43.96
N SER A 726 20.28 -6.96 -42.64
CA SER A 726 21.21 -7.90 -42.05
C SER A 726 20.87 -9.33 -42.41
N MET A 727 19.59 -9.64 -42.59
CA MET A 727 19.21 -10.99 -43.04
C MET A 727 19.51 -11.17 -44.52
N GLY A 728 18.74 -10.51 -45.38
CA GLY A 728 18.96 -10.59 -46.81
C GLY A 728 20.10 -9.71 -47.28
N MET B 10 25.86 11.49 -38.77
CA MET B 10 25.24 10.35 -38.11
C MET B 10 24.05 10.77 -37.25
N ASP B 11 22.90 10.21 -37.57
CA ASP B 11 21.72 10.32 -36.71
C ASP B 11 21.72 9.16 -35.72
N VAL B 12 21.70 9.49 -34.44
CA VAL B 12 21.84 8.49 -33.38
C VAL B 12 20.53 7.74 -33.20
N ASN B 13 20.61 6.41 -33.20
CA ASN B 13 19.47 5.53 -32.98
C ASN B 13 19.86 4.53 -31.89
N PRO B 14 19.29 4.64 -30.68
CA PRO B 14 19.61 3.65 -29.64
C PRO B 14 19.04 2.27 -29.89
N MET B 15 17.97 2.15 -30.69
CA MET B 15 17.39 0.84 -31.00
C MET B 15 18.34 -0.04 -31.80
N LEU B 16 19.29 0.55 -32.53
CA LEU B 16 20.34 -0.21 -33.21
C LEU B 16 21.26 -0.95 -32.26
N ILE B 17 21.21 -0.65 -30.95
CA ILE B 17 21.87 -1.45 -29.93
C ILE B 17 21.37 -2.90 -29.95
N PHE B 18 20.15 -3.13 -30.41
CA PHE B 18 19.63 -4.50 -30.51
C PHE B 18 20.16 -5.25 -31.72
N LEU B 19 20.99 -4.61 -32.56
CA LEU B 19 21.64 -5.37 -33.62
C LEU B 19 22.78 -6.21 -33.08
N LYS B 20 23.38 -5.80 -31.97
CA LYS B 20 24.45 -6.54 -31.32
C LYS B 20 24.00 -7.25 -30.05
N VAL B 21 23.18 -6.60 -29.23
CA VAL B 21 22.73 -7.16 -27.96
C VAL B 21 21.35 -7.79 -28.19
N PRO B 22 21.07 -8.96 -27.62
CA PRO B 22 19.70 -9.49 -27.64
C PRO B 22 18.75 -8.58 -26.89
N VAL B 23 17.47 -8.64 -27.27
CA VAL B 23 16.48 -7.70 -26.77
C VAL B 23 16.20 -7.92 -25.28
N GLN B 24 16.28 -9.16 -24.81
CA GLN B 24 16.08 -9.42 -23.39
C GLN B 24 17.23 -8.93 -22.53
N ASN B 25 18.44 -8.85 -23.07
CA ASN B 25 19.58 -8.37 -22.30
C ASN B 25 19.66 -6.84 -22.27
N ALA B 26 18.77 -6.15 -22.98
CA ALA B 26 18.67 -4.70 -22.93
C ALA B 26 17.23 -4.26 -22.85
N ILE B 27 16.36 -5.10 -22.26
CA ILE B 27 14.92 -4.85 -22.21
C ILE B 27 14.58 -3.63 -21.37
N SER B 28 15.48 -3.21 -20.48
CA SER B 28 15.29 -2.00 -19.70
C SER B 28 15.32 -0.74 -20.55
N THR B 29 15.86 -0.80 -21.76
CA THR B 29 15.78 0.33 -22.68
C THR B 29 14.43 0.42 -23.37
N THR B 30 13.48 -0.47 -23.05
CA THR B 30 12.13 -0.41 -23.57
C THR B 30 11.12 -0.01 -22.51
N PHE B 31 11.57 0.29 -21.29
CA PHE B 31 10.68 0.69 -20.21
C PHE B 31 10.94 2.15 -19.87
N PRO B 32 10.11 3.08 -20.33
CA PRO B 32 10.38 4.52 -20.13
C PRO B 32 9.91 5.01 -18.76
N TYR B 33 10.54 4.49 -17.71
CA TYR B 33 9.98 4.60 -16.36
C TYR B 33 10.67 5.67 -15.52
N THR B 34 11.41 6.56 -16.15
CA THR B 34 11.98 7.71 -15.46
C THR B 34 11.10 8.95 -15.54
N GLY B 35 10.05 8.93 -16.37
CA GLY B 35 9.10 10.01 -16.43
C GLY B 35 7.86 9.71 -15.61
N ASP B 36 6.98 10.71 -15.56
CA ASP B 36 5.77 10.57 -14.79
C ASP B 36 4.78 9.64 -15.50
N PRO B 37 4.07 8.82 -14.74
CA PRO B 37 3.06 7.94 -15.34
C PRO B 37 1.83 8.73 -15.75
N PRO B 38 0.98 8.17 -16.60
CA PRO B 38 -0.26 8.86 -16.96
C PRO B 38 -1.25 8.94 -15.81
N TYR B 39 -1.96 10.05 -15.75
CA TYR B 39 -2.96 10.29 -14.74
C TYR B 39 -4.26 10.69 -15.40
N SER B 40 -5.37 10.38 -14.74
CA SER B 40 -6.66 10.85 -15.20
C SER B 40 -6.99 12.19 -14.56
N HIS B 41 -7.72 13.01 -15.30
CA HIS B 41 -8.18 14.30 -14.85
C HIS B 41 -9.70 14.26 -14.87
N GLY B 42 -10.34 14.89 -13.90
CA GLY B 42 -11.78 14.89 -13.86
C GLY B 42 -12.37 13.56 -13.42
N THR B 43 -13.52 13.20 -13.97
CA THR B 43 -14.29 12.07 -13.48
C THR B 43 -13.88 10.77 -14.17
N GLY B 44 -14.43 9.67 -13.67
CA GLY B 44 -14.29 8.38 -14.29
C GLY B 44 -15.64 7.81 -14.66
N THR B 45 -16.63 8.71 -14.79
CA THR B 45 -17.98 8.30 -15.17
C THR B 45 -18.01 7.71 -16.56
N GLY B 46 -17.24 8.29 -17.49
CA GLY B 46 -17.20 7.77 -18.85
C GLY B 46 -16.53 6.41 -18.95
N TYR B 47 -15.48 6.19 -18.16
CA TYR B 47 -14.82 4.89 -18.14
C TYR B 47 -15.70 3.83 -17.49
N THR B 48 -16.44 4.21 -16.45
CA THR B 48 -17.39 3.30 -15.81
C THR B 48 -18.54 2.93 -16.74
N MET B 49 -19.09 3.92 -17.46
CA MET B 49 -20.17 3.64 -18.40
C MET B 49 -19.66 2.82 -19.58
N ASP B 50 -18.42 3.07 -20.02
CA ASP B 50 -17.79 2.25 -21.04
C ASP B 50 -17.64 0.80 -20.59
N THR B 51 -17.28 0.60 -19.33
CA THR B 51 -17.13 -0.74 -18.79
C THR B 51 -18.48 -1.46 -18.71
N VAL B 52 -19.53 -0.76 -18.30
CA VAL B 52 -20.86 -1.39 -18.21
C VAL B 52 -21.39 -1.73 -19.60
N ILE B 53 -21.18 -0.84 -20.57
CA ILE B 53 -21.62 -1.10 -21.94
C ILE B 53 -20.85 -2.26 -22.56
N ARG B 54 -19.54 -2.33 -22.32
CA ARG B 54 -18.74 -3.43 -22.89
C ARG B 54 -19.09 -4.75 -22.22
N THR B 55 -19.33 -4.75 -20.91
CA THR B 55 -19.69 -5.97 -20.21
C THR B 55 -21.04 -6.50 -20.67
N HIS B 56 -21.98 -5.59 -20.95
CA HIS B 56 -23.25 -6.07 -21.49
C HIS B 56 -23.17 -6.38 -22.98
N ASP B 57 -22.17 -5.89 -23.69
CA ASP B 57 -22.04 -6.22 -25.11
C ASP B 57 -21.44 -7.59 -25.34
N TYR B 58 -20.60 -8.07 -24.46
CA TYR B 58 -20.03 -9.41 -24.61
C TYR B 58 -20.97 -10.50 -24.12
N SER B 59 -22.13 -10.12 -23.59
CA SER B 59 -23.09 -11.06 -23.02
C SER B 59 -24.49 -10.83 -23.58
N SER B 60 -24.62 -10.08 -24.67
CA SER B 60 -25.90 -9.54 -25.12
C SER B 60 -26.84 -10.62 -25.65
N ARG B 61 -26.34 -11.78 -26.01
CA ARG B 61 -27.19 -12.90 -26.41
C ARG B 61 -27.66 -13.72 -25.22
N GLY B 62 -27.51 -13.21 -24.00
CA GLY B 62 -28.01 -13.86 -22.81
C GLY B 62 -29.45 -13.51 -22.53
N ILE B 63 -29.91 -13.91 -21.35
CA ILE B 63 -31.31 -13.77 -20.96
C ILE B 63 -31.43 -12.62 -19.97
N TRP B 64 -32.34 -11.69 -20.26
CA TRP B 64 -32.62 -10.59 -19.37
C TRP B 64 -33.73 -10.94 -18.39
N LYS B 65 -33.56 -10.51 -17.15
CA LYS B 65 -34.56 -10.75 -16.11
C LYS B 65 -34.55 -9.59 -15.13
N THR B 66 -35.73 -9.09 -14.80
CA THR B 66 -35.86 -8.04 -13.78
C THR B 66 -35.76 -8.67 -12.39
N ASN B 67 -34.87 -8.13 -11.56
CA ASN B 67 -34.69 -8.66 -10.22
C ASN B 67 -35.88 -8.28 -9.33
N SER B 68 -36.41 -9.26 -8.60
CA SER B 68 -37.59 -9.03 -7.78
C SER B 68 -37.29 -8.23 -6.53
N GLU B 69 -36.05 -8.26 -6.06
CA GLU B 69 -35.70 -7.58 -4.82
C GLU B 69 -35.21 -6.15 -5.03
N THR B 70 -34.49 -5.90 -6.12
CA THR B 70 -33.90 -4.59 -6.37
C THR B 70 -34.52 -3.85 -7.54
N GLY B 71 -35.21 -4.54 -8.45
CA GLY B 71 -35.72 -3.94 -9.65
C GLY B 71 -34.71 -3.80 -10.77
N ALA B 72 -33.50 -4.33 -10.60
CA ALA B 72 -32.45 -4.14 -11.58
C ALA B 72 -32.62 -5.07 -12.77
N GLN B 73 -32.33 -4.55 -13.96
CA GLN B 73 -32.28 -5.37 -15.16
C GLN B 73 -30.98 -6.15 -15.17
N GLN B 74 -31.08 -7.48 -15.19
CA GLN B 74 -29.93 -8.34 -15.00
C GLN B 74 -29.78 -9.27 -16.20
N LEU B 75 -28.57 -9.33 -16.73
CA LEU B 75 -28.27 -10.13 -17.91
C LEU B 75 -27.58 -11.43 -17.49
N ASN B 76 -28.04 -12.54 -18.05
CA ASN B 76 -27.54 -13.88 -17.70
C ASN B 76 -26.98 -14.54 -18.95
N PRO B 77 -25.67 -14.53 -19.17
CA PRO B 77 -25.10 -15.19 -20.35
C PRO B 77 -24.70 -16.64 -20.15
N ILE B 78 -24.95 -17.21 -18.97
CA ILE B 78 -24.46 -18.54 -18.65
C ILE B 78 -25.32 -19.56 -19.38
N ASP B 79 -24.67 -20.59 -19.92
CA ASP B 79 -25.29 -21.63 -20.76
C ASP B 79 -26.00 -21.03 -21.98
N GLY B 80 -25.47 -19.92 -22.48
CA GLY B 80 -26.04 -19.26 -23.62
C GLY B 80 -25.58 -19.90 -24.91
N PRO B 81 -25.75 -19.19 -26.02
CA PRO B 81 -25.26 -19.70 -27.29
C PRO B 81 -23.74 -19.71 -27.31
N LEU B 82 -23.18 -20.72 -27.98
CA LEU B 82 -21.75 -20.82 -28.14
C LEU B 82 -21.25 -19.66 -28.99
N PRO B 83 -20.02 -19.16 -28.76
CA PRO B 83 -19.50 -18.06 -29.56
C PRO B 83 -19.28 -18.47 -31.01
N GLU B 84 -19.49 -17.52 -31.91
CA GLU B 84 -19.40 -17.76 -33.34
C GLU B 84 -18.16 -17.17 -33.98
N ASP B 85 -17.41 -16.35 -33.26
CA ASP B 85 -16.20 -15.74 -33.78
C ASP B 85 -15.19 -15.60 -32.63
N ASN B 86 -14.11 -14.89 -32.90
CA ASN B 86 -13.02 -14.72 -31.94
C ASN B 86 -13.17 -13.45 -31.12
N GLU B 87 -14.37 -12.87 -31.08
CA GLU B 87 -14.63 -11.72 -30.24
C GLU B 87 -14.71 -12.16 -28.78
N PRO B 88 -14.40 -11.26 -27.83
CA PRO B 88 -14.53 -11.62 -26.41
C PRO B 88 -15.98 -11.85 -26.03
N SER B 89 -16.23 -12.99 -25.40
CA SER B 89 -17.58 -13.44 -25.09
C SER B 89 -17.66 -13.85 -23.63
N GLY B 90 -18.87 -13.76 -23.08
CA GLY B 90 -19.09 -14.14 -21.71
C GLY B 90 -20.02 -15.33 -21.56
N TYR B 91 -20.11 -16.15 -22.59
CA TYR B 91 -21.04 -17.28 -22.60
C TYR B 91 -20.32 -18.54 -22.09
N ALA B 92 -20.05 -18.53 -20.79
CA ALA B 92 -19.44 -19.68 -20.15
C ALA B 92 -20.49 -20.75 -19.89
N GLN B 93 -20.09 -22.00 -20.11
CA GLN B 93 -20.97 -23.14 -19.93
C GLN B 93 -20.73 -23.75 -18.56
N THR B 94 -21.81 -24.05 -17.84
CA THR B 94 -21.69 -24.51 -16.46
C THR B 94 -21.11 -25.91 -16.38
N ASP B 95 -21.51 -26.79 -17.30
CA ASP B 95 -21.06 -28.17 -17.26
C ASP B 95 -19.58 -28.30 -17.63
N CYS B 96 -19.07 -27.41 -18.47
CA CYS B 96 -17.65 -27.43 -18.79
C CYS B 96 -16.82 -26.94 -17.61
N VAL B 97 -17.31 -25.93 -16.89
CA VAL B 97 -16.66 -25.45 -15.67
C VAL B 97 -16.65 -26.55 -14.61
N LEU B 98 -17.77 -27.24 -14.44
CA LEU B 98 -17.84 -28.32 -13.45
C LEU B 98 -16.97 -29.51 -13.85
N GLU B 99 -16.84 -29.78 -15.15
CA GLU B 99 -15.94 -30.83 -15.60
C GLU B 99 -14.48 -30.48 -15.36
N LEU B 100 -14.11 -29.21 -15.55
CA LEU B 100 -12.74 -28.78 -15.29
C LEU B 100 -12.41 -28.80 -13.80
N ILE B 101 -13.36 -28.40 -12.95
CA ILE B 101 -13.12 -28.44 -11.51
C ILE B 101 -13.10 -29.89 -11.02
N GLU B 102 -13.88 -30.77 -11.64
CA GLU B 102 -13.83 -32.19 -11.31
C GLU B 102 -12.49 -32.79 -11.72
N GLY B 103 -11.94 -32.37 -12.86
CA GLY B 103 -10.62 -32.82 -13.26
C GLY B 103 -9.53 -32.30 -12.35
N LEU B 104 -9.67 -31.07 -11.87
CA LEU B 104 -8.71 -30.53 -10.90
C LEU B 104 -8.80 -31.26 -9.57
N ASP B 105 -9.99 -31.72 -9.19
CA ASP B 105 -10.12 -32.52 -7.98
C ASP B 105 -9.56 -33.92 -8.18
N ARG B 106 -9.68 -34.47 -9.39
CA ARG B 106 -9.14 -35.81 -9.66
C ARG B 106 -7.62 -35.79 -9.74
N SER B 107 -7.03 -34.70 -10.21
CA SER B 107 -5.57 -34.65 -10.31
C SER B 107 -4.89 -34.28 -9.01
N HIS B 108 -5.62 -33.71 -8.06
CA HIS B 108 -5.08 -33.33 -6.76
C HIS B 108 -5.99 -33.86 -5.67
N PRO B 109 -5.88 -35.15 -5.34
CA PRO B 109 -6.81 -35.75 -4.37
C PRO B 109 -6.54 -35.27 -2.97
N GLY B 110 -7.60 -34.85 -2.27
CA GLY B 110 -7.51 -34.33 -0.94
C GLY B 110 -7.22 -32.86 -0.84
N LEU B 111 -7.00 -32.17 -1.96
CA LEU B 111 -6.68 -30.75 -1.92
C LEU B 111 -7.89 -29.91 -1.51
N PHE B 112 -9.05 -30.19 -2.13
CA PHE B 112 -10.25 -29.42 -1.86
C PHE B 112 -10.75 -29.65 -0.44
N GLU B 113 -10.66 -30.88 0.04
CA GLU B 113 -11.13 -31.20 1.39
C GLU B 113 -10.26 -30.57 2.45
N THR B 114 -8.94 -30.59 2.26
CA THR B 114 -8.06 -29.96 3.24
C THR B 114 -8.13 -28.44 3.20
N ALA B 115 -8.30 -27.85 2.01
CA ALA B 115 -8.51 -26.40 1.93
C ALA B 115 -9.82 -25.99 2.58
N CYS B 116 -10.87 -26.80 2.40
CA CYS B 116 -12.15 -26.51 3.04
C CYS B 116 -12.06 -26.66 4.56
N GLN B 117 -11.31 -27.64 5.03
CA GLN B 117 -11.17 -27.83 6.48
C GLN B 117 -10.34 -26.72 7.10
N GLU B 118 -9.30 -26.25 6.41
CA GLU B 118 -8.53 -25.11 6.91
C GLU B 118 -9.36 -23.83 6.90
N THR B 119 -10.22 -23.66 5.89
CA THR B 119 -11.12 -22.51 5.87
C THR B 119 -12.15 -22.58 6.99
N ILE B 120 -12.66 -23.78 7.27
CA ILE B 120 -13.61 -23.98 8.38
C ILE B 120 -12.95 -23.65 9.72
N ASP B 121 -11.71 -24.09 9.90
CA ASP B 121 -11.00 -23.77 11.14
C ASP B 121 -10.66 -22.28 11.24
N ALA B 122 -10.46 -21.60 10.10
CA ALA B 122 -10.19 -20.17 10.16
C ALA B 122 -11.45 -19.32 10.29
N ILE B 123 -12.62 -19.86 9.94
CA ILE B 123 -13.86 -19.10 10.10
C ILE B 123 -14.21 -18.93 11.57
N GLN B 124 -14.05 -20.00 12.36
CA GLN B 124 -14.40 -19.98 13.76
C GLN B 124 -13.44 -19.17 14.62
N GLN B 125 -12.30 -18.76 14.08
CA GLN B 125 -11.32 -17.98 14.83
C GLN B 125 -11.21 -16.52 14.40
N THR B 126 -11.91 -16.12 13.33
CA THR B 126 -11.75 -14.79 12.78
C THR B 126 -12.68 -13.80 13.47
N ARG B 127 -12.15 -12.64 13.84
CA ARG B 127 -12.92 -11.59 14.47
C ARG B 127 -13.30 -10.52 13.45
N VAL B 128 -14.14 -9.58 13.88
CA VAL B 128 -14.64 -8.53 12.99
C VAL B 128 -13.53 -7.57 12.60
N ASP B 129 -12.55 -7.35 13.49
CA ASP B 129 -11.48 -6.39 13.25
C ASP B 129 -10.51 -6.81 12.15
N LYS B 130 -10.59 -8.07 11.69
CA LYS B 130 -9.88 -8.48 10.48
C LYS B 130 -10.34 -7.69 9.26
N LEU B 131 -11.58 -7.20 9.27
CA LEU B 131 -12.07 -6.33 8.21
C LEU B 131 -11.53 -4.91 8.31
N THR B 132 -10.77 -4.56 9.35
CA THR B 132 -10.16 -3.24 9.40
C THR B 132 -8.94 -3.14 8.49
N GLN B 133 -8.40 -4.26 8.02
CA GLN B 133 -7.22 -4.28 7.16
C GLN B 133 -7.68 -4.13 5.72
N GLY B 134 -7.59 -2.92 5.19
CA GLY B 134 -8.02 -2.66 3.84
C GLY B 134 -7.86 -1.19 3.52
N ARG B 135 -8.01 -0.88 2.24
CA ARG B 135 -7.85 0.48 1.77
C ARG B 135 -9.19 1.20 1.76
N GLN B 136 -9.45 1.99 0.72
CA GLN B 136 -10.66 2.79 0.64
C GLN B 136 -11.86 1.90 0.35
N THR B 137 -12.70 1.69 1.36
CA THR B 137 -13.92 0.92 1.26
C THR B 137 -15.09 1.87 1.02
N TYR B 138 -16.00 1.48 0.13
CA TYR B 138 -17.23 2.24 -0.06
C TYR B 138 -18.08 2.15 1.20
N ASP B 139 -18.52 3.29 1.71
CA ASP B 139 -19.33 3.35 2.92
C ASP B 139 -20.77 3.62 2.51
N TRP B 140 -21.63 2.62 2.69
CA TRP B 140 -23.04 2.79 2.37
C TRP B 140 -23.75 3.72 3.33
N THR B 141 -23.19 3.89 4.53
CA THR B 141 -23.72 4.84 5.50
C THR B 141 -23.58 6.28 5.01
N LEU B 142 -22.44 6.59 4.40
CA LEU B 142 -22.14 7.94 3.95
C LEU B 142 -22.29 8.14 2.46
N ASN B 143 -22.47 7.06 1.69
CA ASN B 143 -22.53 7.05 0.22
C ASN B 143 -21.26 7.62 -0.40
N ARG B 144 -20.11 7.26 0.17
CA ARG B 144 -18.82 7.69 -0.34
C ARG B 144 -17.78 6.67 0.12
N ASN B 145 -16.52 6.96 -0.17
CA ASN B 145 -15.42 6.10 0.24
C ASN B 145 -14.86 6.54 1.59
N GLN B 146 -14.56 5.57 2.43
CA GLN B 146 -13.93 5.79 3.72
C GLN B 146 -12.79 4.78 3.85
N PRO B 147 -11.88 4.96 4.80
CA PRO B 147 -10.98 3.84 5.17
C PRO B 147 -11.78 2.67 5.73
N ALA B 148 -11.14 1.49 5.72
CA ALA B 148 -11.85 0.25 5.99
C ALA B 148 -12.33 0.16 7.42
N ALA B 149 -11.53 0.67 8.37
CA ALA B 149 -11.89 0.59 9.77
C ALA B 149 -13.05 1.51 10.12
N THR B 150 -13.07 2.73 9.57
CA THR B 150 -14.18 3.62 9.87
C THR B 150 -15.45 3.25 9.10
N ALA B 151 -15.31 2.63 7.93
CA ALA B 151 -16.48 2.08 7.25
C ALA B 151 -17.07 0.92 8.04
N LEU B 152 -16.21 0.05 8.60
CA LEU B 152 -16.68 -1.03 9.45
C LEU B 152 -17.33 -0.50 10.72
N ALA B 153 -16.77 0.56 11.32
CA ALA B 153 -17.33 1.13 12.53
C ALA B 153 -18.67 1.80 12.26
N ASN B 154 -18.81 2.49 11.12
CA ASN B 154 -20.09 3.08 10.74
C ASN B 154 -21.14 2.02 10.49
N THR B 155 -20.76 0.90 9.85
CA THR B 155 -21.70 -0.19 9.60
C THR B 155 -22.15 -0.84 10.91
N ILE B 156 -21.21 -1.09 11.82
CA ILE B 156 -21.54 -1.70 13.11
C ILE B 156 -22.41 -0.76 13.95
N GLU B 157 -22.16 0.55 13.87
CA GLU B 157 -22.95 1.51 14.63
C GLU B 157 -24.38 1.61 14.11
N VAL B 158 -24.55 1.64 12.78
CA VAL B 158 -25.90 1.69 12.21
C VAL B 158 -26.63 0.38 12.45
N PHE B 159 -25.90 -0.75 12.44
CA PHE B 159 -26.53 -2.05 12.73
C PHE B 159 -26.98 -2.14 14.18
N ARG B 160 -26.17 -1.62 15.11
CA ARG B 160 -26.54 -1.65 16.51
C ARG B 160 -27.68 -0.69 16.80
N LYS B 161 -27.78 0.43 16.08
CA LYS B 161 -28.91 1.33 16.28
C LYS B 161 -30.20 0.78 15.71
N ASN B 162 -30.14 -0.17 14.78
CA ASN B 162 -31.33 -0.71 14.14
C ASN B 162 -31.73 -2.08 14.67
N GLY B 163 -31.04 -2.59 15.68
CA GLY B 163 -31.42 -3.84 16.30
C GLY B 163 -30.69 -5.08 15.82
N TYR B 164 -29.56 -4.93 15.14
CA TYR B 164 -28.74 -6.05 14.70
C TYR B 164 -27.47 -6.04 15.53
N LYS B 165 -27.35 -6.99 16.46
CA LYS B 165 -26.21 -6.97 17.39
C LYS B 165 -25.68 -8.36 17.69
N LEU B 166 -25.72 -9.26 16.70
CA LEU B 166 -24.98 -10.52 16.86
C LEU B 166 -23.48 -10.29 16.81
N ASN B 167 -23.04 -9.25 16.09
CA ASN B 167 -21.65 -8.86 16.00
C ASN B 167 -21.04 -8.41 17.31
N GLU B 168 -21.85 -8.20 18.35
CA GLU B 168 -21.34 -7.95 19.70
C GLU B 168 -20.65 -9.17 20.29
N SER B 169 -20.84 -10.36 19.72
CA SER B 169 -20.01 -11.49 20.13
C SER B 169 -18.56 -11.34 19.70
N GLY B 170 -18.29 -10.52 18.68
CA GLY B 170 -16.94 -10.18 18.30
C GLY B 170 -16.38 -10.97 17.14
N ARG B 171 -17.03 -12.05 16.73
CA ARG B 171 -16.52 -12.86 15.65
C ARG B 171 -17.12 -12.43 14.32
N LEU B 172 -16.44 -12.80 13.23
CA LEU B 172 -16.79 -12.30 11.92
C LEU B 172 -18.09 -12.92 11.42
N ILE B 173 -18.34 -14.20 11.73
CA ILE B 173 -19.49 -14.89 11.18
C ILE B 173 -20.79 -14.37 11.78
N ASP B 174 -20.74 -13.84 13.01
CA ASP B 174 -21.92 -13.21 13.58
C ASP B 174 -22.20 -11.85 12.95
N PHE B 175 -21.14 -11.11 12.58
CA PHE B 175 -21.30 -9.91 11.78
C PHE B 175 -21.91 -10.22 10.42
N LEU B 176 -21.53 -11.36 9.83
CA LEU B 176 -22.07 -11.75 8.54
C LEU B 176 -23.54 -12.18 8.65
N LYS B 177 -23.90 -12.82 9.77
CA LYS B 177 -25.30 -13.12 10.04
C LYS B 177 -26.11 -11.85 10.21
N ASP B 178 -25.54 -10.84 10.86
CA ASP B 178 -26.21 -9.54 10.98
C ASP B 178 -26.36 -8.85 9.62
N VAL B 179 -25.36 -9.00 8.75
CA VAL B 179 -25.42 -8.43 7.40
C VAL B 179 -26.55 -9.06 6.61
N LEU B 180 -26.67 -10.39 6.68
CA LEU B 180 -27.74 -11.06 5.95
C LEU B 180 -29.11 -10.79 6.56
N LEU B 181 -29.21 -10.68 7.89
CA LEU B 181 -30.48 -10.38 8.52
C LEU B 181 -30.91 -8.94 8.34
N SER B 182 -29.97 -8.03 8.08
CA SER B 182 -30.32 -6.63 7.86
C SER B 182 -31.06 -6.38 6.55
N PHE B 183 -31.07 -7.35 5.64
CA PHE B 183 -31.81 -7.22 4.40
C PHE B 183 -33.32 -7.37 4.58
N GLU B 184 -33.76 -7.82 5.75
CA GLU B 184 -35.18 -7.90 6.06
C GLU B 184 -35.76 -6.58 6.53
N ASN B 185 -34.94 -5.58 6.78
CA ASN B 185 -35.42 -4.32 7.31
C ASN B 185 -36.10 -3.51 6.22
N ASP B 186 -37.31 -3.05 6.50
CA ASP B 186 -38.03 -2.18 5.57
C ASP B 186 -37.68 -0.72 5.76
N SER B 187 -37.06 -0.35 6.89
CA SER B 187 -36.73 1.03 7.20
C SER B 187 -35.45 1.05 8.03
N MET B 188 -34.32 0.89 7.35
CA MET B 188 -33.02 1.07 7.97
C MET B 188 -32.76 2.55 8.15
N GLU B 189 -32.40 2.96 9.36
CA GLU B 189 -32.29 4.37 9.71
C GLU B 189 -30.82 4.77 9.82
N VAL B 190 -30.42 5.73 8.98
CA VAL B 190 -29.06 6.25 8.97
C VAL B 190 -29.11 7.73 9.31
N THR B 191 -27.94 8.33 9.53
CA THR B 191 -27.82 9.74 9.90
C THR B 191 -27.02 10.49 8.84
N THR B 192 -27.58 11.59 8.34
CA THR B 192 -26.90 12.48 7.41
C THR B 192 -26.48 13.77 8.12
N HIS B 193 -26.04 14.75 7.34
CA HIS B 193 -25.52 16.00 7.88
C HIS B 193 -25.93 17.19 7.01
N PHE B 194 -26.14 18.33 7.66
CA PHE B 194 -26.51 19.56 6.99
C PHE B 194 -26.07 20.73 7.86
N GLN B 195 -25.82 21.87 7.21
CA GLN B 195 -25.28 23.03 7.91
C GLN B 195 -26.41 23.94 8.41
N LYS B 196 -26.16 24.55 9.58
CA LYS B 196 -27.13 25.43 10.23
C LYS B 196 -26.44 26.75 10.51
N LYS B 197 -26.79 27.79 9.75
CA LYS B 197 -26.21 29.10 9.91
C LYS B 197 -27.26 30.09 10.39
N LYS B 198 -27.04 30.64 11.58
CA LYS B 198 -27.91 31.68 12.14
C LYS B 198 -27.09 32.91 12.46
N ARG B 199 -27.30 33.49 13.64
CA ARG B 199 -26.56 34.67 14.06
C ARG B 199 -25.83 34.39 15.38
N MET B 208 -23.89 41.47 16.69
CA MET B 208 -24.40 40.96 15.42
C MET B 208 -23.30 40.21 14.66
N ILE B 209 -22.97 39.01 15.12
CA ILE B 209 -21.97 38.16 14.48
C ILE B 209 -22.55 36.76 14.33
N THR B 210 -22.23 36.11 13.21
CA THR B 210 -22.86 34.85 12.84
C THR B 210 -21.92 33.68 13.09
N GLN B 211 -22.44 32.63 13.73
CA GLN B 211 -21.75 31.36 13.88
C GLN B 211 -22.57 30.27 13.22
N ARG B 212 -21.89 29.23 12.74
CA ARG B 212 -22.56 28.14 12.04
C ARG B 212 -21.91 26.81 12.38
N THR B 213 -22.75 25.79 12.60
CA THR B 213 -22.28 24.43 12.81
C THR B 213 -23.06 23.48 11.92
N ILE B 214 -22.86 22.17 12.09
CA ILE B 214 -23.52 21.15 11.28
C ILE B 214 -24.24 20.20 12.21
N GLY B 215 -25.54 20.04 12.00
CA GLY B 215 -26.37 19.15 12.80
C GLY B 215 -26.77 17.90 12.02
N LYS B 216 -26.95 16.81 12.75
CA LYS B 216 -27.31 15.54 12.15
C LYS B 216 -28.78 15.52 11.75
N LYS B 217 -29.09 14.65 10.78
CA LYS B 217 -30.47 14.40 10.39
C LYS B 217 -30.62 12.91 10.16
N ARG B 218 -31.61 12.30 10.79
CA ARG B 218 -31.85 10.87 10.68
C ARG B 218 -32.74 10.60 9.49
N VAL B 219 -32.20 9.96 8.46
CA VAL B 219 -32.96 9.54 7.29
C VAL B 219 -33.33 8.07 7.47
N LYS B 220 -34.34 7.64 6.73
CA LYS B 220 -34.76 6.24 6.71
C LYS B 220 -34.74 5.75 5.28
N LEU B 221 -33.85 4.79 4.99
CA LEU B 221 -33.86 4.15 3.69
C LEU B 221 -35.04 3.19 3.60
N THR B 222 -35.46 2.92 2.38
CA THR B 222 -36.43 1.86 2.17
C THR B 222 -35.71 0.51 2.12
N LYS B 223 -36.46 -0.56 1.87
CA LYS B 223 -35.83 -1.86 1.73
C LYS B 223 -35.02 -1.92 0.44
N LYS B 224 -35.56 -1.36 -0.64
CA LYS B 224 -34.88 -1.36 -1.92
C LYS B 224 -33.69 -0.41 -1.93
N ASN B 225 -33.81 0.74 -1.24
CA ASN B 225 -32.69 1.68 -1.11
C ASN B 225 -31.51 1.05 -0.40
N TYR B 226 -31.78 0.39 0.72
CA TYR B 226 -30.69 -0.22 1.50
C TYR B 226 -30.11 -1.43 0.76
N LEU B 227 -30.95 -2.19 0.07
CA LEU B 227 -30.45 -3.34 -0.67
C LEU B 227 -29.61 -2.91 -1.88
N ILE B 228 -29.95 -1.77 -2.49
CA ILE B 228 -29.15 -1.27 -3.60
C ILE B 228 -27.83 -0.69 -3.08
N ARG B 229 -27.87 -0.04 -1.91
CA ARG B 229 -26.63 0.50 -1.33
C ARG B 229 -25.70 -0.62 -0.87
N ALA B 230 -26.25 -1.73 -0.38
CA ALA B 230 -25.42 -2.82 0.11
C ALA B 230 -24.74 -3.57 -1.02
N LEU B 231 -25.32 -3.56 -2.22
CA LEU B 231 -24.76 -4.23 -3.38
C LEU B 231 -24.04 -3.28 -4.31
N THR B 232 -23.61 -2.12 -3.81
CA THR B 232 -23.04 -1.06 -4.62
C THR B 232 -21.52 -1.16 -4.65
N LEU B 233 -20.94 -1.10 -5.85
CA LEU B 233 -19.52 -0.86 -6.03
C LEU B 233 -19.30 0.61 -6.32
N ASN B 234 -18.37 1.22 -5.60
CA ASN B 234 -17.98 2.58 -5.91
C ASN B 234 -16.85 2.56 -6.92
N THR B 235 -17.07 3.23 -8.05
CA THR B 235 -16.15 3.17 -9.17
C THR B 235 -15.33 4.46 -9.27
N MET B 236 -14.08 4.30 -9.67
CA MET B 236 -13.17 5.42 -9.88
C MET B 236 -12.15 5.03 -10.94
N THR B 237 -11.32 5.98 -11.32
CA THR B 237 -10.32 5.74 -12.35
C THR B 237 -9.02 5.27 -11.74
N LYS B 238 -8.38 4.31 -12.42
CA LYS B 238 -7.05 3.88 -12.04
C LYS B 238 -6.02 4.93 -12.49
N ASP B 239 -5.26 5.45 -11.54
CA ASP B 239 -4.22 6.42 -11.83
C ASP B 239 -2.83 5.79 -11.69
N ALA B 240 -1.85 6.47 -12.33
CA ALA B 240 -0.43 6.13 -12.28
C ALA B 240 -0.15 4.71 -12.79
N GLU B 241 -0.90 4.29 -13.79
CA GLU B 241 -0.71 2.98 -14.40
C GLU B 241 0.13 3.13 -15.66
N ARG B 242 1.12 2.27 -15.81
CA ARG B 242 2.04 2.35 -16.93
C ARG B 242 1.73 1.28 -17.96
N GLY B 243 2.11 1.57 -19.20
CA GLY B 243 1.95 0.64 -20.30
C GLY B 243 0.70 0.80 -21.13
N LYS B 244 -0.10 1.83 -20.89
CA LYS B 244 -1.35 1.99 -21.60
C LYS B 244 -1.53 3.43 -22.05
N LEU B 245 -2.23 3.60 -23.17
CA LEU B 245 -2.54 4.93 -23.67
C LEU B 245 -3.80 5.50 -23.04
N LYS B 246 -4.79 4.65 -22.77
CA LYS B 246 -6.10 5.09 -22.30
C LYS B 246 -6.37 4.57 -20.89
N ARG B 247 -7.16 5.33 -20.14
CA ARG B 247 -7.43 4.99 -18.76
C ARG B 247 -8.56 3.99 -18.64
N ARG B 248 -8.54 3.25 -17.53
CA ARG B 248 -9.55 2.25 -17.21
C ARG B 248 -10.17 2.59 -15.86
N ALA B 249 -11.30 1.96 -15.58
CA ALA B 249 -12.01 2.16 -14.32
C ALA B 249 -11.80 0.98 -13.39
N ILE B 250 -11.75 1.27 -12.10
CA ILE B 250 -11.67 0.26 -11.05
C ILE B 250 -12.87 0.46 -10.14
N ALA B 251 -13.09 -0.49 -9.24
CA ALA B 251 -14.23 -0.42 -8.34
C ALA B 251 -13.84 -0.92 -6.97
N THR B 252 -14.40 -0.27 -5.94
CA THR B 252 -14.27 -0.80 -4.59
C THR B 252 -15.65 -1.15 -4.04
N PRO B 253 -15.77 -2.28 -3.35
CA PRO B 253 -17.06 -2.67 -2.78
C PRO B 253 -17.29 -2.09 -1.39
N GLY B 254 -18.52 -2.26 -0.92
CA GLY B 254 -18.90 -1.81 0.40
C GLY B 254 -18.62 -2.86 1.46
N MET B 255 -19.00 -2.51 2.69
CA MET B 255 -18.66 -3.35 3.84
C MET B 255 -19.53 -4.60 3.94
N GLN B 256 -20.66 -4.67 3.24
CA GLN B 256 -21.54 -5.82 3.41
C GLN B 256 -20.99 -7.07 2.72
N ILE B 257 -20.11 -6.91 1.75
CA ILE B 257 -19.61 -8.05 1.00
C ILE B 257 -18.14 -8.34 1.28
N ARG B 258 -17.42 -7.44 1.97
CA ARG B 258 -16.00 -7.63 2.23
C ARG B 258 -15.75 -8.85 3.12
N GLY B 259 -16.63 -9.08 4.09
CA GLY B 259 -16.46 -10.22 4.99
C GLY B 259 -16.69 -11.56 4.32
N PHE B 260 -17.53 -11.59 3.30
CA PHE B 260 -17.77 -12.83 2.57
C PHE B 260 -16.68 -13.09 1.53
N VAL B 261 -16.23 -12.01 0.88
CA VAL B 261 -15.10 -12.08 -0.05
C VAL B 261 -13.83 -12.52 0.69
N TYR B 262 -13.71 -12.15 1.98
CA TYR B 262 -12.59 -12.60 2.80
C TYR B 262 -12.51 -14.12 2.91
N PHE B 263 -13.65 -14.76 3.22
CA PHE B 263 -13.63 -16.21 3.39
C PHE B 263 -13.52 -16.94 2.06
N VAL B 264 -14.11 -16.39 0.99
CA VAL B 264 -13.97 -17.02 -0.33
C VAL B 264 -12.52 -16.95 -0.81
N GLU B 265 -11.87 -15.79 -0.62
CA GLU B 265 -10.47 -15.67 -1.02
C GLU B 265 -9.55 -16.43 -0.10
N LEU B 266 -9.95 -16.65 1.16
CA LEU B 266 -9.17 -17.52 2.04
C LEU B 266 -9.19 -18.96 1.56
N LEU B 267 -10.36 -19.45 1.16
CA LEU B 267 -10.46 -20.79 0.58
C LEU B 267 -9.65 -20.90 -0.71
N ALA B 268 -9.77 -19.91 -1.59
CA ALA B 268 -9.07 -19.96 -2.86
C ALA B 268 -7.57 -19.77 -2.70
N ARG B 269 -7.13 -19.09 -1.64
CA ARG B 269 -5.71 -18.99 -1.34
C ARG B 269 -5.16 -20.31 -0.82
N ASN B 270 -5.93 -21.00 0.03
CA ASN B 270 -5.54 -22.34 0.47
C ASN B 270 -5.51 -23.34 -0.68
N ILE B 271 -6.35 -23.15 -1.70
CA ILE B 271 -6.26 -23.96 -2.90
C ILE B 271 -5.04 -23.60 -3.75
N CYS B 272 -4.81 -22.31 -4.00
CA CYS B 272 -3.76 -21.87 -4.90
C CYS B 272 -2.35 -22.02 -4.34
N GLU B 273 -2.20 -22.16 -3.02
CA GLU B 273 -0.89 -22.37 -2.43
C GLU B 273 -0.33 -23.74 -2.75
N ARG B 274 -1.19 -24.71 -3.07
CA ARG B 274 -0.77 -26.08 -3.32
C ARG B 274 -0.86 -26.47 -4.78
N LEU B 275 -1.26 -25.55 -5.65
CA LEU B 275 -1.23 -25.78 -7.09
C LEU B 275 0.08 -25.25 -7.65
N GLU B 276 0.87 -26.13 -8.25
CA GLU B 276 2.16 -25.73 -8.79
C GLU B 276 2.04 -24.94 -10.08
N GLN B 277 0.90 -24.99 -10.74
CA GLN B 277 0.64 -24.19 -11.93
C GLN B 277 0.01 -22.84 -11.60
N SER B 278 -0.18 -22.54 -10.33
CA SER B 278 -0.70 -21.26 -9.89
C SER B 278 0.44 -20.31 -9.61
N GLY B 279 0.34 -19.09 -10.13
CA GLY B 279 1.29 -18.05 -9.82
C GLY B 279 0.96 -17.23 -8.59
N LEU B 280 -0.11 -17.57 -7.89
CA LEU B 280 -0.57 -16.85 -6.72
C LEU B 280 -0.62 -17.79 -5.52
N PRO B 281 -0.33 -17.29 -4.30
CA PRO B 281 0.05 -15.95 -3.89
C PRO B 281 1.52 -15.85 -3.50
N VAL B 282 2.42 -15.87 -4.49
CA VAL B 282 3.85 -15.91 -4.22
C VAL B 282 4.49 -14.63 -4.70
N GLY B 283 5.71 -14.40 -4.24
CA GLY B 283 6.49 -13.24 -4.62
C GLY B 283 7.16 -13.41 -5.97
N GLY B 284 8.18 -12.59 -6.19
CA GLY B 284 8.86 -12.60 -7.48
C GLY B 284 9.80 -13.79 -7.63
N ASN B 285 10.63 -14.05 -6.62
CA ASN B 285 11.60 -15.14 -6.69
C ASN B 285 10.92 -16.49 -6.70
N GLU B 286 9.83 -16.64 -5.94
CA GLU B 286 9.12 -17.92 -5.93
C GLU B 286 8.39 -18.19 -7.23
N LYS B 287 7.85 -17.13 -7.86
CA LYS B 287 7.22 -17.28 -9.17
C LYS B 287 8.25 -17.59 -10.25
N LYS B 288 9.44 -17.01 -10.12
CA LYS B 288 10.53 -17.33 -11.05
C LYS B 288 11.00 -18.76 -10.87
N ALA B 289 11.02 -19.25 -9.62
CA ALA B 289 11.38 -20.64 -9.37
C ALA B 289 10.33 -21.59 -9.96
N LYS B 290 9.05 -21.23 -9.85
CA LYS B 290 8.00 -22.07 -10.44
C LYS B 290 8.07 -22.08 -11.96
N LEU B 291 8.36 -20.93 -12.58
CA LEU B 291 8.48 -20.88 -14.04
C LEU B 291 9.71 -21.65 -14.52
N ALA B 292 10.81 -21.58 -13.75
CA ALA B 292 11.99 -22.37 -14.09
C ALA B 292 11.73 -23.85 -13.95
N ASN B 293 10.93 -24.25 -12.95
CA ASN B 293 10.60 -25.66 -12.77
C ASN B 293 9.70 -26.17 -13.90
N VAL B 294 8.73 -25.36 -14.35
CA VAL B 294 7.86 -25.82 -15.43
C VAL B 294 8.61 -25.82 -16.77
N ILE B 295 9.61 -24.95 -16.94
CA ILE B 295 10.39 -24.97 -18.17
C ILE B 295 11.35 -26.17 -18.16
N LYS B 296 11.87 -26.52 -16.97
CA LYS B 296 12.74 -27.70 -16.85
C LYS B 296 11.95 -28.99 -17.03
N LYS B 297 10.70 -29.01 -16.57
CA LYS B 297 9.87 -30.20 -16.77
C LYS B 297 9.44 -30.35 -18.22
N MET B 298 9.08 -29.25 -18.89
CA MET B 298 8.60 -29.38 -20.26
C MET B 298 9.72 -29.43 -21.30
N MET B 299 10.99 -29.46 -20.89
CA MET B 299 12.08 -29.62 -21.82
C MET B 299 12.91 -30.88 -21.54
N ALA B 300 12.39 -31.80 -20.74
CA ALA B 300 13.11 -33.05 -20.48
C ALA B 300 13.06 -34.01 -21.66
N LYS B 301 12.11 -33.79 -22.59
CA LYS B 301 11.96 -34.47 -23.88
C LYS B 301 11.66 -35.97 -23.76
N SER B 302 10.45 -36.36 -24.12
CA SER B 302 10.06 -37.77 -24.19
C SER B 302 10.81 -38.49 -25.30
N THR B 303 10.64 -38.07 -26.55
CA THR B 303 11.49 -38.56 -27.64
C THR B 303 12.62 -37.58 -27.85
N ASP B 304 13.19 -37.55 -29.05
CA ASP B 304 14.26 -36.61 -29.35
C ASP B 304 13.77 -35.55 -30.31
N GLU B 305 12.74 -35.89 -31.09
CA GLU B 305 12.16 -34.97 -32.05
C GLU B 305 10.84 -34.37 -31.56
N GLU B 306 10.61 -34.38 -30.26
CA GLU B 306 9.43 -33.74 -29.69
C GLU B 306 9.59 -32.23 -29.73
N LEU B 307 8.58 -31.55 -30.27
CA LEU B 307 8.57 -30.10 -30.32
C LEU B 307 8.01 -29.52 -29.02
N SER B 308 8.40 -28.29 -28.73
CA SER B 308 7.93 -27.59 -27.54
C SER B 308 7.82 -26.11 -27.88
N TYR B 309 6.63 -25.56 -27.71
CA TYR B 309 6.36 -24.16 -28.03
C TYR B 309 5.72 -23.49 -26.83
N THR B 310 6.02 -22.20 -26.64
CA THR B 310 5.51 -21.44 -25.51
C THR B 310 4.73 -20.23 -26.00
N ILE B 311 3.53 -20.08 -25.47
CA ILE B 311 2.68 -18.92 -25.73
C ILE B 311 2.96 -17.90 -24.64
N THR B 312 3.48 -16.75 -25.04
CA THR B 312 3.51 -15.59 -24.15
C THR B 312 2.16 -14.92 -24.22
N GLY B 313 1.27 -15.28 -23.30
CA GLY B 313 -0.13 -14.97 -23.45
C GLY B 313 -0.61 -13.82 -22.61
N ASP B 314 -1.61 -13.12 -23.15
CA ASP B 314 -2.41 -12.16 -22.41
C ASP B 314 -3.87 -12.51 -22.62
N ASN B 315 -4.70 -12.13 -21.66
CA ASN B 315 -6.13 -12.36 -21.73
C ASN B 315 -6.85 -11.04 -21.93
N THR B 316 -7.62 -10.93 -23.00
CA THR B 316 -8.35 -9.70 -23.29
C THR B 316 -9.66 -9.67 -22.52
N LYS B 317 -9.93 -8.53 -21.87
CA LYS B 317 -11.15 -8.26 -21.11
C LYS B 317 -11.41 -9.33 -20.07
N TRP B 318 -10.44 -9.50 -19.17
CA TRP B 318 -10.45 -10.60 -18.23
C TRP B 318 -11.56 -10.45 -17.20
N ASN B 319 -11.67 -9.27 -16.61
CA ASN B 319 -12.66 -9.03 -15.57
C ASN B 319 -14.05 -8.81 -16.14
N GLU B 320 -14.17 -8.47 -17.42
CA GLU B 320 -15.48 -8.20 -17.99
C GLU B 320 -16.18 -9.45 -18.49
N ASN B 321 -15.50 -10.60 -18.48
CA ASN B 321 -16.05 -11.82 -19.06
C ASN B 321 -16.14 -12.98 -18.09
N GLN B 322 -15.56 -12.88 -16.90
CA GLN B 322 -15.79 -13.87 -15.87
C GLN B 322 -17.05 -13.52 -15.11
N ASN B 323 -17.86 -14.53 -14.82
CA ASN B 323 -19.22 -14.30 -14.35
C ASN B 323 -19.38 -14.80 -12.91
N PRO B 324 -20.14 -14.08 -12.08
CA PRO B 324 -20.35 -14.53 -10.70
C PRO B 324 -21.14 -15.83 -10.56
N ARG B 325 -21.94 -16.21 -11.55
CA ARG B 325 -22.66 -17.47 -11.47
C ARG B 325 -21.73 -18.66 -11.69
N ILE B 326 -20.72 -18.49 -12.56
CA ILE B 326 -19.68 -19.48 -12.72
C ILE B 326 -18.87 -19.63 -11.44
N PHE B 327 -18.55 -18.51 -10.78
CA PHE B 327 -17.87 -18.56 -9.50
C PHE B 327 -18.73 -19.21 -8.41
N LEU B 328 -20.05 -19.04 -8.50
CA LEU B 328 -20.96 -19.73 -7.59
C LEU B 328 -20.90 -21.24 -7.80
N ALA B 329 -20.91 -21.67 -9.06
CA ALA B 329 -20.79 -23.10 -9.36
C ALA B 329 -19.45 -23.67 -8.93
N MET B 330 -18.38 -22.88 -9.09
CA MET B 330 -17.05 -23.30 -8.65
C MET B 330 -16.98 -23.44 -7.14
N VAL B 331 -17.55 -22.48 -6.41
CA VAL B 331 -17.55 -22.52 -4.95
C VAL B 331 -18.36 -23.71 -4.45
N LEU B 332 -19.50 -23.98 -5.08
CA LEU B 332 -20.32 -25.10 -4.66
C LEU B 332 -19.75 -26.45 -5.08
N ARG B 333 -18.90 -26.50 -6.10
CA ARG B 333 -18.26 -27.75 -6.48
C ARG B 333 -16.99 -28.05 -5.68
N ILE B 334 -16.23 -27.01 -5.34
CA ILE B 334 -15.06 -27.19 -4.49
C ILE B 334 -15.47 -27.65 -3.10
N THR B 335 -16.54 -27.09 -2.56
CA THR B 335 -17.02 -27.40 -1.24
C THR B 335 -17.94 -28.63 -1.20
N ALA B 336 -17.94 -29.45 -2.24
CA ALA B 336 -18.84 -30.61 -2.30
C ALA B 336 -18.44 -31.63 -1.25
N GLY B 337 -19.34 -31.91 -0.31
CA GLY B 337 -19.06 -32.79 0.80
C GLY B 337 -18.78 -32.11 2.12
N GLN B 338 -18.98 -30.80 2.21
CA GLN B 338 -18.77 -30.01 3.40
C GLN B 338 -20.10 -29.72 4.06
N PRO B 339 -20.11 -29.22 5.31
CA PRO B 339 -21.37 -28.80 5.93
C PRO B 339 -22.05 -27.67 5.18
N GLU B 340 -23.39 -27.70 5.18
CA GLU B 340 -24.17 -26.82 4.31
C GLU B 340 -24.14 -25.37 4.76
N TRP B 341 -23.92 -25.10 6.06
CA TRP B 341 -23.72 -23.72 6.50
C TRP B 341 -22.46 -23.13 5.87
N PHE B 342 -21.43 -23.95 5.72
CA PHE B 342 -20.17 -23.51 5.15
C PHE B 342 -20.32 -23.26 3.65
N ARG B 343 -21.10 -24.11 2.98
CA ARG B 343 -21.40 -23.90 1.57
C ARG B 343 -22.20 -22.63 1.34
N ASP B 344 -23.21 -22.39 2.16
CA ASP B 344 -24.01 -21.17 2.05
C ASP B 344 -23.18 -19.92 2.34
N LEU B 345 -22.34 -19.98 3.38
CA LEU B 345 -21.51 -18.85 3.75
C LEU B 345 -20.48 -18.53 2.67
N LEU B 346 -19.91 -19.55 2.04
CA LEU B 346 -19.02 -19.29 0.92
C LEU B 346 -19.76 -18.94 -0.35
N ALA B 347 -21.05 -19.25 -0.44
CA ALA B 347 -21.80 -18.93 -1.64
C ALA B 347 -22.35 -17.52 -1.64
N VAL B 348 -22.40 -16.87 -0.47
CA VAL B 348 -22.98 -15.52 -0.35
C VAL B 348 -22.28 -14.52 -1.29
N ALA B 349 -20.95 -14.54 -1.33
CA ALA B 349 -20.19 -13.53 -2.09
C ALA B 349 -20.38 -13.59 -3.61
N PRO B 350 -20.41 -14.77 -4.29
CA PRO B 350 -20.81 -14.73 -5.70
C PRO B 350 -22.27 -14.38 -5.92
N ILE B 351 -23.15 -14.67 -4.96
CA ILE B 351 -24.54 -14.27 -5.07
C ILE B 351 -24.67 -12.75 -5.00
N MET B 352 -23.96 -12.12 -4.06
CA MET B 352 -24.01 -10.67 -3.96
C MET B 352 -23.29 -9.99 -5.11
N PHE B 353 -22.27 -10.64 -5.69
CA PHE B 353 -21.63 -10.09 -6.88
C PHE B 353 -22.49 -10.29 -8.12
N SER B 354 -23.38 -11.27 -8.11
CA SER B 354 -24.27 -11.45 -9.25
C SER B 354 -25.37 -10.38 -9.28
N ASN B 355 -25.71 -9.83 -8.11
CA ASN B 355 -26.73 -8.81 -8.00
C ASN B 355 -26.16 -7.42 -7.79
N LYS B 356 -24.90 -7.20 -8.17
CA LYS B 356 -24.23 -5.95 -7.86
C LYS B 356 -24.70 -4.83 -8.79
N VAL B 357 -24.59 -3.61 -8.27
CA VAL B 357 -24.81 -2.40 -9.06
C VAL B 357 -23.56 -1.55 -8.95
N ALA B 358 -23.36 -0.70 -9.94
CA ALA B 358 -22.16 0.13 -10.02
C ALA B 358 -22.54 1.60 -9.86
N ARG B 359 -21.94 2.25 -8.89
CA ARG B 359 -22.05 3.70 -8.78
C ARG B 359 -21.27 4.34 -9.91
N LEU B 360 -21.88 5.33 -10.56
CA LEU B 360 -21.35 5.85 -11.80
C LEU B 360 -20.43 7.05 -11.63
N GLY B 361 -19.82 7.21 -10.47
CA GLY B 361 -18.82 8.26 -10.29
C GLY B 361 -19.41 9.61 -9.96
N ARG B 362 -18.60 10.64 -10.17
CA ARG B 362 -18.95 11.99 -9.76
C ARG B 362 -19.78 12.73 -10.80
N GLY B 363 -19.92 12.20 -11.99
CA GLY B 363 -20.73 12.86 -13.00
C GLY B 363 -19.92 13.55 -14.07
N TYR B 364 -20.29 14.78 -14.39
CA TYR B 364 -19.62 15.50 -15.46
C TYR B 364 -19.55 16.98 -15.13
N MET B 365 -18.65 17.67 -15.81
CA MET B 365 -18.58 19.11 -15.73
C MET B 365 -19.10 19.73 -17.02
N PHE B 366 -19.90 20.78 -16.88
CA PHE B 366 -20.47 21.51 -18.00
C PHE B 366 -19.87 22.90 -18.02
N GLU B 367 -19.67 23.44 -19.21
CA GLU B 367 -19.00 24.72 -19.40
C GLU B 367 -19.83 25.60 -20.32
N SER B 368 -20.11 26.82 -19.87
CA SER B 368 -20.72 27.85 -20.70
C SER B 368 -19.65 28.88 -21.07
N LYS B 369 -19.36 28.96 -22.36
CA LYS B 369 -18.29 29.83 -22.86
C LYS B 369 -18.71 31.27 -22.96
N SER B 370 -19.96 31.54 -23.36
CA SER B 370 -20.45 32.90 -23.47
C SER B 370 -20.69 33.53 -22.11
N MET B 371 -21.20 32.76 -21.15
CA MET B 371 -21.43 33.28 -19.81
C MET B 371 -20.27 33.03 -18.87
N HIS B 372 -19.28 32.24 -19.31
CA HIS B 372 -18.04 31.93 -18.59
C HIS B 372 -18.33 31.31 -17.22
N LEU B 373 -18.95 30.14 -17.25
CA LEU B 373 -19.24 29.44 -16.01
C LEU B 373 -19.06 27.95 -16.20
N ARG B 374 -18.93 27.25 -15.07
CA ARG B 374 -18.78 25.80 -15.08
C ARG B 374 -19.56 25.23 -13.92
N THR B 375 -20.08 24.02 -14.12
CA THR B 375 -20.91 23.40 -13.11
C THR B 375 -20.70 21.90 -13.14
N GLN B 376 -21.04 21.24 -12.04
CA GLN B 376 -20.82 19.81 -11.88
C GLN B 376 -22.17 19.12 -11.71
N ILE B 377 -22.55 18.32 -12.70
CA ILE B 377 -23.73 17.48 -12.58
C ILE B 377 -23.31 16.13 -12.02
N SER B 378 -24.15 15.56 -11.18
CA SER B 378 -23.86 14.28 -10.57
C SER B 378 -24.21 13.15 -11.53
N ALA B 379 -23.84 11.94 -11.13
CA ALA B 379 -24.23 10.77 -11.90
C ALA B 379 -25.67 10.35 -11.62
N GLU B 380 -26.23 10.80 -10.50
CA GLU B 380 -27.65 10.57 -10.24
C GLU B 380 -28.52 11.41 -11.17
N ASN B 381 -28.03 12.57 -11.60
CA ASN B 381 -28.75 13.41 -12.53
C ASN B 381 -28.69 12.91 -13.97
N LEU B 382 -27.90 11.87 -14.24
CA LEU B 382 -27.77 11.37 -15.61
C LEU B 382 -29.00 10.65 -16.11
N SER B 383 -29.85 10.15 -15.21
CA SER B 383 -31.07 9.46 -15.62
C SER B 383 -32.16 10.42 -16.08
N ASP B 384 -32.12 11.68 -15.63
CA ASP B 384 -33.17 12.66 -15.96
C ASP B 384 -32.48 13.99 -16.23
N ILE B 385 -31.93 14.12 -17.44
CA ILE B 385 -31.29 15.35 -17.89
C ILE B 385 -31.43 15.37 -19.41
N ASN B 386 -31.48 16.58 -19.97
CA ASN B 386 -31.60 16.71 -21.41
C ASN B 386 -30.30 16.29 -22.08
N LEU B 387 -30.42 15.58 -23.21
CA LEU B 387 -29.23 15.06 -23.87
C LEU B 387 -28.48 16.09 -24.70
N ARG B 388 -29.00 17.32 -24.81
CA ARG B 388 -28.34 18.34 -25.61
C ARG B 388 -27.07 18.88 -24.96
N TYR B 389 -26.86 18.61 -23.67
CA TYR B 389 -25.66 19.07 -23.00
C TYR B 389 -24.41 18.29 -23.38
N PHE B 390 -24.56 17.06 -23.86
CA PHE B 390 -23.44 16.13 -23.97
C PHE B 390 -22.90 16.07 -25.39
N ASN B 391 -21.63 15.67 -25.50
CA ASN B 391 -21.09 15.34 -26.81
C ASN B 391 -21.59 13.95 -27.24
N GLU B 392 -21.24 13.57 -28.46
CA GLU B 392 -21.87 12.40 -29.09
C GLU B 392 -21.47 11.08 -28.44
N ASP B 393 -20.23 11.00 -27.95
CA ASP B 393 -19.78 9.79 -27.27
C ASP B 393 -20.52 9.59 -25.95
N THR B 394 -20.59 10.65 -25.14
CA THR B 394 -21.30 10.58 -23.87
C THR B 394 -22.81 10.41 -24.08
N LYS B 395 -23.35 11.01 -25.15
CA LYS B 395 -24.77 10.87 -25.45
C LYS B 395 -25.11 9.43 -25.82
N LYS B 396 -24.26 8.79 -26.63
CA LYS B 396 -24.45 7.38 -26.95
C LYS B 396 -24.28 6.49 -25.72
N LYS B 397 -23.35 6.85 -24.83
CA LYS B 397 -23.16 6.08 -23.60
C LYS B 397 -24.38 6.17 -22.69
N ILE B 398 -24.95 7.36 -22.54
CA ILE B 398 -26.09 7.55 -21.64
C ILE B 398 -27.34 6.89 -22.22
N GLU B 399 -27.50 6.93 -23.55
CA GLU B 399 -28.61 6.22 -24.17
C GLU B 399 -28.47 4.71 -24.05
N LYS B 400 -27.25 4.18 -24.17
CA LYS B 400 -27.04 2.75 -23.94
C LYS B 400 -27.17 2.37 -22.46
N ILE B 401 -26.97 3.31 -21.55
CA ILE B 401 -26.91 3.00 -20.13
C ILE B 401 -28.24 3.18 -19.41
N ARG B 402 -29.19 3.91 -20.00
CA ARG B 402 -30.38 4.32 -19.26
C ARG B 402 -31.34 3.19 -18.91
N HIS B 403 -31.26 2.04 -19.58
CA HIS B 403 -32.13 0.94 -19.20
C HIS B 403 -31.55 0.12 -18.04
N LEU B 404 -30.29 0.33 -17.71
CA LEU B 404 -29.64 -0.34 -16.59
C LEU B 404 -29.67 0.47 -15.31
N MET B 405 -30.31 1.63 -15.33
CA MET B 405 -30.24 2.57 -14.22
C MET B 405 -31.18 2.17 -13.10
N VAL B 406 -30.65 2.09 -11.88
CA VAL B 406 -31.46 1.81 -10.69
C VAL B 406 -30.99 2.69 -9.55
N GLU B 407 -31.69 3.82 -9.35
CA GLU B 407 -31.52 4.73 -8.21
C GLU B 407 -30.11 5.30 -8.12
N GLY B 408 -29.66 5.92 -9.21
CA GLY B 408 -28.34 6.52 -9.27
C GLY B 408 -27.22 5.57 -9.62
N THR B 409 -27.49 4.27 -9.68
CA THR B 409 -26.50 3.27 -10.00
C THR B 409 -26.87 2.57 -11.30
N ALA B 410 -25.91 1.90 -11.89
CA ALA B 410 -26.14 1.09 -13.08
C ALA B 410 -26.11 -0.39 -12.69
N SER B 411 -27.09 -1.14 -13.15
CA SER B 411 -27.11 -2.58 -12.93
C SER B 411 -26.01 -3.25 -13.72
N LEU B 412 -25.30 -4.18 -13.08
CA LEU B 412 -24.13 -4.79 -13.68
C LEU B 412 -24.06 -6.25 -13.22
N SER B 413 -24.99 -7.06 -13.74
CA SER B 413 -25.03 -8.47 -13.34
C SER B 413 -23.87 -9.30 -13.91
N PRO B 414 -23.56 -9.28 -15.22
CA PRO B 414 -22.40 -10.04 -15.67
C PRO B 414 -21.10 -9.30 -15.38
N GLY B 415 -20.00 -10.02 -15.53
CA GLY B 415 -18.69 -9.45 -15.32
C GLY B 415 -18.29 -9.42 -13.86
N MET B 416 -17.02 -9.09 -13.63
CA MET B 416 -16.44 -8.97 -12.30
C MET B 416 -15.68 -7.65 -12.26
N MET B 417 -16.41 -6.55 -12.04
CA MET B 417 -15.85 -5.21 -12.22
C MET B 417 -14.82 -4.87 -11.16
N MET B 418 -15.13 -5.13 -9.89
CA MET B 418 -14.18 -4.85 -8.81
C MET B 418 -13.01 -5.81 -8.80
N GLY B 419 -13.17 -7.03 -9.32
CA GLY B 419 -12.09 -7.97 -9.48
C GLY B 419 -11.45 -8.44 -8.18
N MET B 420 -12.26 -9.01 -7.30
CA MET B 420 -11.75 -9.50 -6.02
C MET B 420 -11.51 -10.99 -6.00
N PHE B 421 -11.98 -11.72 -7.00
CA PHE B 421 -11.78 -13.17 -7.04
C PHE B 421 -10.56 -13.51 -7.87
N ASN B 422 -9.41 -12.93 -7.51
CA ASN B 422 -8.16 -13.19 -8.23
C ASN B 422 -7.71 -14.63 -8.07
N MET B 423 -7.76 -15.14 -6.85
CA MET B 423 -7.32 -16.52 -6.62
C MET B 423 -8.34 -17.51 -7.17
N LEU B 424 -9.62 -17.16 -7.19
CA LEU B 424 -10.63 -18.04 -7.76
C LEU B 424 -10.55 -18.08 -9.28
N SER B 425 -10.27 -16.94 -9.92
CA SER B 425 -9.98 -16.90 -11.34
C SER B 425 -8.70 -17.65 -11.68
N THR B 426 -7.73 -17.62 -10.76
CA THR B 426 -6.52 -18.41 -10.94
C THR B 426 -6.81 -19.91 -10.87
N VAL B 427 -7.73 -20.31 -9.99
CA VAL B 427 -8.15 -21.72 -9.93
C VAL B 427 -8.84 -22.12 -11.22
N LEU B 428 -9.65 -21.23 -11.78
CA LEU B 428 -10.33 -21.53 -13.05
C LEU B 428 -9.35 -21.64 -14.22
N GLY B 429 -8.31 -20.79 -14.25
CA GLY B 429 -7.30 -20.93 -15.28
C GLY B 429 -6.41 -22.15 -15.10
N VAL B 430 -6.11 -22.50 -13.84
CA VAL B 430 -5.30 -23.67 -13.54
C VAL B 430 -6.04 -24.96 -13.90
N SER B 431 -7.37 -24.95 -13.85
CA SER B 431 -8.15 -26.11 -14.31
C SER B 431 -7.98 -26.34 -15.81
N VAL B 432 -7.95 -25.27 -16.61
CA VAL B 432 -7.71 -25.41 -18.04
C VAL B 432 -6.27 -25.83 -18.31
N LEU B 433 -5.32 -25.35 -17.49
CA LEU B 433 -3.95 -25.84 -17.61
C LEU B 433 -3.83 -27.31 -17.21
N ASN B 434 -4.65 -27.76 -16.26
CA ASN B 434 -4.61 -29.12 -15.76
C ASN B 434 -5.25 -30.10 -16.73
N LEU B 435 -6.14 -29.61 -17.59
CA LEU B 435 -6.73 -30.44 -18.64
C LEU B 435 -5.68 -31.02 -19.59
N GLY B 436 -4.58 -30.33 -19.80
CA GLY B 436 -3.64 -30.72 -20.84
C GLY B 436 -2.54 -31.70 -20.46
N GLN B 437 -2.79 -32.57 -19.49
CA GLN B 437 -1.85 -33.64 -19.20
C GLN B 437 -1.97 -34.75 -20.24
N ARG B 438 -0.87 -35.48 -20.45
CA ARG B 438 -0.84 -36.51 -21.46
C ARG B 438 -1.72 -37.70 -21.10
N GLU B 439 -1.89 -37.95 -19.80
CA GLU B 439 -2.69 -39.06 -19.33
C GLU B 439 -4.19 -38.73 -19.31
N ILE B 440 -4.55 -37.45 -19.44
CA ILE B 440 -5.95 -37.08 -19.55
C ILE B 440 -6.36 -36.94 -21.01
N LEU B 441 -5.56 -36.20 -21.78
CA LEU B 441 -5.93 -35.91 -23.17
C LEU B 441 -5.83 -37.14 -24.06
N LYS B 442 -4.75 -37.92 -23.89
CA LYS B 442 -4.39 -39.07 -24.74
C LYS B 442 -4.30 -38.68 -26.22
N ARG B 443 -3.85 -37.46 -26.50
CA ARG B 443 -3.77 -36.93 -27.84
C ARG B 443 -2.31 -36.94 -28.30
N THR B 444 -2.06 -36.33 -29.45
CA THR B 444 -0.71 -36.11 -29.94
C THR B 444 -0.08 -34.84 -29.39
N TYR B 445 -0.76 -34.18 -28.45
CA TYR B 445 -0.25 -32.96 -27.84
C TYR B 445 -0.56 -32.99 -26.35
N TRP B 446 0.16 -32.14 -25.61
CA TRP B 446 -0.11 -31.93 -24.19
C TRP B 446 0.42 -30.55 -23.81
N TRP B 447 -0.12 -30.00 -22.73
CA TRP B 447 0.32 -28.68 -22.33
C TRP B 447 0.48 -28.57 -20.83
N ASP B 448 1.17 -27.52 -20.42
CA ASP B 448 1.44 -27.18 -19.04
C ASP B 448 1.79 -25.69 -19.01
N GLY B 449 1.85 -25.11 -17.83
CA GLY B 449 2.23 -23.72 -17.73
C GLY B 449 1.91 -23.15 -16.37
N LEU B 450 1.86 -21.82 -16.31
CA LEU B 450 1.62 -21.10 -15.08
C LEU B 450 0.50 -20.09 -15.29
N GLN B 451 -0.33 -19.92 -14.27
CA GLN B 451 -1.46 -19.01 -14.31
C GLN B 451 -1.36 -18.06 -13.13
N SER B 452 -1.30 -16.76 -13.41
CA SER B 452 -1.31 -15.74 -12.37
C SER B 452 -2.40 -14.76 -12.73
N SER B 453 -3.65 -15.15 -12.43
CA SER B 453 -4.86 -14.41 -12.70
C SER B 453 -5.00 -14.04 -14.17
N ASP B 454 -4.65 -12.80 -14.52
CA ASP B 454 -4.81 -12.33 -15.89
C ASP B 454 -3.76 -12.93 -16.83
N ASP B 455 -2.51 -12.99 -16.38
CA ASP B 455 -1.41 -13.45 -17.22
C ASP B 455 -1.32 -14.98 -17.20
N PHE B 456 -0.78 -15.54 -18.29
CA PHE B 456 -0.55 -16.96 -18.36
C PHE B 456 0.61 -17.26 -19.30
N ALA B 457 1.39 -18.27 -18.94
CA ALA B 457 2.35 -18.90 -19.82
C ALA B 457 1.84 -20.30 -20.13
N LEU B 458 2.01 -20.73 -21.37
CA LEU B 458 1.52 -22.03 -21.81
C LEU B 458 2.56 -22.69 -22.67
N ILE B 459 3.18 -23.75 -22.17
CA ILE B 459 4.08 -24.57 -22.97
C ILE B 459 3.28 -25.71 -23.59
N ILE B 460 3.31 -25.81 -24.90
CA ILE B 460 2.61 -26.86 -25.64
C ILE B 460 3.67 -27.76 -26.25
N ASN B 461 3.58 -29.05 -25.97
CA ASN B 461 4.46 -30.02 -26.57
C ASN B 461 3.69 -30.92 -27.53
N GLY B 462 4.37 -31.37 -28.57
CA GLY B 462 3.81 -32.29 -29.54
C GLY B 462 4.92 -32.94 -30.31
N HIS B 463 4.54 -33.68 -31.35
CA HIS B 463 5.53 -34.28 -32.22
C HIS B 463 5.67 -33.58 -33.55
N PHE B 464 4.62 -32.93 -34.02
CA PHE B 464 4.65 -32.14 -35.24
C PHE B 464 4.09 -30.76 -34.95
N LYS B 465 4.25 -29.86 -35.91
CA LYS B 465 3.78 -28.49 -35.71
C LYS B 465 2.27 -28.40 -35.80
N GLU B 466 1.64 -29.30 -36.55
CA GLU B 466 0.18 -29.34 -36.59
C GLU B 466 -0.40 -29.87 -35.28
N ASP B 467 0.35 -30.70 -34.56
CA ASP B 467 -0.04 -31.07 -33.20
C ASP B 467 0.02 -29.86 -32.26
N ILE B 468 1.00 -28.99 -32.48
CA ILE B 468 1.11 -27.76 -31.69
C ILE B 468 -0.06 -26.84 -31.99
N GLN B 469 -0.46 -26.73 -33.27
CA GLN B 469 -1.61 -25.93 -33.64
C GLN B 469 -2.90 -26.50 -33.10
N GLN B 470 -3.04 -27.84 -33.11
CA GLN B 470 -4.23 -28.46 -32.57
C GLN B 470 -4.32 -28.31 -31.05
N GLY B 471 -3.18 -28.35 -30.35
CA GLY B 471 -3.19 -28.10 -28.93
C GLY B 471 -3.51 -26.66 -28.59
N VAL B 472 -3.01 -25.72 -29.40
CA VAL B 472 -3.32 -24.30 -29.21
C VAL B 472 -4.81 -24.05 -29.43
N ASN B 473 -5.39 -24.65 -30.47
CA ASN B 473 -6.81 -24.49 -30.73
C ASN B 473 -7.66 -25.15 -29.65
N HIS B 474 -7.22 -26.30 -29.14
CA HIS B 474 -7.93 -26.98 -28.07
C HIS B 474 -7.94 -26.15 -26.79
N PHE B 475 -6.78 -25.59 -26.42
CA PHE B 475 -6.68 -24.73 -25.25
C PHE B 475 -7.53 -23.47 -25.42
N TYR B 476 -7.48 -22.87 -26.61
CA TYR B 476 -8.20 -21.62 -26.87
C TYR B 476 -9.71 -21.83 -26.84
N ARG B 477 -10.19 -22.92 -27.44
CA ARG B 477 -11.63 -23.17 -27.44
C ARG B 477 -12.12 -23.64 -26.08
N THR B 478 -11.29 -24.36 -25.32
CA THR B 478 -11.67 -24.72 -23.95
C THR B 478 -11.73 -23.49 -23.06
N CYS B 479 -10.84 -22.53 -23.27
CA CYS B 479 -10.92 -21.27 -22.54
C CYS B 479 -12.14 -20.47 -22.93
N LYS B 480 -12.51 -20.50 -24.22
CA LYS B 480 -13.72 -19.83 -24.68
C LYS B 480 -14.98 -20.46 -24.10
N LEU B 481 -14.96 -21.76 -23.83
CA LEU B 481 -16.11 -22.41 -23.23
C LEU B 481 -16.36 -22.00 -21.78
N VAL B 482 -15.35 -21.48 -21.08
CA VAL B 482 -15.47 -21.13 -19.68
C VAL B 482 -15.30 -19.63 -19.45
N GLY B 483 -15.41 -18.84 -20.52
CA GLY B 483 -15.38 -17.40 -20.38
C GLY B 483 -14.01 -16.77 -20.30
N ILE B 484 -12.96 -17.47 -20.72
CA ILE B 484 -11.60 -16.94 -20.74
C ILE B 484 -11.26 -16.59 -22.19
N ASN B 485 -10.92 -15.34 -22.44
CA ASN B 485 -10.66 -14.87 -23.80
C ASN B 485 -9.18 -14.54 -23.93
N MET B 486 -8.45 -15.39 -24.66
CA MET B 486 -7.04 -15.14 -24.92
C MET B 486 -6.91 -14.00 -25.93
N SER B 487 -6.07 -13.02 -25.61
CA SER B 487 -5.88 -11.88 -26.49
C SER B 487 -5.02 -12.28 -27.67
N GLN B 488 -5.59 -12.25 -28.87
CA GLN B 488 -4.81 -12.59 -30.05
C GLN B 488 -3.93 -11.46 -30.55
N LYS B 489 -4.22 -10.21 -30.16
CA LYS B 489 -3.30 -9.12 -30.50
C LYS B 489 -2.06 -9.12 -29.62
N LYS B 490 -2.17 -9.63 -28.40
CA LYS B 490 -1.11 -9.51 -27.41
C LYS B 490 -0.38 -10.82 -27.16
N SER B 491 -0.85 -11.93 -27.69
CA SER B 491 -0.18 -13.20 -27.48
C SER B 491 0.58 -13.61 -28.74
N TYR B 492 1.66 -14.35 -28.53
CA TYR B 492 2.47 -14.86 -29.62
C TYR B 492 3.09 -16.15 -29.13
N ILE B 493 3.65 -16.91 -30.07
CA ILE B 493 4.18 -18.22 -29.77
C ILE B 493 5.55 -18.34 -30.42
N ASN B 494 6.46 -19.02 -29.73
CA ASN B 494 7.75 -19.37 -30.28
C ASN B 494 8.19 -20.67 -29.61
N LYS B 495 9.30 -21.21 -30.09
CA LYS B 495 9.88 -22.40 -29.45
C LYS B 495 10.36 -22.08 -28.05
N THR B 496 10.34 -23.08 -27.19
CA THR B 496 10.61 -22.90 -25.77
C THR B 496 12.07 -22.56 -25.53
N GLY B 497 12.29 -21.52 -24.73
CA GLY B 497 13.61 -21.00 -24.43
C GLY B 497 13.51 -19.55 -24.00
N THR B 498 12.59 -18.82 -24.63
CA THR B 498 12.29 -17.44 -24.31
C THR B 498 10.79 -17.27 -24.13
N PHE B 499 10.41 -16.51 -23.12
CA PHE B 499 9.03 -16.06 -22.96
C PHE B 499 9.00 -14.84 -22.05
N GLU B 500 7.80 -14.39 -21.74
CA GLU B 500 7.58 -13.30 -20.80
C GLU B 500 6.39 -13.63 -19.93
N PHE B 501 6.47 -13.29 -18.65
CA PHE B 501 5.41 -13.57 -17.69
C PHE B 501 5.45 -12.50 -16.62
N THR B 502 4.43 -11.63 -16.61
CA THR B 502 4.27 -10.51 -15.67
C THR B 502 5.51 -9.62 -15.60
N SER B 503 5.94 -9.17 -16.78
CA SER B 503 7.16 -8.39 -17.01
C SER B 503 8.43 -9.10 -16.54
N PHE B 504 8.41 -10.42 -16.42
CA PHE B 504 9.60 -11.21 -16.22
C PHE B 504 10.00 -11.82 -17.55
N PHE B 505 11.20 -11.50 -18.01
CA PHE B 505 11.65 -11.89 -19.33
C PHE B 505 12.61 -13.05 -19.19
N TYR B 506 12.24 -14.20 -19.74
CA TYR B 506 13.04 -15.40 -19.68
C TYR B 506 13.71 -15.60 -21.02
N ARG B 507 15.05 -15.57 -21.04
CA ARG B 507 15.86 -15.93 -22.20
C ARG B 507 16.92 -16.92 -21.70
N TYR B 508 16.54 -18.20 -21.67
CA TYR B 508 17.36 -19.30 -21.14
C TYR B 508 17.80 -19.00 -19.71
N GLY B 509 16.85 -18.58 -18.90
CA GLY B 509 17.14 -17.99 -17.60
C GLY B 509 16.54 -16.61 -17.52
N PHE B 510 16.11 -16.20 -16.33
CA PHE B 510 15.52 -14.89 -16.17
C PHE B 510 16.59 -13.80 -16.21
N VAL B 511 16.30 -12.73 -16.93
CA VAL B 511 17.19 -11.61 -17.03
C VAL B 511 16.75 -10.53 -16.04
N ALA B 512 17.57 -9.51 -15.88
CA ALA B 512 17.23 -8.40 -15.02
C ALA B 512 16.33 -7.41 -15.74
N ASN B 513 15.32 -6.92 -15.04
CA ASN B 513 14.50 -5.81 -15.50
C ASN B 513 14.58 -4.75 -14.41
N PHE B 514 15.64 -3.95 -14.48
CA PHE B 514 15.91 -2.95 -13.45
C PHE B 514 14.96 -1.76 -13.52
N SER B 515 14.47 -1.43 -14.71
CA SER B 515 13.64 -0.24 -14.90
C SER B 515 12.27 -0.37 -14.24
N MET B 516 11.81 -1.59 -13.98
CA MET B 516 10.59 -1.81 -13.22
C MET B 516 10.72 -1.32 -11.79
N GLU B 517 11.94 -1.38 -11.24
CA GLU B 517 12.19 -1.02 -9.85
C GLU B 517 12.72 0.40 -9.69
N LEU B 518 12.95 1.11 -10.79
CA LEU B 518 13.46 2.48 -10.72
C LEU B 518 12.55 3.49 -10.01
N PRO B 519 11.21 3.43 -10.09
CA PRO B 519 10.42 4.33 -9.23
C PRO B 519 10.57 4.06 -7.73
N SER B 520 10.96 2.85 -7.32
CA SER B 520 11.16 2.57 -5.90
C SER B 520 12.42 3.21 -5.34
N PHE B 521 13.35 3.61 -6.20
CA PHE B 521 14.54 4.32 -5.76
C PHE B 521 14.19 5.79 -5.53
N GLY B 522 14.63 6.33 -4.42
CA GLY B 522 14.25 7.69 -4.07
C GLY B 522 13.69 7.72 -2.68
N VAL B 523 13.26 8.91 -2.27
CA VAL B 523 12.80 9.12 -0.91
C VAL B 523 11.37 8.61 -0.78
N ALA B 524 11.13 7.73 0.18
CA ALA B 524 9.86 7.03 0.27
C ALA B 524 8.75 7.93 0.81
N GLY B 525 9.07 8.84 1.72
CA GLY B 525 8.09 9.79 2.18
C GLY B 525 7.37 9.46 3.47
N ASN B 526 8.04 8.83 4.42
CA ASN B 526 7.43 8.50 5.70
C ASN B 526 7.88 9.49 6.76
N ASN B 527 9.14 9.38 7.17
CA ASN B 527 9.86 10.38 7.94
C ASN B 527 11.33 10.17 7.62
N GLU B 528 12.22 10.87 8.33
CA GLU B 528 13.64 10.83 8.01
C GLU B 528 14.27 9.46 8.29
N SER B 529 13.97 8.89 9.46
CA SER B 529 14.54 7.61 9.88
C SER B 529 14.07 6.47 8.99
N ALA B 530 12.74 6.40 8.78
CA ALA B 530 12.15 5.35 7.96
C ALA B 530 12.63 5.43 6.52
N ASP B 531 12.79 6.64 5.98
CA ASP B 531 13.18 6.78 4.58
C ASP B 531 14.64 6.41 4.39
N MET B 532 15.51 6.72 5.36
CA MET B 532 16.89 6.27 5.29
C MET B 532 16.98 4.75 5.28
N SER B 533 16.23 4.10 6.18
CA SER B 533 16.19 2.64 6.23
C SER B 533 15.64 2.03 4.95
N ILE B 534 14.56 2.62 4.41
CA ILE B 534 13.91 2.10 3.21
C ILE B 534 14.81 2.27 1.99
N GLY B 535 15.52 3.40 1.90
CA GLY B 535 16.39 3.63 0.75
C GLY B 535 17.57 2.68 0.68
N THR B 536 18.24 2.48 1.83
CA THR B 536 19.35 1.52 1.82
C THR B 536 18.85 0.08 1.64
N THR B 537 17.65 -0.24 2.15
CA THR B 537 17.12 -1.58 1.98
C THR B 537 16.69 -1.84 0.54
N VAL B 538 16.19 -0.82 -0.15
CA VAL B 538 15.80 -0.94 -1.55
C VAL B 538 17.02 -1.18 -2.42
N ILE B 539 18.12 -0.47 -2.14
CA ILE B 539 19.36 -0.71 -2.88
C ILE B 539 19.88 -2.12 -2.62
N LYS B 540 19.83 -2.59 -1.37
CA LYS B 540 20.30 -3.93 -1.03
C LYS B 540 19.45 -5.02 -1.68
N THR B 541 18.12 -4.86 -1.64
CA THR B 541 17.19 -5.83 -2.21
C THR B 541 17.35 -5.92 -3.72
N ASN B 542 17.59 -4.79 -4.37
CA ASN B 542 17.80 -4.83 -5.81
C ASN B 542 19.17 -5.39 -6.17
N MET B 543 20.16 -5.24 -5.28
CA MET B 543 21.43 -5.94 -5.49
C MET B 543 21.24 -7.46 -5.41
N ILE B 544 20.39 -7.92 -4.49
CA ILE B 544 20.21 -9.36 -4.33
C ILE B 544 19.36 -9.93 -5.47
N ASN B 545 18.27 -9.26 -5.81
CA ASN B 545 17.25 -9.84 -6.70
C ASN B 545 17.33 -9.36 -8.14
N ASN B 546 17.28 -8.04 -8.36
CA ASN B 546 17.15 -7.50 -9.72
C ASN B 546 18.48 -7.28 -10.40
N ASP B 547 19.54 -7.95 -9.93
CA ASP B 547 20.88 -7.94 -10.53
C ASP B 547 21.45 -6.53 -10.65
N LEU B 548 21.24 -5.72 -9.61
CA LEU B 548 21.82 -4.39 -9.55
C LEU B 548 23.32 -4.52 -9.29
N GLY B 549 24.13 -4.01 -10.21
CA GLY B 549 25.57 -4.12 -10.11
C GLY B 549 26.14 -3.30 -8.98
N PRO B 550 27.40 -3.55 -8.62
CA PRO B 550 28.00 -2.85 -7.48
C PRO B 550 28.26 -1.37 -7.73
N ALA B 551 28.71 -1.01 -8.94
CA ALA B 551 28.93 0.41 -9.26
C ALA B 551 27.61 1.16 -9.31
N THR B 552 26.57 0.54 -9.88
CA THR B 552 25.25 1.17 -9.91
C THR B 552 24.64 1.25 -8.52
N ALA B 553 24.96 0.29 -7.64
CA ALA B 553 24.51 0.38 -6.26
C ALA B 553 25.22 1.51 -5.52
N GLN B 554 26.50 1.73 -5.80
CA GLN B 554 27.22 2.86 -5.19
C GLN B 554 26.66 4.20 -5.67
N MET B 555 26.38 4.31 -6.97
CA MET B 555 25.77 5.53 -7.48
C MET B 555 24.35 5.70 -6.96
N ALA B 556 23.62 4.61 -6.73
CA ALA B 556 22.29 4.71 -6.15
C ALA B 556 22.33 5.16 -4.70
N ILE B 557 23.35 4.75 -3.94
CA ILE B 557 23.56 5.29 -2.60
C ILE B 557 23.80 6.80 -2.66
N GLN B 558 24.65 7.24 -3.58
CA GLN B 558 24.94 8.67 -3.72
C GLN B 558 23.72 9.48 -4.11
N LEU B 559 22.92 8.97 -5.06
CA LEU B 559 21.75 9.69 -5.51
C LEU B 559 20.64 9.69 -4.47
N PHE B 560 20.51 8.60 -3.69
CA PHE B 560 19.57 8.59 -2.60
C PHE B 560 19.96 9.59 -1.52
N ILE B 561 21.25 9.68 -1.20
CA ILE B 561 21.69 10.61 -0.15
C ILE B 561 21.48 12.05 -0.60
N LYS B 562 21.68 12.34 -1.88
CA LYS B 562 21.41 13.68 -2.39
C LYS B 562 19.91 14.01 -2.37
N ASP B 563 19.07 13.08 -2.82
CA ASP B 563 17.62 13.30 -2.81
C ASP B 563 17.08 13.38 -1.38
N TYR B 564 17.71 12.68 -0.45
CA TYR B 564 17.33 12.70 0.95
C TYR B 564 17.70 14.03 1.58
N ARG B 565 18.90 14.56 1.29
CA ARG B 565 19.30 15.84 1.84
C ARG B 565 18.48 16.97 1.27
N TYR B 566 18.08 16.89 0.00
CA TYR B 566 17.26 17.96 -0.56
C TYR B 566 15.82 17.85 -0.11
N THR B 567 15.30 16.63 0.07
CA THR B 567 13.92 16.45 0.46
C THR B 567 13.67 16.92 1.89
N TYR B 568 14.52 16.54 2.83
CA TYR B 568 14.31 16.88 4.22
C TYR B 568 15.09 18.11 4.66
N ARG B 569 15.67 18.84 3.71
CA ARG B 569 16.45 20.07 3.92
C ARG B 569 17.59 19.85 4.92
N CYS B 570 18.14 18.65 4.94
CA CYS B 570 19.16 18.27 5.92
C CYS B 570 20.50 18.12 5.24
N HIS B 571 20.94 19.19 4.57
CA HIS B 571 22.24 19.21 3.93
C HIS B 571 23.35 19.18 4.98
N ARG B 572 24.56 18.86 4.52
CA ARG B 572 25.69 18.70 5.42
C ARG B 572 26.02 20.02 6.11
N GLY B 573 26.46 19.92 7.37
CA GLY B 573 26.64 21.08 8.22
C GLY B 573 27.70 22.04 7.76
N ASP B 574 28.65 21.59 6.94
CA ASP B 574 29.67 22.46 6.40
C ASP B 574 29.31 23.06 5.04
N THR B 575 28.21 22.65 4.43
CA THR B 575 27.85 23.16 3.12
C THR B 575 27.21 24.54 3.25
N ASN B 576 27.04 25.20 2.10
CA ASN B 576 26.69 26.62 2.06
C ASN B 576 25.30 26.88 1.50
N LEU B 577 24.42 25.89 1.53
CA LEU B 577 23.05 26.11 1.11
C LEU B 577 22.30 26.94 2.15
N GLU B 578 21.12 27.42 1.77
CA GLU B 578 20.25 28.19 2.66
C GLU B 578 18.83 27.65 2.55
N THR B 579 18.39 26.92 3.57
CA THR B 579 17.02 26.46 3.71
C THR B 579 16.45 27.03 5.01
N ARG B 580 15.27 26.54 5.38
CA ARG B 580 14.71 26.88 6.68
C ARG B 580 15.44 26.20 7.83
N ARG B 581 16.19 25.14 7.55
CA ARG B 581 16.86 24.35 8.57
C ARG B 581 18.35 24.58 8.65
N THR B 582 18.88 25.57 7.93
CA THR B 582 20.33 25.71 7.77
C THR B 582 20.99 26.16 9.07
N LYS B 583 20.42 27.16 9.73
CA LYS B 583 21.06 27.76 10.90
C LYS B 583 21.06 26.80 12.09
N SER B 584 19.97 26.04 12.27
CA SER B 584 19.88 25.11 13.38
C SER B 584 20.83 23.92 13.19
N ILE B 585 20.90 23.38 11.97
CA ILE B 585 21.82 22.29 11.66
C ILE B 585 23.27 22.78 11.75
N LYS B 586 23.52 24.03 11.39
CA LYS B 586 24.86 24.60 11.52
C LYS B 586 25.25 24.77 12.99
N ARG B 587 24.30 25.14 13.84
CA ARG B 587 24.57 25.21 15.28
C ARG B 587 24.85 23.82 15.85
N LEU B 588 24.10 22.81 15.42
CA LEU B 588 24.38 21.45 15.87
C LEU B 588 25.71 20.94 15.35
N TRP B 589 26.12 21.40 14.16
CA TRP B 589 27.39 21.00 13.59
C TRP B 589 28.57 21.60 14.35
N THR B 590 28.48 22.89 14.70
CA THR B 590 29.62 23.54 15.36
C THR B 590 29.79 23.08 16.80
N GLU B 591 28.70 22.69 17.46
CA GLU B 591 28.76 22.26 18.85
C GLU B 591 29.05 20.78 19.01
N THR B 592 29.26 20.06 17.91
CA THR B 592 29.51 18.63 17.93
C THR B 592 31.01 18.37 17.82
N ILE B 593 31.53 17.53 18.70
CA ILE B 593 32.94 17.17 18.65
C ILE B 593 33.21 16.18 17.52
N SER B 594 32.48 15.06 17.52
CA SER B 594 32.66 14.01 16.53
C SER B 594 31.57 14.17 15.47
N LYS B 595 31.94 14.77 14.34
CA LYS B 595 30.99 15.03 13.26
C LYS B 595 30.53 13.76 12.56
N ALA B 596 31.34 12.70 12.59
CA ALA B 596 31.00 11.46 11.93
C ALA B 596 29.85 10.71 12.61
N GLY B 597 29.53 11.05 13.86
CA GLY B 597 28.40 10.46 14.54
C GLY B 597 27.08 11.14 14.29
N LEU B 598 27.07 12.29 13.63
CA LEU B 598 25.81 12.94 13.28
C LEU B 598 25.11 12.18 12.16
N LEU B 599 23.81 11.98 12.32
CA LEU B 599 23.00 11.38 11.27
C LEU B 599 22.89 12.33 10.08
N VAL B 600 22.52 11.76 8.93
CA VAL B 600 22.34 12.56 7.72
C VAL B 600 21.19 13.55 7.89
N ALA B 601 20.14 13.14 8.61
CA ALA B 601 19.04 14.04 8.94
C ALA B 601 19.46 15.17 9.88
N ASP B 602 20.55 15.01 10.61
CA ASP B 602 21.09 16.06 11.46
C ASP B 602 22.26 16.80 10.82
N GLY B 603 22.47 16.63 9.52
CA GLY B 603 23.53 17.31 8.82
C GLY B 603 24.86 16.60 8.82
N GLY B 604 24.88 15.31 9.14
CA GLY B 604 26.12 14.56 9.19
C GLY B 604 26.46 13.88 7.88
N PRO B 605 27.59 13.20 7.84
CA PRO B 605 28.04 12.58 6.61
C PRO B 605 27.34 11.26 6.33
N ASN B 606 27.43 10.84 5.08
CA ASN B 606 26.88 9.56 4.67
C ASN B 606 27.86 8.45 5.03
N PRO B 607 27.42 7.44 5.80
CA PRO B 607 28.32 6.35 6.16
C PRO B 607 28.26 5.14 5.24
N TYR B 608 27.36 5.12 4.27
CA TYR B 608 26.98 3.91 3.56
C TYR B 608 27.86 3.63 2.37
N ASN B 609 28.23 2.35 2.24
CA ASN B 609 28.84 1.83 1.03
C ASN B 609 28.12 0.52 0.74
N LEU B 610 28.76 -0.37 -0.01
CA LEU B 610 28.12 -1.62 -0.38
C LEU B 610 28.01 -2.57 0.80
N ARG B 611 29.02 -2.59 1.67
CA ARG B 611 29.10 -3.64 2.67
C ARG B 611 28.17 -3.44 3.85
N ASN B 612 27.62 -2.24 4.05
CA ASN B 612 26.88 -1.93 5.27
C ASN B 612 25.46 -1.46 5.00
N LEU B 613 24.85 -1.85 3.87
CA LEU B 613 23.49 -1.44 3.56
C LEU B 613 22.46 -2.10 4.46
N HIS B 614 22.81 -3.23 5.07
CA HIS B 614 21.91 -3.99 5.92
C HIS B 614 21.94 -3.52 7.37
N ILE B 615 22.65 -2.45 7.67
CA ILE B 615 22.86 -1.98 9.04
C ILE B 615 22.16 -0.64 9.20
N PRO B 616 21.30 -0.48 10.20
CA PRO B 616 20.61 0.79 10.41
C PRO B 616 21.58 1.91 10.80
N GLU B 617 21.15 3.14 10.53
CA GLU B 617 22.08 4.27 10.59
C GLU B 617 22.44 4.66 12.01
N VAL B 618 21.51 4.47 12.97
CA VAL B 618 21.82 4.80 14.36
C VAL B 618 22.82 3.82 14.92
N CYS B 619 22.70 2.54 14.56
CA CYS B 619 23.66 1.54 15.04
C CYS B 619 25.00 1.69 14.35
N LEU B 620 24.99 2.04 13.07
CA LEU B 620 26.22 2.23 12.30
C LEU B 620 27.03 3.43 12.77
N LYS B 621 26.40 4.40 13.43
CA LYS B 621 27.08 5.58 13.92
C LYS B 621 27.14 5.66 15.45
N TRP B 622 26.76 4.59 16.15
CA TRP B 622 26.52 4.65 17.59
C TRP B 622 27.80 4.90 18.39
N SER B 623 28.89 4.22 18.02
CA SER B 623 30.16 4.42 18.71
C SER B 623 30.86 5.71 18.32
N LEU B 624 30.37 6.43 17.30
CA LEU B 624 30.96 7.68 16.87
C LEU B 624 30.22 8.90 17.38
N MET B 625 29.10 8.72 18.08
CA MET B 625 28.28 9.83 18.52
C MET B 625 28.85 10.49 19.76
N ASP B 626 28.63 11.80 19.86
CA ASP B 626 28.74 12.47 21.14
C ASP B 626 27.71 11.89 22.08
N PRO B 627 28.05 11.61 23.34
CA PRO B 627 27.07 11.00 24.25
C PRO B 627 25.89 11.90 24.59
N ASP B 628 26.07 13.22 24.59
CA ASP B 628 24.94 14.12 24.80
C ASP B 628 24.00 14.12 23.61
N TYR B 629 24.55 14.14 22.40
CA TYR B 629 23.74 14.06 21.18
C TYR B 629 23.05 12.72 21.08
N ARG B 630 23.72 11.66 21.50
CA ARG B 630 23.12 10.32 21.52
C ARG B 630 22.01 10.23 22.56
N GLY B 631 22.16 10.93 23.69
CA GLY B 631 21.12 10.93 24.70
C GLY B 631 19.93 11.76 24.31
N ARG B 632 20.15 12.84 23.56
CA ARG B 632 19.03 13.64 23.06
C ARG B 632 18.31 12.93 21.92
N LEU B 633 19.06 12.29 21.03
CA LEU B 633 18.50 11.67 19.83
C LEU B 633 17.70 10.42 20.18
N CYS B 634 18.18 9.62 21.11
CA CYS B 634 17.50 8.40 21.51
C CYS B 634 16.76 8.56 22.84
N ASN B 635 16.25 9.75 23.10
CA ASN B 635 15.45 10.00 24.29
C ASN B 635 14.07 9.39 24.12
N PRO B 636 13.67 8.43 24.97
CA PRO B 636 12.32 7.86 24.82
C PRO B 636 11.23 8.83 25.24
N ASN B 637 11.54 9.82 26.07
CA ASN B 637 10.60 10.86 26.44
C ASN B 637 10.65 12.01 25.45
N ASN B 638 10.47 11.71 24.17
CA ASN B 638 10.47 12.77 23.18
C ASN B 638 9.09 12.93 22.56
N PRO B 639 8.67 14.15 22.25
CA PRO B 639 7.30 14.37 21.76
C PRO B 639 7.11 14.07 20.29
N PHE B 640 8.15 13.67 19.57
CA PHE B 640 8.05 13.50 18.13
C PHE B 640 7.61 12.09 17.73
N VAL B 641 8.09 11.08 18.44
CA VAL B 641 7.76 9.71 18.10
C VAL B 641 6.31 9.42 18.48
N HIS B 642 5.70 8.47 17.78
CA HIS B 642 4.27 8.20 17.94
C HIS B 642 4.07 6.69 17.77
N HIS B 643 4.36 5.95 18.83
CA HIS B 643 4.13 4.52 18.84
C HIS B 643 2.65 4.25 19.06
N MET B 644 2.04 3.46 18.18
CA MET B 644 0.64 3.10 18.29
C MET B 644 0.43 1.62 18.58
N GLU B 645 1.09 0.75 17.82
CA GLU B 645 0.82 -0.68 17.89
C GLU B 645 2.07 -1.43 17.48
N VAL B 646 2.27 -2.60 18.08
CA VAL B 646 3.45 -3.42 17.77
C VAL B 646 3.35 -3.99 16.36
N GLU B 647 2.15 -4.37 15.94
CA GLU B 647 1.99 -4.98 14.63
C GLU B 647 2.11 -3.98 13.48
N SER B 648 2.07 -2.67 13.77
CA SER B 648 2.28 -1.65 12.76
C SER B 648 3.63 -0.95 12.91
N THR B 649 4.49 -1.46 13.79
CA THR B 649 5.79 -0.86 14.02
C THR B 649 6.73 -1.18 12.87
N ASN B 650 7.42 -0.16 12.36
CA ASN B 650 8.41 -0.26 11.28
C ASN B 650 7.80 -0.82 10.01
N LEU B 651 6.63 -0.29 9.66
CA LEU B 651 5.91 -0.69 8.45
C LEU B 651 5.65 0.54 7.59
N ALA B 652 5.94 0.42 6.31
CA ALA B 652 5.56 1.42 5.33
C ALA B 652 4.72 0.76 4.25
N VAL B 653 4.05 1.58 3.46
CA VAL B 653 3.24 1.11 2.34
C VAL B 653 3.88 1.64 1.07
N VAL B 654 4.47 0.75 0.28
CA VAL B 654 5.12 1.12 -0.96
C VAL B 654 4.18 0.78 -2.11
N MET B 655 4.20 1.61 -3.14
CA MET B 655 3.41 1.35 -4.34
C MET B 655 4.38 1.14 -5.50
N PRO B 656 4.58 -0.09 -5.96
CA PRO B 656 5.50 -0.33 -7.08
C PRO B 656 4.91 0.16 -8.39
N ALA B 657 5.72 0.07 -9.44
CA ALA B 657 5.30 0.53 -10.76
C ALA B 657 4.21 -0.36 -11.35
N HIS B 658 4.23 -1.65 -11.03
CA HIS B 658 3.18 -2.58 -11.40
C HIS B 658 2.72 -3.31 -10.14
N GLY B 659 1.41 -3.51 -10.03
CA GLY B 659 0.86 -4.30 -8.94
C GLY B 659 0.26 -3.47 -7.82
N PRO B 660 -0.34 -4.13 -6.85
CA PRO B 660 -0.95 -3.41 -5.73
C PRO B 660 0.08 -2.97 -4.71
N ALA B 661 -0.39 -2.15 -3.76
CA ALA B 661 0.50 -1.61 -2.74
C ALA B 661 0.88 -2.67 -1.72
N LYS B 662 2.16 -2.70 -1.38
CA LYS B 662 2.73 -3.70 -0.48
C LYS B 662 3.11 -3.08 0.86
N SER B 663 3.14 -3.92 1.88
CA SER B 663 3.65 -3.55 3.19
C SER B 663 5.12 -3.93 3.27
N LEU B 664 5.97 -2.93 3.54
CA LEU B 664 7.41 -3.10 3.57
C LEU B 664 7.92 -2.89 4.99
N GLU B 665 8.72 -3.85 5.45
CA GLU B 665 9.32 -3.77 6.77
C GLU B 665 10.72 -3.18 6.66
N TYR B 666 11.01 -2.20 7.50
CA TYR B 666 12.33 -1.59 7.56
C TYR B 666 12.90 -1.76 8.96
N ASP B 667 14.21 -1.55 9.07
CA ASP B 667 14.95 -1.72 10.31
C ASP B 667 15.46 -0.36 10.74
N ALA B 668 14.92 0.17 11.83
CA ALA B 668 15.28 1.50 12.28
C ALA B 668 15.10 1.62 13.77
N VAL B 669 16.11 2.16 14.45
CA VAL B 669 15.98 2.57 15.83
C VAL B 669 15.07 3.79 15.90
N ALA B 670 14.07 3.75 16.78
CA ALA B 670 13.16 4.87 16.92
C ALA B 670 13.86 6.04 17.59
N THR B 671 13.96 7.16 16.87
CA THR B 671 14.65 8.34 17.37
C THR B 671 13.66 9.51 17.30
N THR B 672 14.19 10.73 17.34
CA THR B 672 13.39 11.92 17.13
C THR B 672 13.14 12.19 15.66
N HIS B 673 13.73 11.41 14.77
CA HIS B 673 13.48 11.48 13.35
C HIS B 673 12.38 10.53 12.92
N SER B 674 11.75 9.83 13.85
CA SER B 674 10.65 8.90 13.59
C SER B 674 9.31 9.57 13.78
N TRP B 675 9.19 10.82 13.33
CA TRP B 675 7.99 11.61 13.54
C TRP B 675 6.92 11.26 12.50
N THR B 676 5.76 11.88 12.67
CA THR B 676 4.67 11.70 11.74
C THR B 676 4.32 13.04 11.09
N PRO B 677 4.08 13.05 9.78
CA PRO B 677 3.66 14.29 9.13
C PRO B 677 2.22 14.63 9.47
N LYS B 678 1.88 15.89 9.22
CA LYS B 678 0.56 16.39 9.56
C LYS B 678 -0.51 15.82 8.63
N ARG B 679 -1.75 15.83 9.11
CA ARG B 679 -2.86 15.29 8.35
C ARG B 679 -3.41 16.33 7.37
N ASN B 680 -4.16 15.83 6.40
CA ASN B 680 -4.92 16.69 5.50
C ASN B 680 -6.04 17.36 6.28
N ARG B 681 -6.35 18.62 5.94
CA ARG B 681 -7.26 19.42 6.73
C ARG B 681 -8.48 19.90 5.94
N SER B 682 -8.82 19.24 4.84
CA SER B 682 -9.93 19.69 4.02
C SER B 682 -11.30 19.36 4.62
N ILE B 683 -11.35 18.35 5.52
CA ILE B 683 -12.58 17.94 6.22
C ILE B 683 -13.19 19.08 7.02
N LEU B 684 -12.35 20.03 7.46
CA LEU B 684 -12.82 21.19 8.20
C LEU B 684 -13.71 22.11 7.38
N ASN B 685 -13.71 22.00 6.05
CA ASN B 685 -14.58 22.83 5.24
C ASN B 685 -15.79 22.07 4.73
N THR B 686 -15.97 20.81 5.11
CA THR B 686 -17.04 19.97 4.62
C THR B 686 -18.05 19.69 5.72
N ASN B 687 -19.03 18.84 5.40
CA ASN B 687 -20.03 18.41 6.38
C ASN B 687 -19.52 17.31 7.29
N GLN B 688 -18.40 16.67 6.95
CA GLN B 688 -17.87 15.56 7.71
C GLN B 688 -16.85 15.99 8.76
N ARG B 689 -16.89 17.25 9.20
CA ARG B 689 -15.92 17.71 10.18
C ARG B 689 -16.21 17.23 11.60
N GLY B 690 -17.38 16.63 11.86
CA GLY B 690 -17.63 16.01 13.15
C GLY B 690 -16.93 14.68 13.33
N ILE B 691 -16.49 14.07 12.22
CA ILE B 691 -15.68 12.86 12.27
C ILE B 691 -14.36 13.13 12.99
N LEU B 692 -13.85 14.36 12.92
CA LEU B 692 -12.63 14.72 13.64
C LEU B 692 -12.84 14.68 15.15
N GLU B 693 -13.97 15.22 15.63
CA GLU B 693 -14.25 15.19 17.05
C GLU B 693 -14.52 13.76 17.53
N ASP B 694 -15.22 12.96 16.73
CA ASP B 694 -15.45 11.57 17.06
C ASP B 694 -14.15 10.78 17.14
N GLU B 695 -13.23 11.04 16.20
CA GLU B 695 -11.94 10.37 16.19
C GLU B 695 -11.08 10.79 17.38
N ARG B 696 -11.14 12.07 17.75
CA ARG B 696 -10.39 12.56 18.91
C ARG B 696 -10.89 11.92 20.21
N ILE B 697 -12.22 11.78 20.35
CA ILE B 697 -12.78 11.14 21.54
C ILE B 697 -12.44 9.65 21.56
N TYR B 698 -12.47 8.99 20.40
CA TYR B 698 -12.07 7.58 20.30
C TYR B 698 -10.61 7.38 20.70
N GLN B 699 -9.74 8.30 20.28
CA GLN B 699 -8.32 8.18 20.62
C GLN B 699 -8.09 8.41 22.10
N LYS B 700 -8.86 9.32 22.71
CA LYS B 700 -8.71 9.54 24.15
C LYS B 700 -9.17 8.33 24.96
N CYS B 701 -10.28 7.70 24.54
CA CYS B 701 -10.75 6.50 25.22
C CYS B 701 -9.78 5.33 25.06
N CYS B 702 -9.19 5.18 23.87
CA CYS B 702 -8.22 4.11 23.69
C CYS B 702 -6.92 4.39 24.44
N GLN B 703 -6.57 5.67 24.60
CA GLN B 703 -5.38 6.03 25.37
C GLN B 703 -5.55 5.71 26.86
N VAL B 704 -6.72 6.02 27.43
CA VAL B 704 -6.89 5.71 28.85
C VAL B 704 -7.08 4.20 29.07
N PHE B 705 -7.63 3.48 28.08
CA PHE B 705 -7.68 2.03 28.19
C PHE B 705 -6.29 1.42 28.14
N GLU B 706 -5.41 1.95 27.29
CA GLU B 706 -4.03 1.48 27.28
C GLU B 706 -3.26 1.89 28.51
N LYS B 707 -3.70 2.95 29.20
CA LYS B 707 -3.18 3.23 30.53
C LYS B 707 -3.57 2.12 31.51
N PHE B 708 -4.79 1.59 31.38
CA PHE B 708 -5.16 0.49 32.26
C PHE B 708 -4.64 -0.86 31.78
N PHE B 709 -4.59 -1.09 30.47
CA PHE B 709 -4.17 -2.37 29.89
C PHE B 709 -3.03 -2.14 28.93
N PRO B 710 -1.79 -2.23 29.39
CA PRO B 710 -0.65 -1.87 28.53
C PRO B 710 -0.35 -2.89 27.43
N SER B 711 -0.80 -4.13 27.57
CA SER B 711 -0.56 -5.14 26.54
C SER B 711 -1.46 -4.99 25.33
N SER B 712 -2.44 -4.08 25.37
CA SER B 712 -3.36 -3.91 24.26
C SER B 712 -2.67 -3.35 23.03
N THR B 713 -1.54 -2.65 23.22
CA THR B 713 -0.73 -2.21 22.10
C THR B 713 0.01 -3.37 21.45
N TYR B 714 0.25 -4.45 22.20
CA TYR B 714 0.95 -5.61 21.67
C TYR B 714 -0.03 -6.69 21.21
N ARG B 715 -0.77 -7.28 22.14
CA ARG B 715 -1.77 -8.29 21.82
C ARG B 715 -3.15 -7.66 21.94
N ARG B 716 -3.99 -7.89 20.94
CA ARG B 716 -5.34 -7.33 20.94
C ARG B 716 -6.17 -7.95 22.06
N PRO B 717 -6.71 -7.15 22.97
CA PRO B 717 -7.52 -7.71 24.06
C PRO B 717 -8.89 -8.15 23.58
N ILE B 718 -9.36 -9.24 24.16
CA ILE B 718 -10.65 -9.81 23.81
C ILE B 718 -11.60 -9.62 24.99
N GLY B 719 -12.89 -9.59 24.69
CA GLY B 719 -13.88 -9.48 25.73
C GLY B 719 -15.20 -8.92 25.26
N MET B 720 -16.30 -9.45 25.77
CA MET B 720 -17.63 -8.94 25.46
C MET B 720 -18.11 -7.92 26.48
N ALA B 721 -17.40 -7.77 27.60
CA ALA B 721 -17.71 -6.69 28.54
C ALA B 721 -17.24 -5.36 27.99
N SER B 722 -17.82 -4.29 28.51
CA SER B 722 -17.50 -2.95 28.03
C SER B 722 -16.12 -2.52 28.52
N MET B 723 -15.65 -1.40 27.96
CA MET B 723 -14.33 -0.90 28.30
C MET B 723 -14.29 -0.38 29.73
N LEU B 724 -15.35 0.30 30.16
CA LEU B 724 -15.38 0.91 31.49
C LEU B 724 -15.41 -0.14 32.59
N ASP B 725 -16.17 -1.22 32.39
CA ASP B 725 -16.22 -2.30 33.38
C ASP B 725 -14.88 -3.01 33.50
N ALA B 726 -14.19 -3.21 32.37
CA ALA B 726 -12.88 -3.85 32.39
C ALA B 726 -11.84 -2.98 33.08
N MET B 727 -11.90 -1.66 32.84
CA MET B 727 -10.96 -0.76 33.51
C MET B 727 -11.24 -0.65 35.00
N LEU B 728 -12.51 -0.73 35.41
CA LEU B 728 -12.83 -0.70 36.83
C LEU B 728 -12.38 -1.98 37.53
N SER B 729 -12.57 -3.13 36.90
CA SER B 729 -12.07 -4.39 37.46
C SER B 729 -10.56 -4.39 37.57
N ARG B 730 -9.87 -3.88 36.55
CA ARG B 730 -8.41 -3.80 36.58
C ARG B 730 -7.93 -2.84 37.67
N ALA B 731 -8.66 -1.74 37.87
CA ALA B 731 -8.31 -0.79 38.92
C ALA B 731 -8.46 -1.41 40.31
N ARG B 732 -9.53 -2.19 40.48
CA ARG B 732 -9.84 -2.85 41.77
C ARG B 732 -8.78 -3.92 42.09
N ILE B 733 -8.34 -4.70 41.10
CA ILE B 733 -7.35 -5.74 41.37
C ILE B 733 -5.95 -5.16 41.49
N ASP B 734 -5.65 -4.07 40.77
CA ASP B 734 -4.33 -3.45 40.91
C ASP B 734 -4.20 -2.73 42.24
N ALA B 735 -5.31 -2.18 42.75
CA ALA B 735 -5.29 -1.57 44.08
C ALA B 735 -5.08 -2.61 45.16
N ARG B 736 -5.79 -3.74 45.07
CA ARG B 736 -5.62 -4.78 46.08
C ARG B 736 -4.26 -5.47 45.97
N ILE B 737 -3.65 -5.48 44.79
CA ILE B 737 -2.35 -6.11 44.65
C ILE B 737 -1.22 -5.17 45.05
N ASP B 738 -1.38 -3.86 44.86
CA ASP B 738 -0.38 -2.91 45.30
C ASP B 738 -0.56 -2.47 46.75
N LEU B 739 -1.68 -2.81 47.38
CA LEU B 739 -1.82 -2.59 48.81
C LEU B 739 -1.05 -3.65 49.61
N GLU B 740 -1.18 -4.91 49.20
CA GLU B 740 -0.51 -6.02 49.86
C GLU B 740 0.89 -6.27 49.33
N SER B 741 1.61 -5.21 49.00
CA SER B 741 2.98 -5.33 48.50
C SER B 741 3.88 -4.20 48.94
N GLY B 742 3.38 -3.19 49.65
CA GLY B 742 4.17 -2.06 50.05
C GLY B 742 4.26 -0.94 49.04
N ARG B 743 3.62 -1.07 47.89
CA ARG B 743 3.69 -0.04 46.86
C ARG B 743 2.70 1.10 47.09
N ILE B 744 1.54 0.81 47.69
CA ILE B 744 0.45 1.77 47.81
C ILE B 744 -0.13 1.67 49.21
N SER B 745 -0.33 2.83 49.85
CA SER B 745 -0.83 2.89 51.22
C SER B 745 -2.30 2.54 51.29
N SER B 746 -2.85 2.54 52.51
CA SER B 746 -4.24 2.16 52.70
C SER B 746 -5.21 3.30 52.34
N GLN B 747 -4.80 4.54 52.56
CA GLN B 747 -5.65 5.67 52.21
C GLN B 747 -5.75 5.82 50.69
N ASP B 748 -4.68 5.52 49.96
CA ASP B 748 -4.75 5.53 48.51
C ASP B 748 -5.62 4.39 47.98
N PHE B 749 -5.59 3.24 48.66
CA PHE B 749 -6.48 2.13 48.31
C PHE B 749 -7.94 2.50 48.53
N SER B 750 -8.23 3.18 49.64
CA SER B 750 -9.61 3.59 49.92
C SER B 750 -10.07 4.68 48.96
N GLU B 751 -9.17 5.59 48.59
CA GLU B 751 -9.49 6.62 47.61
C GLU B 751 -9.76 6.02 46.23
N ILE B 752 -8.98 5.00 45.86
CA ILE B 752 -9.16 4.33 44.58
C ILE B 752 -10.50 3.57 44.56
N THR B 753 -10.83 2.90 45.66
CA THR B 753 -12.11 2.18 45.72
C THR B 753 -13.30 3.14 45.72
N ASN B 754 -13.18 4.28 46.40
CA ASN B 754 -14.26 5.27 46.36
C ASN B 754 -14.39 5.92 44.99
N THR B 755 -13.28 6.09 44.28
CA THR B 755 -13.36 6.63 42.93
C THR B 755 -13.99 5.64 41.96
N CYS B 756 -13.68 4.35 42.13
CA CYS B 756 -14.33 3.32 41.32
C CYS B 756 -15.82 3.23 41.62
N LYS B 757 -16.20 3.41 42.88
CA LYS B 757 -17.63 3.40 43.25
C LYS B 757 -18.34 4.64 42.70
N ALA B 758 -17.65 5.78 42.66
CA ALA B 758 -18.23 6.98 42.06
C ALA B 758 -18.39 6.82 40.55
N ILE B 759 -17.45 6.12 39.90
CA ILE B 759 -17.56 5.87 38.47
C ILE B 759 -18.70 4.90 38.17
N GLU B 760 -18.88 3.89 39.04
CA GLU B 760 -20.04 3.00 38.94
C GLU B 760 -21.36 3.75 39.15
N ALA B 761 -21.36 4.73 40.06
CA ALA B 761 -22.57 5.52 40.30
C ALA B 761 -22.89 6.43 39.13
N LEU B 762 -21.85 6.99 38.49
CA LEU B 762 -22.05 7.79 37.29
C LEU B 762 -22.53 6.93 36.13
N LYS B 763 -22.03 5.69 36.03
CA LYS B 763 -22.49 4.77 35.00
C LYS B 763 -23.96 4.37 35.22
N ARG B 764 -24.36 4.10 36.46
CA ARG B 764 -25.75 3.81 36.76
C ARG B 764 -26.65 5.03 36.67
N GLN B 765 -26.09 6.24 36.76
CA GLN B 765 -26.89 7.47 36.71
C GLN B 765 -27.43 7.72 35.32
N GLY B 766 -26.55 8.06 34.37
CA GLY B 766 -26.97 8.28 33.00
C GLY B 766 -27.34 7.01 32.27
N SER C 8 2.03 2.68 41.40
CA SER C 8 1.31 3.94 41.41
C SER C 8 0.23 3.95 40.34
N GLY C 9 -1.02 3.80 40.77
CA GLY C 9 -2.14 3.80 39.83
C GLY C 9 -3.34 4.54 40.35
N MET C 10 -3.16 5.81 40.73
CA MET C 10 -4.24 6.63 41.26
C MET C 10 -4.63 7.76 40.34
N GLU C 11 -3.70 8.25 39.50
CA GLU C 11 -4.02 9.34 38.60
C GLU C 11 -4.92 8.89 37.46
N ARG C 12 -4.75 7.64 37.00
CA ARG C 12 -5.52 7.14 35.86
C ARG C 12 -6.99 6.99 36.19
N ILE C 13 -7.32 6.71 37.46
CA ILE C 13 -8.73 6.57 37.83
C ILE C 13 -9.38 7.94 38.01
N LYS C 14 -8.60 8.94 38.42
CA LYS C 14 -9.09 10.31 38.39
C LYS C 14 -9.38 10.77 36.97
N GLU C 15 -8.47 10.44 36.04
CA GLU C 15 -8.69 10.76 34.63
C GLU C 15 -9.89 10.00 34.07
N LEU C 16 -10.09 8.76 34.52
CA LEU C 16 -11.23 7.97 34.09
C LEU C 16 -12.54 8.56 34.60
N MET C 17 -12.55 9.04 35.85
CA MET C 17 -13.75 9.69 36.37
C MET C 17 -14.04 11.00 35.66
N GLU C 18 -12.98 11.75 35.33
CA GLU C 18 -13.15 12.99 34.58
C GLU C 18 -13.66 12.74 33.16
N MET C 19 -13.32 11.58 32.58
CA MET C 19 -13.86 11.26 31.26
C MET C 19 -15.28 10.75 31.34
N VAL C 20 -15.62 9.95 32.36
CA VAL C 20 -16.99 9.46 32.53
C VAL C 20 -17.95 10.60 32.91
N LYS C 21 -17.43 11.69 33.48
CA LYS C 21 -18.25 12.87 33.73
C LYS C 21 -18.77 13.50 32.44
N ASN C 22 -18.00 13.39 31.36
CA ASN C 22 -18.48 13.83 30.05
C ASN C 22 -19.45 12.78 29.49
N SER C 23 -20.50 13.25 28.81
CA SER C 23 -21.58 12.36 28.41
C SER C 23 -21.22 11.48 27.22
N ARG C 24 -20.52 12.05 26.22
CA ARG C 24 -20.19 11.30 25.02
C ARG C 24 -19.14 10.24 25.31
N MET C 25 -18.13 10.56 26.13
CA MET C 25 -17.13 9.58 26.53
C MET C 25 -17.74 8.47 27.37
N ARG C 26 -18.71 8.81 28.23
CA ARG C 26 -19.39 7.80 29.03
C ARG C 26 -20.23 6.87 28.14
N GLU C 27 -20.92 7.44 27.16
CA GLU C 27 -21.70 6.63 26.21
C GLU C 27 -20.81 5.71 25.39
N ILE C 28 -19.64 6.20 24.98
CA ILE C 28 -18.71 5.39 24.21
C ILE C 28 -18.11 4.29 25.07
N LEU C 29 -17.68 4.62 26.28
CA LEU C 29 -17.03 3.63 27.15
C LEU C 29 -18.03 2.60 27.69
N THR C 30 -19.31 2.93 27.76
CA THR C 30 -20.29 1.96 28.18
C THR C 30 -20.88 1.16 27.03
N THR C 31 -20.81 1.66 25.80
CA THR C 31 -21.34 0.90 24.67
C THR C 31 -20.29 0.10 23.92
N THR C 32 -19.01 0.47 24.00
CA THR C 32 -17.96 -0.23 23.27
C THR C 32 -17.41 -1.34 24.13
N SER C 33 -17.45 -2.57 23.61
CA SER C 33 -16.85 -3.69 24.30
C SER C 33 -15.32 -3.65 24.15
N VAL C 34 -14.66 -4.56 24.86
CA VAL C 34 -13.21 -4.65 24.76
C VAL C 34 -12.81 -5.17 23.39
N ASP C 35 -13.59 -6.09 22.82
CA ASP C 35 -13.29 -6.63 21.51
C ASP C 35 -13.58 -5.62 20.41
N HIS C 36 -14.61 -4.79 20.59
CA HIS C 36 -14.94 -3.79 19.59
C HIS C 36 -13.98 -2.60 19.61
N MET C 37 -13.20 -2.43 20.67
CA MET C 37 -12.31 -1.27 20.74
C MET C 37 -11.15 -1.37 19.76
N ALA C 38 -10.86 -2.56 19.24
CA ALA C 38 -9.89 -2.68 18.16
C ALA C 38 -10.42 -2.09 16.85
N VAL C 39 -11.73 -1.97 16.72
CA VAL C 39 -12.31 -1.35 15.53
C VAL C 39 -12.27 0.16 15.64
N ILE C 40 -12.75 0.71 16.76
CA ILE C 40 -12.78 2.17 16.93
C ILE C 40 -11.42 2.75 17.29
N LYS C 41 -10.42 1.92 17.57
CA LYS C 41 -9.06 2.40 17.73
C LYS C 41 -8.49 2.92 16.43
N LYS C 42 -8.86 2.30 15.31
CA LYS C 42 -8.37 2.68 14.00
C LYS C 42 -9.33 3.58 13.24
N TYR C 43 -10.24 4.24 13.95
CA TYR C 43 -11.19 5.16 13.34
C TYR C 43 -10.48 6.45 12.95
N THR C 44 -10.61 6.85 11.69
CA THR C 44 -9.94 8.04 11.17
C THR C 44 -10.77 8.69 10.09
N SER C 45 -10.52 9.97 9.87
CA SER C 45 -10.85 10.57 8.59
C SER C 45 -9.68 10.50 7.64
N GLY C 46 -8.47 10.43 8.18
CA GLY C 46 -7.28 10.43 7.36
C GLY C 46 -7.07 9.09 6.70
N ARG C 47 -6.88 9.11 5.39
CA ARG C 47 -6.69 7.91 4.60
C ARG C 47 -5.20 7.64 4.42
N GLN C 48 -4.88 6.40 4.08
CA GLN C 48 -3.50 6.01 3.83
C GLN C 48 -3.02 6.67 2.53
N GLU C 49 -1.83 7.24 2.58
CA GLU C 49 -1.32 8.03 1.47
C GLU C 49 -0.98 7.14 0.28
N LYS C 50 -1.49 7.51 -0.90
CA LYS C 50 -1.25 6.77 -2.13
C LYS C 50 -0.04 7.28 -2.90
N ASN C 51 0.49 8.44 -2.53
CA ASN C 51 1.72 8.97 -3.12
C ASN C 51 2.53 9.65 -2.03
N PRO C 52 3.24 8.89 -1.18
CA PRO C 52 3.95 9.51 -0.06
C PRO C 52 5.21 10.24 -0.46
N ALA C 53 5.83 9.90 -1.59
CA ALA C 53 7.02 10.62 -2.05
C ALA C 53 6.67 12.05 -2.46
N LEU C 54 5.65 12.21 -3.31
CA LEU C 54 5.21 13.53 -3.73
C LEU C 54 4.64 14.32 -2.55
N ARG C 55 3.91 13.66 -1.66
CA ARG C 55 3.33 14.32 -0.51
C ARG C 55 4.41 14.81 0.45
N MET C 56 5.49 14.04 0.61
CA MET C 56 6.59 14.48 1.46
C MET C 56 7.36 15.62 0.83
N LYS C 57 7.57 15.56 -0.50
CA LYS C 57 8.24 16.67 -1.17
C LYS C 57 7.42 17.95 -1.13
N TRP C 58 6.09 17.82 -1.13
CA TRP C 58 5.22 18.97 -1.04
C TRP C 58 5.13 19.51 0.39
N MET C 59 5.15 18.63 1.39
CA MET C 59 4.96 19.06 2.77
C MET C 59 6.24 19.61 3.39
N MET C 60 7.42 19.14 2.97
CA MET C 60 8.66 19.66 3.55
C MET C 60 8.96 21.09 3.12
N ALA C 61 8.26 21.62 2.12
CA ALA C 61 8.32 23.04 1.82
C ALA C 61 7.45 23.87 2.76
N MET C 62 6.50 23.25 3.46
CA MET C 62 5.65 23.99 4.38
C MET C 62 6.42 24.36 5.65
N LYS C 63 5.86 25.33 6.39
CA LYS C 63 6.52 25.81 7.59
C LYS C 63 6.38 24.82 8.75
N TYR C 64 5.20 24.25 8.95
CA TYR C 64 4.95 23.33 10.07
C TYR C 64 4.33 22.04 9.56
N PRO C 65 5.15 21.12 9.02
CA PRO C 65 4.61 19.89 8.46
C PRO C 65 4.58 18.69 9.41
N ILE C 66 5.13 18.80 10.60
CA ILE C 66 5.26 17.68 11.53
C ILE C 66 4.26 17.85 12.66
N SER C 67 3.60 16.76 13.04
CA SER C 67 2.71 16.75 14.18
C SER C 67 3.39 16.08 15.37
N ALA C 68 3.50 16.82 16.47
CA ALA C 68 4.13 16.33 17.68
C ALA C 68 3.13 16.41 18.83
N SER C 69 3.40 15.65 19.90
CA SER C 69 2.57 15.66 21.09
C SER C 69 2.56 17.05 21.72
N SER C 70 1.41 17.43 22.30
CA SER C 70 1.19 18.80 22.75
C SER C 70 2.11 19.21 23.90
N ARG C 71 2.65 18.24 24.63
CA ARG C 71 3.61 18.51 25.70
C ARG C 71 4.91 19.14 25.21
N ILE C 72 5.17 19.14 23.89
CA ILE C 72 6.29 19.88 23.31
C ILE C 72 6.18 21.37 23.61
N ARG C 73 4.96 21.89 23.81
CA ARG C 73 4.77 23.28 24.14
C ARG C 73 5.26 23.61 25.55
N GLU C 74 5.48 22.60 26.39
CA GLU C 74 6.18 22.80 27.65
C GLU C 74 7.62 22.32 27.61
N MET C 75 8.02 21.58 26.57
CA MET C 75 9.34 20.98 26.56
C MET C 75 10.38 21.88 25.91
N ILE C 76 10.05 22.44 24.75
CA ILE C 76 10.98 23.26 23.98
C ILE C 76 10.37 24.66 23.88
N PRO C 77 11.19 25.69 23.66
CA PRO C 77 10.63 27.03 23.50
C PRO C 77 9.90 27.19 22.19
N GLU C 78 9.12 28.28 22.11
CA GLU C 78 8.37 28.56 20.90
C GLU C 78 9.29 29.01 19.77
N LYS C 79 10.42 29.63 20.11
CA LYS C 79 11.41 30.06 19.13
C LYS C 79 12.80 29.66 19.62
N ASP C 80 13.73 29.56 18.68
CA ASP C 80 15.10 29.24 19.01
C ASP C 80 15.94 30.52 18.99
N GLU C 81 17.27 30.35 18.95
CA GLU C 81 18.17 31.51 18.98
C GLU C 81 18.17 32.26 17.67
N ASP C 82 17.78 31.63 16.57
CA ASP C 82 17.75 32.27 15.27
C ASP C 82 16.43 32.97 14.98
N GLY C 83 15.43 32.79 15.84
CA GLY C 83 14.12 33.37 15.62
C GLY C 83 13.16 32.50 14.84
N ASN C 84 13.50 31.24 14.58
CA ASN C 84 12.59 30.33 13.90
C ASN C 84 11.53 29.86 14.87
N THR C 85 10.26 29.97 14.49
CA THR C 85 9.18 29.37 15.25
C THR C 85 9.30 27.86 15.23
N LEU C 86 9.34 27.25 16.42
CA LEU C 86 9.51 25.81 16.53
C LEU C 86 8.19 25.06 16.54
N TRP C 87 7.20 25.55 17.29
CA TRP C 87 5.89 24.92 17.35
C TRP C 87 4.81 25.96 17.26
N THR C 88 3.59 25.49 16.96
CA THR C 88 2.41 26.33 16.87
C THR C 88 1.31 25.73 17.73
N ASN C 89 0.24 26.49 17.90
CA ASN C 89 -0.91 26.05 18.70
C ASN C 89 -1.97 25.33 17.87
N THR C 90 -1.84 25.31 16.55
CA THR C 90 -2.85 24.67 15.73
C THR C 90 -2.74 23.15 15.84
N LYS C 91 -3.90 22.52 16.00
CA LYS C 91 -3.97 21.09 16.24
C LYS C 91 -4.00 20.31 14.94
N ASP C 92 -3.43 19.12 14.97
CA ASP C 92 -3.56 18.20 13.85
C ASP C 92 -5.01 17.71 13.78
N ALA C 93 -5.42 17.33 12.57
CA ALA C 93 -6.83 17.02 12.32
C ALA C 93 -7.23 15.72 13.00
N GLY C 94 -8.28 15.77 13.81
CA GLY C 94 -8.75 14.62 14.53
C GLY C 94 -7.84 14.15 15.64
N SER C 95 -7.02 15.04 16.19
CA SER C 95 -6.02 14.65 17.15
C SER C 95 -5.79 15.81 18.12
N ASN C 96 -5.01 15.53 19.16
CA ASN C 96 -4.58 16.55 20.10
C ASN C 96 -3.15 17.00 19.85
N ARG C 97 -2.50 16.47 18.82
CA ARG C 97 -1.14 16.85 18.47
C ARG C 97 -1.13 18.23 17.82
N VAL C 98 -0.06 18.97 18.05
CA VAL C 98 0.11 20.28 17.46
C VAL C 98 1.06 20.19 16.29
N LEU C 99 1.10 21.24 15.47
CA LEU C 99 1.93 21.27 14.26
C LEU C 99 3.24 21.97 14.58
N VAL C 100 4.35 21.26 14.35
CA VAL C 100 5.68 21.76 14.67
C VAL C 100 6.52 21.80 13.40
N SER C 101 7.68 22.41 13.51
CA SER C 101 8.69 22.63 12.49
C SER C 101 9.73 21.52 12.53
N PRO C 102 10.48 21.30 11.44
CA PRO C 102 11.66 20.43 11.54
C PRO C 102 12.79 21.04 12.36
N ASN C 103 12.78 22.37 12.50
CA ASN C 103 13.71 23.06 13.40
C ASN C 103 13.48 22.66 14.86
N ALA C 104 12.26 22.23 15.20
CA ALA C 104 12.00 21.68 16.52
C ALA C 104 12.75 20.38 16.75
N VAL C 105 12.79 19.51 15.74
CA VAL C 105 13.55 18.27 15.84
C VAL C 105 15.04 18.56 15.94
N THR C 106 15.52 19.54 15.18
CA THR C 106 16.94 19.90 15.25
C THR C 106 17.29 20.54 16.59
N TRP C 107 16.38 21.35 17.15
CA TRP C 107 16.59 21.94 18.45
C TRP C 107 16.64 20.88 19.55
N TRP C 108 15.77 19.86 19.45
CA TRP C 108 15.83 18.78 20.42
C TRP C 108 17.13 17.99 20.30
N ASN C 109 17.61 17.79 19.07
CA ASN C 109 18.83 17.01 18.89
C ASN C 109 20.08 17.78 19.31
N ARG C 110 20.05 19.11 19.31
CA ARG C 110 21.21 19.86 19.74
C ARG C 110 21.11 20.45 21.15
N ALA C 111 19.91 20.50 21.74
CA ALA C 111 19.75 21.20 23.01
C ALA C 111 18.60 20.66 23.85
N GLY C 112 18.15 19.43 23.63
CA GLY C 112 17.08 18.86 24.41
C GLY C 112 17.59 18.10 25.61
N PRO C 113 16.68 17.44 26.32
CA PRO C 113 17.06 16.69 27.53
C PRO C 113 17.87 15.44 27.18
N VAL C 114 19.04 15.32 27.78
CA VAL C 114 19.91 14.17 27.55
C VAL C 114 19.47 13.03 28.45
N SER C 115 19.15 11.89 27.87
CA SER C 115 18.72 10.72 28.62
C SER C 115 19.80 9.65 28.59
N ASP C 116 19.54 8.58 29.33
CA ASP C 116 20.46 7.47 29.46
C ASP C 116 20.14 6.42 28.40
N VAL C 117 21.17 5.94 27.70
CA VAL C 117 20.94 5.08 26.54
C VAL C 117 21.63 3.74 26.71
N VAL C 118 21.79 3.28 27.96
CA VAL C 118 22.46 2.01 28.19
C VAL C 118 21.59 0.80 27.87
N HIS C 119 20.30 0.99 27.67
CA HIS C 119 19.40 -0.11 27.33
C HIS C 119 19.31 -0.36 25.85
N TYR C 120 19.71 0.61 25.02
CA TYR C 120 19.61 0.53 23.57
C TYR C 120 20.45 -0.58 22.90
N PRO C 121 21.70 -0.87 23.31
CA PRO C 121 22.37 -2.06 22.72
C PRO C 121 21.77 -3.39 23.15
N ARG C 122 20.99 -3.42 24.23
CA ARG C 122 20.32 -4.64 24.66
C ARG C 122 18.98 -4.82 23.96
N VAL C 123 18.22 -3.75 23.79
CA VAL C 123 16.92 -3.84 23.11
C VAL C 123 17.11 -4.06 21.62
N TYR C 124 17.98 -3.25 21.00
CA TYR C 124 18.28 -3.36 19.58
C TYR C 124 19.49 -4.24 19.33
N LYS C 125 19.59 -5.34 20.08
CA LYS C 125 20.75 -6.23 19.97
C LYS C 125 20.80 -6.93 18.62
N MET C 126 19.64 -7.19 18.00
CA MET C 126 19.61 -7.80 16.68
C MET C 126 20.25 -6.91 15.63
N TYR C 127 20.15 -5.59 15.79
CA TYR C 127 20.76 -4.67 14.85
C TYR C 127 22.26 -4.51 15.11
N PHE C 128 22.67 -4.44 16.37
CA PHE C 128 24.08 -4.30 16.72
C PHE C 128 24.88 -5.56 16.47
N ASP C 129 24.23 -6.73 16.46
CA ASP C 129 24.91 -7.96 16.11
C ASP C 129 25.36 -7.98 14.66
N ARG C 130 24.59 -7.34 13.76
CA ARG C 130 24.99 -7.24 12.36
C ARG C 130 26.26 -6.40 12.21
N LEU C 131 26.35 -5.30 12.96
CA LEU C 131 27.55 -4.48 12.90
C LEU C 131 28.74 -5.16 13.55
N GLU C 132 28.49 -5.95 14.62
CA GLU C 132 29.56 -6.71 15.23
C GLU C 132 30.09 -7.79 14.29
N ARG C 133 29.21 -8.43 13.54
CA ARG C 133 29.65 -9.43 12.57
C ARG C 133 30.35 -8.79 11.37
N LEU C 134 29.95 -7.57 10.99
CA LEU C 134 30.58 -6.94 9.84
C LEU C 134 31.95 -6.35 10.19
N THR C 135 32.09 -5.80 11.40
CA THR C 135 33.33 -5.15 11.79
C THR C 135 34.48 -6.14 11.90
N HIS C 136 34.23 -7.29 12.51
CA HIS C 136 35.25 -8.32 12.66
C HIS C 136 35.26 -9.31 11.51
N GLY C 137 34.63 -8.97 10.39
CA GLY C 137 34.61 -9.86 9.25
C GLY C 137 35.87 -9.73 8.40
N THR C 138 36.23 -10.84 7.76
CA THR C 138 37.45 -10.94 6.97
C THR C 138 37.09 -11.02 5.49
N PHE C 139 37.67 -10.13 4.69
CA PHE C 139 37.43 -10.09 3.27
C PHE C 139 38.55 -10.82 2.53
N GLY C 140 38.17 -11.68 1.59
CA GLY C 140 39.12 -12.31 0.70
C GLY C 140 39.06 -11.70 -0.68
N PRO C 141 39.69 -12.35 -1.66
CA PRO C 141 39.71 -11.82 -3.02
C PRO C 141 38.41 -12.04 -3.75
N VAL C 142 38.20 -11.23 -4.79
CA VAL C 142 37.04 -11.34 -5.66
C VAL C 142 37.37 -12.28 -6.81
N LYS C 143 36.50 -13.25 -7.05
CA LYS C 143 36.66 -14.19 -8.15
C LYS C 143 35.56 -13.95 -9.18
N PHE C 144 35.94 -13.89 -10.44
CA PHE C 144 35.00 -13.66 -11.54
C PHE C 144 34.77 -14.97 -12.28
N TYR C 145 33.51 -15.39 -12.34
CA TYR C 145 33.06 -16.55 -13.11
C TYR C 145 31.55 -16.49 -13.18
N ASN C 146 30.96 -17.45 -13.90
CA ASN C 146 29.51 -17.53 -14.04
C ASN C 146 28.90 -18.00 -12.72
N GLN C 147 28.11 -17.14 -12.09
CA GLN C 147 27.51 -17.46 -10.81
C GLN C 147 26.23 -18.26 -11.04
N VAL C 148 26.14 -19.42 -10.40
CA VAL C 148 24.99 -20.32 -10.55
C VAL C 148 24.15 -20.13 -9.30
N LYS C 149 23.20 -19.19 -9.35
CA LYS C 149 22.33 -18.89 -8.23
C LYS C 149 21.07 -19.74 -8.31
N VAL C 150 20.62 -20.21 -7.15
CA VAL C 150 19.44 -21.08 -7.06
C VAL C 150 18.43 -20.43 -6.14
N ARG C 151 17.25 -20.12 -6.68
CA ARG C 151 16.19 -19.49 -5.90
C ARG C 151 15.62 -20.49 -4.92
N LYS C 152 15.97 -20.34 -3.65
CA LYS C 152 15.71 -21.34 -2.62
C LYS C 152 15.36 -20.64 -1.32
N ARG C 153 14.42 -21.21 -0.57
CA ARG C 153 13.97 -20.62 0.67
C ARG C 153 15.00 -20.85 1.77
N VAL C 154 15.64 -19.77 2.23
CA VAL C 154 16.55 -19.82 3.37
C VAL C 154 15.98 -18.96 4.49
N ASP C 155 16.67 -18.90 5.61
CA ASP C 155 16.24 -18.09 6.74
C ASP C 155 17.15 -16.87 6.87
N ILE C 156 16.57 -15.79 7.40
CA ILE C 156 17.19 -14.48 7.34
C ILE C 156 17.34 -13.87 8.72
N ASN C 157 17.40 -14.70 9.75
CA ASN C 157 17.41 -14.24 11.14
C ASN C 157 18.59 -14.85 11.88
N PRO C 158 19.79 -14.28 11.71
CA PRO C 158 20.96 -14.84 12.42
C PRO C 158 20.94 -14.55 13.92
N GLY C 159 20.63 -15.57 14.70
CA GLY C 159 20.57 -15.45 16.13
C GLY C 159 19.20 -15.61 16.73
N HIS C 160 18.29 -16.31 16.07
CA HIS C 160 16.96 -16.51 16.63
C HIS C 160 16.99 -17.59 17.70
N LYS C 161 15.87 -17.76 18.37
CA LYS C 161 15.60 -18.89 19.23
C LYS C 161 14.48 -19.71 18.59
N ASP C 162 14.59 -21.04 18.69
CA ASP C 162 13.65 -21.93 18.00
C ASP C 162 12.29 -21.91 18.71
N LEU C 163 11.56 -20.83 18.46
CA LEU C 163 10.24 -20.61 19.04
C LEU C 163 9.26 -20.28 17.93
N THR C 164 8.06 -20.84 17.99
CA THR C 164 7.01 -20.41 17.08
C THR C 164 6.40 -19.10 17.59
N SER C 165 5.43 -18.60 16.83
CA SER C 165 4.81 -17.31 17.14
C SER C 165 4.04 -17.36 18.45
N ARG C 166 3.42 -18.49 18.77
CA ARG C 166 2.72 -18.62 20.05
C ARG C 166 3.70 -18.65 21.21
N GLU C 167 4.79 -19.40 21.07
CA GLU C 167 5.77 -19.51 22.15
C GLU C 167 6.54 -18.21 22.34
N ALA C 168 6.85 -17.53 21.23
CA ALA C 168 7.50 -16.23 21.32
C ALA C 168 6.56 -15.19 21.92
N GLN C 169 5.27 -15.27 21.58
CA GLN C 169 4.28 -14.39 22.18
C GLN C 169 4.15 -14.64 23.69
N GLU C 170 4.25 -15.90 24.11
CA GLU C 170 4.25 -16.23 25.53
C GLU C 170 5.48 -15.68 26.24
N VAL C 171 6.66 -15.76 25.61
CA VAL C 171 7.88 -15.26 26.22
C VAL C 171 7.84 -13.74 26.32
N ILE C 172 7.39 -13.05 25.28
CA ILE C 172 7.28 -11.59 25.29
C ILE C 172 6.25 -11.14 26.30
N MET C 173 5.14 -11.87 26.43
CA MET C 173 4.16 -11.55 27.44
C MET C 173 4.67 -11.82 28.85
N GLU C 174 5.57 -12.79 29.01
CA GLU C 174 6.15 -13.00 30.32
C GLU C 174 7.24 -11.98 30.66
N VAL C 175 7.86 -11.36 29.65
CA VAL C 175 8.93 -10.39 29.89
C VAL C 175 8.40 -8.96 29.94
N VAL C 176 7.60 -8.56 28.96
CA VAL C 176 7.23 -7.15 28.84
C VAL C 176 5.97 -6.83 29.65
N PHE C 177 4.97 -7.70 29.65
CA PHE C 177 3.69 -7.44 30.32
C PHE C 177 3.31 -8.62 31.20
N PRO C 178 4.01 -8.83 32.32
CA PRO C 178 3.94 -10.13 33.01
C PRO C 178 2.61 -10.42 33.72
N ASN C 179 1.79 -9.41 33.98
CA ASN C 179 0.54 -9.65 34.71
C ASN C 179 -0.62 -10.03 33.81
N GLU C 180 -0.45 -10.00 32.49
CA GLU C 180 -1.57 -10.12 31.55
C GLU C 180 -1.38 -11.25 30.56
N VAL C 181 -0.88 -12.40 31.03
CA VAL C 181 -0.64 -13.53 30.14
C VAL C 181 -1.87 -14.40 29.95
N GLY C 182 -2.78 -14.42 30.93
CA GLY C 182 -3.98 -15.22 30.80
C GLY C 182 -3.73 -16.64 31.25
N ALA C 183 -4.15 -17.60 30.43
CA ALA C 183 -3.96 -19.01 30.72
C ALA C 183 -2.87 -19.61 29.85
N ARG C 184 -1.72 -18.96 29.80
CA ARG C 184 -0.59 -19.37 28.96
C ARG C 184 0.65 -19.50 29.83
N THR C 185 0.88 -20.71 30.34
CA THR C 185 2.09 -20.98 31.10
C THR C 185 3.21 -21.42 30.17
N LEU C 186 4.45 -21.10 30.58
CA LEU C 186 5.63 -21.42 29.77
C LEU C 186 5.89 -22.92 29.83
N SER C 187 5.61 -23.61 28.73
CA SER C 187 5.68 -25.07 28.72
C SER C 187 7.11 -25.58 28.67
N SER C 188 7.99 -24.90 27.94
CA SER C 188 9.35 -25.37 27.70
C SER C 188 10.33 -24.69 28.64
N ASP C 189 11.46 -25.36 28.86
CA ASP C 189 12.52 -24.84 29.71
C ASP C 189 13.40 -23.83 28.98
N ALA C 190 13.52 -23.95 27.66
CA ALA C 190 14.24 -22.95 26.88
C ALA C 190 13.53 -21.61 26.93
N GLN C 191 12.19 -21.62 26.93
CA GLN C 191 11.42 -20.41 27.09
C GLN C 191 11.63 -19.79 28.46
N LEU C 192 11.78 -20.63 29.49
CA LEU C 192 12.07 -20.13 30.83
C LEU C 192 13.46 -19.50 30.90
N THR C 193 14.42 -20.08 30.17
CA THR C 193 15.77 -19.51 30.13
C THR C 193 15.78 -18.16 29.41
N ILE C 194 15.10 -18.08 28.27
CA ILE C 194 15.00 -16.82 27.53
C ILE C 194 14.27 -15.77 28.34
N THR C 195 13.22 -16.18 29.07
CA THR C 195 12.46 -15.26 29.91
C THR C 195 13.30 -14.73 31.07
N LYS C 196 14.05 -15.60 31.74
CA LYS C 196 14.88 -15.16 32.86
C LYS C 196 16.01 -14.24 32.39
N GLU C 197 16.65 -14.60 31.26
CA GLU C 197 17.72 -13.75 30.73
C GLU C 197 17.21 -12.40 30.27
N LYS C 198 16.06 -12.36 29.60
CA LYS C 198 15.54 -11.11 29.10
C LYS C 198 14.93 -10.24 30.19
N LYS C 199 14.36 -10.85 31.24
CA LYS C 199 13.92 -10.06 32.39
C LYS C 199 15.11 -9.54 33.19
N GLU C 200 16.25 -10.22 33.13
CA GLU C 200 17.45 -9.68 33.74
C GLU C 200 18.00 -8.52 32.92
N GLU C 201 18.06 -8.67 31.60
CA GLU C 201 18.67 -7.65 30.75
C GLU C 201 17.77 -6.44 30.60
N LEU C 202 16.49 -6.65 30.30
CA LEU C 202 15.56 -5.54 30.05
C LEU C 202 14.87 -5.08 31.34
N LYS C 203 15.65 -4.81 32.37
CA LYS C 203 15.15 -4.37 33.67
C LYS C 203 15.45 -2.89 33.85
N ASN C 204 14.47 -2.16 34.40
CA ASN C 204 14.45 -0.70 34.51
C ASN C 204 14.61 -0.03 33.15
N CYS C 205 13.99 -0.60 32.12
CA CYS C 205 14.17 -0.13 30.75
C CYS C 205 13.14 0.94 30.43
N LYS C 206 13.61 2.14 30.12
CA LYS C 206 12.74 3.27 29.82
C LYS C 206 12.40 3.39 28.35
N ILE C 207 12.93 2.49 27.51
CA ILE C 207 12.46 2.38 26.13
C ILE C 207 11.01 1.91 26.15
N SER C 208 10.23 2.40 25.19
CA SER C 208 8.81 2.11 25.10
C SER C 208 8.57 0.60 24.97
N PRO C 209 7.54 0.06 25.63
CA PRO C 209 7.30 -1.39 25.57
C PRO C 209 6.86 -1.88 24.21
N ILE C 210 6.34 -0.98 23.36
CA ILE C 210 6.05 -1.34 21.98
C ILE C 210 7.32 -1.68 21.23
N MET C 211 8.37 -0.87 21.40
CA MET C 211 9.64 -1.16 20.74
C MET C 211 10.33 -2.37 21.33
N VAL C 212 10.19 -2.60 22.63
CA VAL C 212 10.80 -3.77 23.26
C VAL C 212 10.12 -5.05 22.78
N ALA C 213 8.77 -5.05 22.73
CA ALA C 213 8.04 -6.21 22.24
C ALA C 213 8.27 -6.43 20.76
N TYR C 214 8.43 -5.35 19.98
CA TYR C 214 8.74 -5.48 18.57
C TYR C 214 10.11 -6.09 18.36
N MET C 215 11.12 -5.60 19.07
CA MET C 215 12.47 -6.13 18.90
C MET C 215 12.59 -7.56 19.42
N LEU C 216 11.83 -7.91 20.46
CA LEU C 216 11.81 -9.28 20.93
C LEU C 216 11.14 -10.22 19.93
N GLU C 217 10.08 -9.75 19.26
CA GLU C 217 9.44 -10.57 18.24
C GLU C 217 10.31 -10.70 16.99
N ARG C 218 11.08 -9.66 16.66
CA ARG C 218 12.02 -9.77 15.55
C ARG C 218 13.19 -10.67 15.89
N GLU C 219 13.58 -10.74 17.16
CA GLU C 219 14.68 -11.59 17.58
C GLU C 219 14.28 -13.06 17.65
N LEU C 220 13.24 -13.37 18.41
CA LEU C 220 12.99 -14.75 18.83
C LEU C 220 12.26 -15.60 17.79
N VAL C 221 11.93 -15.08 16.62
CA VAL C 221 11.17 -15.83 15.62
C VAL C 221 12.05 -16.05 14.40
N ARG C 222 12.15 -17.30 13.98
CA ARG C 222 12.85 -17.62 12.73
C ARG C 222 12.01 -17.16 11.55
N ARG C 223 12.59 -16.28 10.72
CA ARG C 223 11.92 -15.75 9.55
C ARG C 223 12.65 -16.24 8.30
N THR C 224 11.89 -16.47 7.24
CA THR C 224 12.45 -17.03 6.01
C THR C 224 12.14 -16.13 4.83
N ARG C 225 13.00 -16.21 3.81
CA ARG C 225 12.79 -15.54 2.54
C ARG C 225 13.21 -16.47 1.41
N PHE C 226 12.77 -16.11 0.21
CA PHE C 226 13.07 -16.86 -1.01
C PHE C 226 14.10 -16.05 -1.79
N LEU C 227 15.35 -16.49 -1.78
CA LEU C 227 16.46 -15.72 -2.32
C LEU C 227 17.27 -16.57 -3.29
N PRO C 228 17.93 -15.94 -4.26
CA PRO C 228 18.91 -16.68 -5.08
C PRO C 228 20.29 -16.72 -4.44
N ILE C 229 20.74 -17.92 -4.07
CA ILE C 229 22.01 -18.11 -3.37
C ILE C 229 22.94 -18.91 -4.27
N ALA C 230 24.20 -18.49 -4.32
CA ALA C 230 25.19 -19.23 -5.08
C ALA C 230 26.07 -20.10 -4.19
N GLY C 231 26.36 -19.66 -2.98
CA GLY C 231 27.24 -20.40 -2.10
C GLY C 231 26.60 -20.89 -0.82
N ALA C 232 27.14 -20.49 0.33
CA ALA C 232 26.66 -20.96 1.61
C ALA C 232 25.31 -20.32 1.95
N THR C 233 24.43 -21.12 2.55
CA THR C 233 23.08 -20.69 2.87
C THR C 233 22.86 -20.49 4.37
N SER C 234 23.95 -20.38 5.13
CA SER C 234 23.82 -20.07 6.55
C SER C 234 23.35 -18.64 6.73
N SER C 235 22.64 -18.40 7.85
CA SER C 235 21.95 -17.13 8.06
C SER C 235 22.90 -15.96 8.28
N THR C 236 24.14 -16.22 8.68
CA THR C 236 25.14 -15.16 8.73
C THR C 236 25.73 -14.85 7.37
N TYR C 237 25.59 -15.77 6.41
CA TYR C 237 26.00 -15.53 5.03
C TYR C 237 24.88 -14.96 4.18
N VAL C 238 23.63 -15.30 4.53
CA VAL C 238 22.46 -14.70 3.88
C VAL C 238 22.32 -13.24 4.30
N GLU C 239 22.83 -12.91 5.49
CA GLU C 239 22.78 -11.54 6.01
C GLU C 239 23.62 -10.58 5.16
N VAL C 240 24.69 -11.08 4.54
CA VAL C 240 25.56 -10.25 3.71
C VAL C 240 25.54 -10.76 2.28
N LEU C 241 24.37 -11.16 1.80
CA LEU C 241 24.25 -11.76 0.48
C LEU C 241 24.49 -10.76 -0.65
N HIS C 242 24.11 -9.50 -0.42
CA HIS C 242 24.38 -8.45 -1.39
C HIS C 242 25.86 -8.13 -1.52
N LEU C 243 26.64 -8.45 -0.49
CA LEU C 243 28.06 -8.15 -0.46
C LEU C 243 28.91 -9.27 -1.04
N THR C 244 28.51 -10.54 -0.88
CA THR C 244 29.36 -11.65 -1.25
C THR C 244 29.17 -12.14 -2.67
N GLN C 245 27.93 -12.23 -3.16
CA GLN C 245 27.70 -12.74 -4.49
C GLN C 245 27.14 -11.65 -5.40
N GLY C 246 27.41 -11.79 -6.69
CA GLY C 246 26.88 -10.91 -7.70
C GLY C 246 26.40 -11.72 -8.88
N THR C 247 26.29 -11.09 -10.05
CA THR C 247 25.91 -11.84 -11.24
C THR C 247 27.12 -12.56 -11.85
N CYS C 248 28.29 -11.93 -11.80
CA CYS C 248 29.49 -12.48 -12.41
C CYS C 248 30.66 -12.57 -11.43
N TRP C 249 30.45 -12.24 -10.16
CA TRP C 249 31.56 -12.19 -9.22
C TRP C 249 31.14 -12.79 -7.89
N GLU C 250 32.13 -13.31 -7.18
CA GLU C 250 31.97 -13.79 -5.82
C GLU C 250 33.00 -13.08 -4.95
N GLN C 251 32.56 -12.53 -3.83
CA GLN C 251 33.43 -11.90 -2.86
C GLN C 251 33.64 -12.85 -1.70
N GLN C 252 34.89 -13.26 -1.47
CA GLN C 252 35.18 -14.16 -0.36
C GLN C 252 35.09 -13.40 0.95
N TYR C 253 34.24 -13.89 1.85
CA TYR C 253 33.97 -13.17 3.09
C TYR C 253 33.61 -14.17 4.17
N THR C 254 34.27 -14.05 5.32
CA THR C 254 33.86 -14.77 6.51
C THR C 254 33.42 -13.76 7.55
N PRO C 255 32.20 -13.85 8.07
CA PRO C 255 31.76 -12.90 9.10
C PRO C 255 32.44 -13.15 10.44
N GLY C 256 32.30 -12.16 11.32
CA GLY C 256 32.86 -12.30 12.66
C GLY C 256 32.09 -13.33 13.48
N GLY C 257 32.84 -14.16 14.19
CA GLY C 257 32.26 -15.21 14.99
C GLY C 257 31.94 -16.48 14.20
MG MG F . 1.51 -11.98 -20.76
MG MG G . 2.22 20.66 -24.32
#